data_1RE3
#
_entry.id   1RE3
#
_cell.length_a   54.514
_cell.length_b   147.665
_cell.length_c   229.716
_cell.angle_alpha   90.00
_cell.angle_beta   90.00
_cell.angle_gamma   90.00
#
_symmetry.space_group_name_H-M   'P 21 21 21'
#
loop_
_entity.id
_entity.type
_entity.pdbx_description
1 polymer 'Fibrinogen alpha/alpha-E chain'
2 polymer 'Fibrinogen beta chain'
3 polymer 'Fibrinogen gamma chain'
4 polymer 'GHRP peptide'
5 branched 2-acetamido-2-deoxy-beta-D-glucopyranose-(1-4)-2-acetamido-2-deoxy-beta-D-glucopyranose
6 non-polymer 'CALCIUM ION'
7 water water
#
loop_
_entity_poly.entity_id
_entity_poly.type
_entity_poly.pdbx_seq_one_letter_code
_entity_poly.pdbx_strand_id
1 'polypeptide(L)' VIEKVQHIQLLQKNVRAQLVDMKRLEVDIDIKIRSCRGSCSRALAREVDLKDYEDQQKQLEQVIAK A,D
2 'polypeptide(L)'
;HQLYIDETVNSNIPTNLRVLRSILENLRSKIQKLESDVSAQMEYCRTPCTVSCNIPVVSGKECEEIIRKGGETSEMYLIQ
PDSSVKPYRVYCDMNTENGGWTVIQNRQDGSVDFGRKWDPYKQGFGNVATNTDGKNYCGLPGEYWLGNDKISQLTRMGPT
ELLIEMEDWKGDKVKAHYGGFTVQNEANKYQISVNKYRGTAGNALMDGASQLMGENRTMTIHNGMFFSTYDRDNDGWLTS
DPRKQCSKEAGGGWWYNRCHAANPNGRYYWGGQYTWDMAKHGTDDGVVWMNWKGSWYSMRKMSMKIRPFFPQQ
;
B,E
3 'polypeptide(L)'
;YEASILTHDSSIRYLQEIYNSNNQKIVNLKEKVAQLEAQCQEPCKDTVQIHDITGKDCQDIANKGAKQSGLYFIKPLKAN
QQFLVYCEIDGSGNGWTVFQKRLDGSVDFKKNWIQYKEGFGHLSPTGTTEFWLGNEKIHLISTQSAIPYALRVELEDWNG
RTSTADYAMFKVGPEADKYRLTYAYFAGGDAGDAFDGFDFGDDPSDKFFTSHNGMQFSTWDNDNDKFEGNCAEQDGSGWW
MNKCHAGHLNGVYYQGGTYSKASTPNGYDNGIIWATWKTRWYSMKKTTMKIIPFNRLTIGEGQQHHLGGAK
;
C,F
4 'polypeptide(L)' GHRP G,H
#
# COMPACT_ATOMS: atom_id res chain seq x y z
N GLN A 6 84.80 -94.20 32.85
CA GLN A 6 83.45 -94.77 32.59
C GLN A 6 82.36 -93.77 32.97
N HIS A 7 82.54 -93.13 34.12
CA HIS A 7 81.58 -92.15 34.60
C HIS A 7 82.05 -90.75 34.21
N ILE A 8 83.09 -90.71 33.38
CA ILE A 8 83.65 -89.45 32.90
C ILE A 8 83.83 -89.47 31.39
N GLN A 9 83.42 -90.58 30.78
CA GLN A 9 83.51 -90.75 29.34
C GLN A 9 82.35 -90.02 28.67
N LEU A 10 81.18 -90.09 29.31
CA LEU A 10 79.98 -89.45 28.81
C LEU A 10 79.77 -88.15 29.58
N LEU A 11 80.23 -88.13 30.83
CA LEU A 11 80.12 -86.95 31.69
C LEU A 11 80.88 -85.77 31.08
N GLN A 12 81.95 -86.07 30.36
CA GLN A 12 82.75 -85.02 29.73
C GLN A 12 82.10 -84.62 28.41
N LYS A 13 81.39 -85.55 27.79
CA LYS A 13 80.69 -85.31 26.53
C LYS A 13 79.62 -84.24 26.75
N ASN A 14 79.19 -84.10 28.00
CA ASN A 14 78.17 -83.14 28.38
C ASN A 14 78.73 -81.75 28.62
N VAL A 15 79.80 -81.66 29.41
CA VAL A 15 80.42 -80.37 29.69
C VAL A 15 80.86 -79.76 28.37
N ARG A 16 81.14 -80.62 27.40
CA ARG A 16 81.54 -80.17 26.08
C ARG A 16 80.38 -79.37 25.49
N ALA A 17 79.18 -79.94 25.57
CA ALA A 17 77.98 -79.29 25.06
C ALA A 17 77.57 -78.07 25.88
N GLN A 18 77.76 -78.14 27.20
CA GLN A 18 77.37 -77.02 28.05
C GLN A 18 78.27 -75.81 27.86
N LEU A 19 79.43 -76.01 27.26
CA LEU A 19 80.34 -74.89 27.00
C LEU A 19 79.84 -74.15 25.77
N VAL A 20 79.32 -74.92 24.82
CA VAL A 20 78.78 -74.37 23.57
C VAL A 20 77.52 -73.57 23.85
N ASP A 21 76.66 -74.10 24.71
CA ASP A 21 75.41 -73.45 25.08
C ASP A 21 75.69 -72.15 25.80
N MET A 22 76.62 -72.17 26.74
CA MET A 22 76.97 -70.98 27.50
C MET A 22 77.55 -69.93 26.57
N LYS A 23 78.38 -70.36 25.63
CA LYS A 23 78.99 -69.44 24.68
C LYS A 23 77.87 -68.74 23.90
N ARG A 24 76.88 -69.50 23.45
CA ARG A 24 75.75 -68.94 22.70
C ARG A 24 74.88 -68.07 23.58
N LEU A 25 74.61 -68.52 24.78
CA LEU A 25 73.78 -67.76 25.70
C LEU A 25 74.46 -66.44 26.06
N GLU A 26 75.77 -66.50 26.30
CA GLU A 26 76.55 -65.33 26.66
C GLU A 26 76.42 -64.29 25.53
N VAL A 27 76.55 -64.76 24.29
CA VAL A 27 76.44 -63.92 23.11
C VAL A 27 75.02 -63.44 22.87
N ASP A 28 74.06 -64.34 23.00
CA ASP A 28 72.65 -64.02 22.80
C ASP A 28 72.22 -62.93 23.79
N ILE A 29 72.69 -63.05 25.03
CA ILE A 29 72.33 -62.07 26.04
C ILE A 29 73.05 -60.75 25.79
N ASP A 30 74.26 -60.83 25.26
CA ASP A 30 75.00 -59.62 24.96
C ASP A 30 74.24 -58.83 23.88
N ILE A 31 73.62 -59.53 22.93
CA ILE A 31 72.87 -58.91 21.86
C ILE A 31 71.51 -58.36 22.35
N LYS A 32 70.80 -59.16 23.15
CA LYS A 32 69.49 -58.74 23.69
C LYS A 32 69.64 -57.53 24.61
N ILE A 33 70.66 -57.53 25.46
CA ILE A 33 70.87 -56.41 26.37
C ILE A 33 71.21 -55.17 25.56
N ARG A 34 72.04 -55.36 24.55
CA ARG A 34 72.42 -54.25 23.71
C ARG A 34 71.19 -53.66 23.02
N SER A 35 70.26 -54.52 22.60
CA SER A 35 69.06 -54.02 21.92
C SER A 35 68.08 -53.29 22.85
N CYS A 36 68.44 -53.20 24.13
CA CYS A 36 67.60 -52.50 25.10
C CYS A 36 68.08 -51.04 25.15
N ARG A 37 69.28 -50.81 24.62
CA ARG A 37 69.85 -49.49 24.59
C ARG A 37 68.90 -48.51 23.91
N GLY A 38 68.12 -49.02 22.97
CA GLY A 38 67.17 -48.18 22.25
C GLY A 38 65.74 -48.24 22.75
N SER A 39 65.54 -48.90 23.88
CA SER A 39 64.20 -49.02 24.45
C SER A 39 64.08 -48.46 25.86
N CYS A 40 65.08 -48.73 26.68
CA CYS A 40 65.06 -48.32 28.07
C CYS A 40 65.84 -47.08 28.43
N SER A 41 65.61 -46.59 29.66
CA SER A 41 66.26 -45.39 30.19
C SER A 41 67.77 -45.44 30.08
N ARG A 42 68.39 -46.40 30.76
CA ARG A 42 69.83 -46.52 30.68
C ARG A 42 70.19 -47.91 30.21
N ALA A 43 71.43 -48.09 29.75
CA ALA A 43 71.87 -49.38 29.25
C ALA A 43 72.99 -49.96 30.08
N LEU A 44 72.96 -51.28 30.23
CA LEU A 44 73.97 -51.97 31.01
C LEU A 44 75.26 -52.19 30.24
N ALA A 45 76.29 -51.46 30.62
CA ALA A 45 77.58 -51.59 29.95
C ALA A 45 78.28 -52.84 30.47
N ARG A 46 78.41 -53.84 29.61
CA ARG A 46 79.07 -55.08 30.00
C ARG A 46 80.14 -55.40 28.96
N GLU A 47 80.69 -56.61 29.03
CA GLU A 47 81.73 -57.05 28.11
C GLU A 47 81.81 -58.57 28.12
N VAL A 48 81.56 -59.19 26.97
CA VAL A 48 81.60 -60.65 26.89
C VAL A 48 83.00 -61.17 26.62
N ASP A 49 83.57 -61.85 27.62
CA ASP A 49 84.93 -62.40 27.49
C ASP A 49 84.87 -63.82 26.93
N LEU A 50 84.68 -63.92 25.63
CA LEU A 50 84.61 -65.22 24.97
C LEU A 50 85.98 -65.86 24.84
N LYS A 51 87.02 -65.14 25.27
CA LYS A 51 88.38 -65.65 25.22
C LYS A 51 88.46 -66.75 26.26
N ASP A 52 87.86 -66.47 27.43
CA ASP A 52 87.84 -67.42 28.53
C ASP A 52 87.24 -68.73 28.06
N TYR A 53 86.12 -68.63 27.35
CA TYR A 53 85.43 -69.80 26.82
C TYR A 53 86.34 -70.62 25.90
N GLU A 54 87.11 -69.92 25.06
CA GLU A 54 88.04 -70.60 24.15
C GLU A 54 88.98 -71.52 24.91
N ASP A 55 89.70 -70.96 25.88
CA ASP A 55 90.63 -71.75 26.68
C ASP A 55 89.89 -72.96 27.24
N GLN A 56 88.72 -72.72 27.81
CA GLN A 56 87.92 -73.79 28.38
C GLN A 56 87.72 -74.94 27.40
N GLN A 57 86.99 -74.68 26.31
CA GLN A 57 86.73 -75.71 25.32
C GLN A 57 87.97 -76.32 24.67
N LYS A 58 88.96 -75.50 24.36
CA LYS A 58 90.19 -76.01 23.76
C LYS A 58 90.94 -76.86 24.79
N GLN A 59 90.84 -76.44 26.05
CA GLN A 59 91.49 -77.11 27.17
C GLN A 59 90.82 -78.43 27.51
N LEU A 60 89.54 -78.55 27.19
CA LEU A 60 88.78 -79.77 27.45
C LEU A 60 89.24 -80.90 26.55
N GLU A 61 89.75 -80.54 25.38
CA GLU A 61 90.22 -81.53 24.41
C GLU A 61 91.54 -82.16 24.83
N GLN A 62 92.32 -81.44 25.65
CA GLN A 62 93.60 -81.95 26.14
C GLN A 62 93.36 -82.93 27.28
N VAL A 63 92.16 -83.50 27.30
CA VAL A 63 91.77 -84.46 28.33
C VAL A 63 90.81 -85.46 27.68
N ILE A 64 90.58 -85.26 26.38
CA ILE A 64 89.70 -86.14 25.61
C ILE A 64 90.55 -87.11 24.81
N ALA A 65 91.81 -86.73 24.56
CA ALA A 65 92.72 -87.57 23.81
C ALA A 65 93.94 -87.94 24.66
N LEU B 17 92.24 -86.44 35.44
CA LEU B 17 91.11 -85.70 34.79
C LEU B 17 90.21 -85.09 35.85
N ARG B 18 90.83 -84.54 36.89
CA ARG B 18 90.09 -83.92 37.98
C ARG B 18 89.99 -82.40 37.85
N VAL B 19 90.63 -81.86 36.81
CA VAL B 19 90.59 -80.41 36.57
C VAL B 19 89.32 -80.05 35.82
N LEU B 20 88.46 -81.05 35.62
CA LEU B 20 87.20 -80.86 34.94
C LEU B 20 86.24 -80.14 35.87
N ARG B 21 86.56 -80.17 37.17
CA ARG B 21 85.74 -79.52 38.18
C ARG B 21 85.83 -78.01 38.01
N SER B 22 87.01 -77.51 37.67
CA SER B 22 87.21 -76.09 37.50
C SER B 22 86.40 -75.56 36.30
N ILE B 23 86.05 -76.46 35.39
CA ILE B 23 85.26 -76.08 34.22
C ILE B 23 83.81 -75.79 34.61
N LEU B 24 83.17 -76.77 35.25
CA LEU B 24 81.78 -76.61 35.69
C LEU B 24 81.68 -75.43 36.65
N GLU B 25 82.70 -75.27 37.47
CA GLU B 25 82.73 -74.17 38.45
C GLU B 25 82.72 -72.84 37.69
N ASN B 26 83.57 -72.76 36.67
CA ASN B 26 83.69 -71.56 35.86
C ASN B 26 82.33 -71.23 35.23
N LEU B 27 81.68 -72.23 34.65
CA LEU B 27 80.39 -72.03 34.00
C LEU B 27 79.27 -71.60 34.94
N ARG B 28 79.13 -72.30 36.06
CA ARG B 28 78.08 -71.95 37.02
C ARG B 28 78.27 -70.52 37.49
N SER B 29 79.52 -70.12 37.67
CA SER B 29 79.83 -68.76 38.10
C SER B 29 79.40 -67.80 37.00
N LYS B 30 79.60 -68.23 35.75
CA LYS B 30 79.25 -67.44 34.57
C LYS B 30 77.75 -67.14 34.57
N ILE B 31 76.97 -68.14 34.97
CA ILE B 31 75.52 -68.00 35.02
C ILE B 31 75.08 -66.96 36.03
N GLN B 32 75.76 -66.91 37.17
CA GLN B 32 75.43 -65.94 38.20
C GLN B 32 75.56 -64.53 37.65
N LYS B 33 76.62 -64.29 36.89
CA LYS B 33 76.87 -62.99 36.28
C LYS B 33 75.74 -62.69 35.30
N LEU B 34 75.55 -63.58 34.33
CA LEU B 34 74.51 -63.40 33.32
C LEU B 34 73.17 -63.12 33.96
N GLU B 35 72.85 -63.83 35.03
CA GLU B 35 71.58 -63.63 35.70
C GLU B 35 71.48 -62.21 36.27
N SER B 36 72.57 -61.75 36.86
CA SER B 36 72.61 -60.41 37.44
C SER B 36 72.47 -59.34 36.36
N ASP B 37 73.22 -59.50 35.27
CA ASP B 37 73.16 -58.55 34.17
C ASP B 37 71.73 -58.39 33.64
N VAL B 38 71.12 -59.51 33.27
CA VAL B 38 69.76 -59.50 32.75
C VAL B 38 68.80 -58.84 33.71
N SER B 39 69.04 -59.10 34.99
CA SER B 39 68.22 -58.55 36.05
C SER B 39 68.36 -57.03 36.09
N ALA B 40 69.60 -56.55 36.10
CA ALA B 40 69.85 -55.12 36.14
C ALA B 40 69.14 -54.40 35.00
N GLN B 41 69.34 -54.90 33.78
CA GLN B 41 68.74 -54.32 32.59
C GLN B 41 67.22 -54.30 32.68
N MET B 42 66.66 -55.40 33.18
CA MET B 42 65.21 -55.50 33.31
C MET B 42 64.76 -54.41 34.26
N GLU B 43 65.58 -54.12 35.26
CA GLU B 43 65.26 -53.09 36.22
C GLU B 43 65.37 -51.73 35.53
N TYR B 44 66.41 -51.57 34.72
CA TYR B 44 66.60 -50.33 33.98
C TYR B 44 65.46 -50.10 33.00
N CYS B 45 64.85 -51.19 32.53
CA CYS B 45 63.77 -51.10 31.57
C CYS B 45 62.39 -50.80 32.13
N ARG B 46 62.34 -50.54 33.43
CA ARG B 46 61.09 -50.19 34.10
C ARG B 46 60.61 -48.87 33.49
N THR B 47 61.57 -48.12 32.97
CA THR B 47 61.31 -46.82 32.35
C THR B 47 62.00 -46.77 30.98
N PRO B 48 61.37 -46.10 30.00
CA PRO B 48 61.92 -45.99 28.65
C PRO B 48 62.86 -44.82 28.37
N CYS B 49 63.54 -44.89 27.24
CA CYS B 49 64.42 -43.82 26.82
C CYS B 49 63.50 -42.80 26.17
N THR B 50 63.89 -41.54 26.18
CA THR B 50 63.04 -40.51 25.61
C THR B 50 63.78 -39.63 24.63
N VAL B 51 63.01 -38.96 23.78
CA VAL B 51 63.52 -38.02 22.82
C VAL B 51 62.53 -36.89 22.72
N SER B 52 62.98 -35.75 22.21
CA SER B 52 62.13 -34.58 22.02
C SER B 52 62.46 -34.08 20.62
N CYS B 53 61.86 -34.71 19.63
CA CYS B 53 62.13 -34.32 18.25
C CYS B 53 61.15 -33.27 17.75
N ASN B 54 61.52 -32.02 17.96
CA ASN B 54 60.70 -30.93 17.48
C ASN B 54 60.72 -31.06 15.96
N ILE B 55 59.57 -30.87 15.35
CA ILE B 55 59.46 -31.06 13.92
C ILE B 55 59.83 -29.90 13.00
N PRO B 56 60.72 -30.18 12.04
CA PRO B 56 61.17 -29.16 11.08
C PRO B 56 59.93 -28.62 10.37
N VAL B 57 59.87 -27.32 10.13
CA VAL B 57 58.75 -26.70 9.44
C VAL B 57 58.60 -27.18 8.00
N VAL B 58 59.72 -27.25 7.30
CA VAL B 58 59.68 -27.67 5.92
C VAL B 58 59.32 -29.16 5.80
N SER B 59 58.33 -29.45 4.97
CA SER B 59 57.88 -30.81 4.76
C SER B 59 57.62 -31.06 3.27
N GLY B 60 57.41 -32.32 2.90
CA GLY B 60 57.14 -32.68 1.50
C GLY B 60 56.82 -34.16 1.35
N LYS B 61 56.72 -34.63 0.11
CA LYS B 61 56.38 -36.02 -0.16
C LYS B 61 57.46 -36.96 0.37
N GLU B 62 58.71 -36.57 0.19
CA GLU B 62 59.85 -37.34 0.69
C GLU B 62 61.07 -36.42 0.82
N CYS B 63 62.19 -36.99 1.21
CA CYS B 63 63.39 -36.19 1.41
C CYS B 63 63.94 -35.43 0.19
N GLU B 64 63.75 -35.97 -1.01
CA GLU B 64 64.21 -35.32 -2.22
C GLU B 64 63.48 -33.98 -2.38
N GLU B 65 62.15 -34.02 -2.25
CA GLU B 65 61.40 -32.78 -2.38
C GLU B 65 61.79 -31.83 -1.25
N ILE B 66 62.03 -32.38 -0.06
CA ILE B 66 62.41 -31.54 1.08
C ILE B 66 63.72 -30.79 0.85
N ILE B 67 64.75 -31.48 0.35
CA ILE B 67 66.00 -30.76 0.12
C ILE B 67 65.80 -29.75 -1.01
N ARG B 68 64.87 -30.02 -1.93
CA ARG B 68 64.60 -29.08 -3.02
C ARG B 68 63.85 -27.87 -2.45
N LYS B 69 63.19 -28.05 -1.32
CA LYS B 69 62.46 -26.95 -0.69
C LYS B 69 63.33 -26.20 0.31
N GLY B 70 64.63 -26.46 0.29
CA GLY B 70 65.51 -25.76 1.21
C GLY B 70 66.00 -26.48 2.47
N GLY B 71 65.47 -27.68 2.75
CA GLY B 71 65.89 -28.43 3.92
C GLY B 71 67.26 -29.03 3.64
N GLU B 72 68.30 -28.27 3.96
CA GLU B 72 69.68 -28.66 3.71
C GLU B 72 70.36 -29.50 4.78
N THR B 73 69.79 -29.56 5.97
CA THR B 73 70.43 -30.33 7.04
C THR B 73 69.90 -31.74 7.20
N SER B 74 70.81 -32.68 7.48
CA SER B 74 70.41 -34.07 7.70
C SER B 74 69.83 -34.18 9.10
N GLU B 75 68.56 -34.55 9.17
CA GLU B 75 67.86 -34.68 10.45
C GLU B 75 66.52 -35.35 10.21
N MET B 76 65.68 -35.36 11.24
CA MET B 76 64.37 -35.96 11.11
C MET B 76 63.41 -34.98 10.49
N TYR B 77 62.55 -35.47 9.61
CA TYR B 77 61.55 -34.63 8.99
C TYR B 77 60.24 -35.40 8.89
N LEU B 78 59.18 -34.65 8.64
CA LEU B 78 57.86 -35.20 8.51
C LEU B 78 57.57 -35.27 7.02
N ILE B 79 57.13 -36.42 6.52
CA ILE B 79 56.80 -36.48 5.12
C ILE B 79 55.39 -37.02 4.96
N GLN B 80 54.75 -36.64 3.86
CA GLN B 80 53.41 -37.09 3.53
C GLN B 80 53.49 -37.40 2.04
N PRO B 81 53.90 -38.63 1.69
CA PRO B 81 54.05 -39.10 0.31
C PRO B 81 52.79 -38.89 -0.49
N ASP B 82 51.65 -39.11 0.17
CA ASP B 82 50.36 -38.95 -0.48
C ASP B 82 49.37 -38.36 0.52
N SER B 83 48.41 -37.58 0.03
CA SER B 83 47.42 -36.98 0.92
C SER B 83 46.57 -38.06 1.56
N SER B 84 46.61 -39.27 1.01
CA SER B 84 45.83 -40.37 1.56
C SER B 84 46.60 -41.07 2.68
N VAL B 85 47.89 -40.76 2.79
CA VAL B 85 48.73 -41.37 3.81
C VAL B 85 48.97 -40.43 5.01
N LYS B 86 48.85 -40.96 6.22
CA LYS B 86 49.09 -40.16 7.41
C LYS B 86 50.56 -39.75 7.39
N PRO B 87 50.85 -38.45 7.59
CA PRO B 87 52.24 -37.97 7.57
C PRO B 87 53.03 -38.75 8.60
N TYR B 88 54.28 -39.09 8.27
CA TYR B 88 55.10 -39.83 9.21
C TYR B 88 56.55 -39.35 9.25
N ARG B 89 57.26 -39.77 10.29
CA ARG B 89 58.65 -39.37 10.47
C ARG B 89 59.67 -40.25 9.76
N VAL B 90 60.77 -39.63 9.35
CA VAL B 90 61.85 -40.34 8.68
C VAL B 90 63.11 -39.50 8.85
N TYR B 91 64.28 -40.11 8.68
CA TYR B 91 65.54 -39.38 8.79
C TYR B 91 65.99 -39.06 7.38
N CYS B 92 66.28 -37.78 7.11
CA CYS B 92 66.72 -37.38 5.79
C CYS B 92 68.21 -37.11 5.73
N ASP B 93 68.90 -37.80 4.82
CA ASP B 93 70.33 -37.58 4.65
C ASP B 93 70.46 -36.56 3.53
N MET B 94 70.81 -35.33 3.89
CA MET B 94 70.95 -34.28 2.89
C MET B 94 72.40 -34.00 2.54
N ASN B 95 73.31 -34.84 3.00
CA ASN B 95 74.74 -34.63 2.74
C ASN B 95 75.45 -35.67 1.87
N THR B 96 74.92 -36.89 1.84
CA THR B 96 75.55 -37.92 1.04
C THR B 96 75.19 -37.87 -0.44
N GLU B 97 76.20 -37.61 -1.27
CA GLU B 97 76.04 -37.56 -2.73
C GLU B 97 74.79 -36.86 -3.26
N ASN B 98 74.74 -35.54 -3.19
CA ASN B 98 73.60 -34.77 -3.69
C ASN B 98 72.41 -34.66 -2.73
N GLY B 99 72.46 -35.37 -1.61
CA GLY B 99 71.37 -35.32 -0.63
C GLY B 99 70.02 -35.76 -1.15
N GLY B 100 68.98 -35.50 -0.37
CA GLY B 100 67.62 -35.89 -0.76
C GLY B 100 67.30 -37.35 -0.46
N TRP B 101 68.13 -37.99 0.37
CA TRP B 101 67.97 -39.39 0.72
C TRP B 101 67.02 -39.66 1.87
N THR B 102 66.06 -40.56 1.63
CA THR B 102 65.11 -40.95 2.67
C THR B 102 65.61 -42.28 3.24
N VAL B 103 66.08 -42.24 4.50
CA VAL B 103 66.59 -43.43 5.19
C VAL B 103 65.50 -44.45 5.45
N ILE B 104 65.69 -45.64 4.92
CA ILE B 104 64.72 -46.72 5.03
C ILE B 104 65.13 -47.78 6.06
N GLN B 105 66.43 -47.94 6.26
CA GLN B 105 66.95 -48.92 7.22
C GLN B 105 68.28 -48.41 7.77
N ASN B 106 68.54 -48.61 9.05
CA ASN B 106 69.81 -48.15 9.62
C ASN B 106 70.32 -48.95 10.83
N ARG B 107 71.58 -49.35 10.77
CA ARG B 107 72.24 -50.10 11.83
C ARG B 107 73.52 -49.33 12.14
N GLN B 108 73.96 -49.31 13.39
CA GLN B 108 75.16 -48.56 13.75
C GLN B 108 75.70 -48.88 15.13
N ASP B 109 74.85 -49.38 16.02
CA ASP B 109 75.31 -49.71 17.36
C ASP B 109 74.61 -50.89 18.03
N GLY B 110 73.63 -51.47 17.34
CA GLY B 110 72.92 -52.61 17.88
C GLY B 110 71.92 -52.29 18.96
N SER B 111 71.46 -51.05 18.99
CA SER B 111 70.51 -50.58 20.00
C SER B 111 69.07 -51.00 19.76
N VAL B 112 68.80 -51.61 18.61
CA VAL B 112 67.45 -52.03 18.29
C VAL B 112 67.39 -53.48 17.81
N ASP B 113 66.39 -54.20 18.30
CA ASP B 113 66.20 -55.60 17.94
C ASP B 113 65.60 -55.68 16.55
N PHE B 114 66.23 -56.42 15.64
CA PHE B 114 65.70 -56.56 14.29
C PHE B 114 65.06 -57.95 14.06
N GLY B 115 65.12 -58.81 15.09
CA GLY B 115 64.53 -60.13 14.96
C GLY B 115 63.05 -60.09 15.28
N ARG B 116 62.28 -59.38 14.47
CA ARG B 116 60.86 -59.22 14.70
C ARG B 116 59.95 -59.97 13.74
N LYS B 117 58.69 -60.08 14.11
CA LYS B 117 57.72 -60.77 13.29
C LYS B 117 57.24 -59.93 12.09
N TRP B 118 56.35 -60.53 11.32
CA TRP B 118 55.79 -59.93 10.13
C TRP B 118 55.15 -58.55 10.35
N ASP B 119 54.23 -58.46 11.31
CA ASP B 119 53.57 -57.19 11.56
C ASP B 119 54.52 -56.01 11.86
N PRO B 120 55.53 -56.22 12.71
CA PRO B 120 56.46 -55.11 12.99
C PRO B 120 57.20 -54.66 11.72
N TYR B 121 57.62 -55.63 10.91
CA TYR B 121 58.33 -55.30 9.68
C TYR B 121 57.40 -54.60 8.70
N LYS B 122 56.11 -54.90 8.83
CA LYS B 122 55.08 -54.30 7.99
C LYS B 122 54.83 -52.86 8.42
N GLN B 123 54.74 -52.65 9.74
CA GLN B 123 54.46 -51.33 10.31
C GLN B 123 55.69 -50.45 10.49
N GLY B 124 56.85 -51.08 10.68
CA GLY B 124 58.06 -50.32 10.91
C GLY B 124 58.35 -50.35 12.40
N PHE B 125 59.61 -50.16 12.77
CA PHE B 125 59.97 -50.19 14.19
C PHE B 125 61.33 -49.56 14.38
N GLY B 126 61.66 -49.25 15.63
CA GLY B 126 62.94 -48.66 15.95
C GLY B 126 62.87 -47.16 16.14
N ASN B 127 64.03 -46.54 16.29
CA ASN B 127 64.12 -45.10 16.50
C ASN B 127 64.55 -44.36 15.25
N VAL B 128 63.67 -43.48 14.78
CA VAL B 128 63.97 -42.71 13.59
C VAL B 128 65.15 -41.78 13.87
N ALA B 129 65.09 -41.07 15.00
CA ALA B 129 66.13 -40.10 15.34
C ALA B 129 66.21 -39.75 16.81
N THR B 130 67.37 -39.24 17.22
CA THR B 130 67.60 -38.84 18.60
C THR B 130 68.26 -37.47 18.66
N ASN B 131 68.17 -36.82 19.82
CA ASN B 131 68.72 -35.50 20.04
C ASN B 131 70.24 -35.46 20.08
N THR B 132 70.80 -34.40 19.49
CA THR B 132 72.24 -34.19 19.45
C THR B 132 72.62 -33.42 20.70
N ASP B 133 73.83 -33.70 21.21
CA ASP B 133 74.36 -33.04 22.41
C ASP B 133 73.34 -32.24 23.24
N GLY B 134 72.97 -31.05 22.77
CA GLY B 134 72.02 -30.22 23.49
C GLY B 134 70.93 -29.62 22.61
N LYS B 135 71.04 -29.80 21.29
CA LYS B 135 70.07 -29.28 20.33
C LYS B 135 68.62 -29.73 20.57
N ASN B 136 67.66 -28.87 20.21
CA ASN B 136 66.24 -29.16 20.39
C ASN B 136 65.61 -29.80 19.15
N TYR B 137 66.41 -30.57 18.42
CA TYR B 137 65.92 -31.26 17.24
C TYR B 137 66.75 -32.52 17.10
N CYS B 138 66.16 -33.57 16.55
CA CYS B 138 66.87 -34.83 16.40
C CYS B 138 67.64 -34.89 15.08
N GLY B 139 68.94 -34.57 15.16
CA GLY B 139 69.80 -34.57 13.98
C GLY B 139 70.60 -35.84 13.75
N LEU B 140 70.49 -36.79 14.68
CA LEU B 140 71.20 -38.06 14.53
C LEU B 140 70.21 -39.18 14.27
N PRO B 141 70.51 -40.04 13.30
CA PRO B 141 69.58 -41.12 13.02
C PRO B 141 69.71 -42.20 14.08
N GLY B 142 68.63 -42.95 14.27
CA GLY B 142 68.66 -44.05 15.23
C GLY B 142 68.63 -45.33 14.40
N GLU B 143 68.48 -46.48 15.04
CA GLU B 143 68.42 -47.71 14.28
C GLU B 143 66.95 -47.96 14.02
N TYR B 144 66.59 -48.25 12.77
CA TYR B 144 65.18 -48.52 12.48
C TYR B 144 64.91 -49.15 11.13
N TRP B 145 63.65 -49.56 10.95
CA TRP B 145 63.15 -50.13 9.72
C TRP B 145 61.89 -49.33 9.48
N LEU B 146 61.88 -48.57 8.38
CA LEU B 146 60.75 -47.70 8.06
C LEU B 146 59.40 -48.39 8.00
N GLY B 147 59.38 -49.62 7.49
CA GLY B 147 58.12 -50.33 7.37
C GLY B 147 57.88 -50.70 5.93
N ASN B 148 57.48 -51.95 5.71
CA ASN B 148 57.24 -52.47 4.37
C ASN B 148 56.11 -51.75 3.64
N ASP B 149 55.04 -51.40 4.33
CA ASP B 149 53.97 -50.69 3.65
C ASP B 149 54.52 -49.35 3.15
N LYS B 150 55.22 -48.64 4.02
CA LYS B 150 55.77 -47.34 3.65
C LYS B 150 56.83 -47.40 2.58
N ILE B 151 57.69 -48.42 2.65
CA ILE B 151 58.75 -48.58 1.66
C ILE B 151 58.13 -48.89 0.30
N SER B 152 57.15 -49.79 0.32
CA SER B 152 56.46 -50.17 -0.91
C SER B 152 55.86 -48.93 -1.57
N GLN B 153 55.08 -48.18 -0.79
CA GLN B 153 54.43 -47.00 -1.31
C GLN B 153 55.42 -45.96 -1.84
N LEU B 154 56.54 -45.77 -1.15
CA LEU B 154 57.54 -44.81 -1.60
C LEU B 154 58.15 -45.21 -2.94
N THR B 155 58.58 -46.47 -3.07
CA THR B 155 59.21 -46.97 -4.29
C THR B 155 58.29 -47.05 -5.49
N ARG B 156 56.97 -47.03 -5.26
CA ARG B 156 56.02 -47.12 -6.36
C ARG B 156 55.46 -45.78 -6.82
N MET B 157 55.91 -44.68 -6.21
CA MET B 157 55.44 -43.35 -6.63
C MET B 157 56.09 -42.98 -7.96
N GLY B 158 57.21 -43.62 -8.25
CA GLY B 158 57.93 -43.37 -9.49
C GLY B 158 59.28 -44.06 -9.47
N PRO B 159 60.05 -43.97 -10.57
CA PRO B 159 61.36 -44.63 -10.56
C PRO B 159 62.10 -44.22 -9.29
N THR B 160 62.66 -45.22 -8.60
CA THR B 160 63.36 -45.00 -7.35
C THR B 160 64.71 -45.72 -7.33
N GLU B 161 65.75 -45.03 -6.87
CA GLU B 161 67.06 -45.65 -6.77
C GLU B 161 67.32 -45.91 -5.27
N LEU B 162 68.23 -46.82 -4.99
CA LEU B 162 68.54 -47.23 -3.63
C LEU B 162 70.03 -47.21 -3.37
N LEU B 163 70.44 -46.59 -2.27
CA LEU B 163 71.86 -46.53 -1.89
C LEU B 163 72.10 -47.29 -0.59
N ILE B 164 72.86 -48.38 -0.67
CA ILE B 164 73.17 -49.18 0.51
C ILE B 164 74.62 -48.92 0.91
N GLU B 165 74.83 -48.59 2.19
CA GLU B 165 76.16 -48.30 2.72
C GLU B 165 76.51 -49.13 3.94
N MET B 166 77.79 -49.44 4.09
CA MET B 166 78.26 -50.25 5.21
C MET B 166 79.69 -49.94 5.62
N GLU B 167 80.00 -50.26 6.87
CA GLU B 167 81.33 -50.01 7.43
C GLU B 167 81.74 -51.18 8.33
N ASP B 168 82.98 -51.63 8.20
CA ASP B 168 83.45 -52.73 9.04
C ASP B 168 84.05 -52.19 10.35
N TRP B 169 84.44 -53.09 11.25
CA TRP B 169 85.00 -52.67 12.54
C TRP B 169 86.43 -52.18 12.45
N LYS B 170 86.96 -52.19 11.23
CA LYS B 170 88.32 -51.75 10.97
C LYS B 170 88.25 -50.30 10.47
N GLY B 171 87.05 -49.85 10.11
CA GLY B 171 86.87 -48.49 9.64
C GLY B 171 86.74 -48.27 8.15
N ASP B 172 86.90 -49.33 7.35
CA ASP B 172 86.76 -49.20 5.90
C ASP B 172 85.29 -49.32 5.53
N LYS B 173 84.91 -48.70 4.41
CA LYS B 173 83.53 -48.77 3.95
C LYS B 173 83.42 -48.98 2.44
N VAL B 174 82.25 -49.45 2.04
CA VAL B 174 81.95 -49.70 0.64
C VAL B 174 80.47 -49.39 0.46
N LYS B 175 80.01 -49.43 -0.78
CA LYS B 175 78.63 -49.14 -1.06
C LYS B 175 78.12 -49.92 -2.27
N ALA B 176 76.80 -50.06 -2.33
CA ALA B 176 76.14 -50.75 -3.42
C ALA B 176 75.00 -49.85 -3.83
N HIS B 177 75.07 -49.34 -5.04
CA HIS B 177 74.05 -48.45 -5.56
C HIS B 177 73.20 -49.20 -6.56
N TYR B 178 71.89 -48.98 -6.51
CA TYR B 178 70.95 -49.62 -7.41
C TYR B 178 70.05 -48.57 -8.01
N GLY B 179 70.34 -48.18 -9.25
CA GLY B 179 69.56 -47.17 -9.95
C GLY B 179 68.06 -47.41 -9.96
N GLY B 180 67.66 -48.67 -9.83
CA GLY B 180 66.24 -49.01 -9.81
C GLY B 180 65.94 -49.90 -8.61
N PHE B 181 64.85 -49.59 -7.92
CA PHE B 181 64.46 -50.33 -6.72
C PHE B 181 62.93 -50.27 -6.55
N THR B 182 62.31 -51.43 -6.40
CA THR B 182 60.87 -51.51 -6.23
C THR B 182 60.49 -52.60 -5.24
N VAL B 183 59.47 -52.33 -4.44
CA VAL B 183 58.97 -53.27 -3.45
C VAL B 183 57.47 -53.26 -3.62
N GLN B 184 56.90 -54.40 -4.01
CA GLN B 184 55.45 -54.46 -4.22
C GLN B 184 54.70 -54.42 -2.89
N ASN B 185 53.38 -54.41 -2.94
CA ASN B 185 52.60 -54.34 -1.70
C ASN B 185 52.54 -55.67 -0.95
N GLU B 186 51.83 -55.66 0.17
CA GLU B 186 51.72 -56.83 1.01
C GLU B 186 51.05 -58.00 0.26
N ALA B 187 50.05 -57.69 -0.55
CA ALA B 187 49.34 -58.72 -1.33
C ALA B 187 50.35 -59.50 -2.14
N ASN B 188 51.46 -58.86 -2.46
CA ASN B 188 52.51 -59.51 -3.23
C ASN B 188 53.70 -59.83 -2.34
N LYS B 189 53.41 -60.01 -1.05
CA LYS B 189 54.44 -60.35 -0.08
C LYS B 189 55.67 -59.47 -0.15
N TYR B 190 55.48 -58.20 -0.51
CA TYR B 190 56.56 -57.23 -0.57
C TYR B 190 57.73 -57.65 -1.47
N GLN B 191 57.41 -58.19 -2.64
CA GLN B 191 58.44 -58.64 -3.57
C GLN B 191 59.41 -57.53 -3.96
N ILE B 192 60.71 -57.84 -3.91
CA ILE B 192 61.72 -56.86 -4.24
C ILE B 192 62.26 -56.98 -5.67
N SER B 193 62.60 -55.83 -6.24
CA SER B 193 63.14 -55.75 -7.58
C SER B 193 64.23 -54.68 -7.61
N VAL B 194 65.43 -55.05 -8.05
CA VAL B 194 66.52 -54.08 -8.15
C VAL B 194 67.34 -54.31 -9.42
N ASN B 195 67.84 -53.23 -10.01
CA ASN B 195 68.66 -53.31 -11.21
C ASN B 195 69.60 -52.10 -11.27
N LYS B 196 70.38 -51.98 -12.34
CA LYS B 196 71.33 -50.88 -12.52
C LYS B 196 72.30 -50.73 -11.34
N TYR B 197 73.05 -51.79 -11.07
CA TYR B 197 74.01 -51.79 -9.99
C TYR B 197 75.32 -51.08 -10.32
N ARG B 198 75.96 -50.55 -9.29
CA ARG B 198 77.26 -49.91 -9.42
C ARG B 198 77.75 -49.70 -8.01
N GLY B 199 79.06 -49.82 -7.80
CA GLY B 199 79.58 -49.62 -6.47
C GLY B 199 80.82 -50.43 -6.14
N THR B 200 81.11 -50.51 -4.85
CA THR B 200 82.29 -51.21 -4.36
C THR B 200 82.01 -52.39 -3.44
N ALA B 201 80.81 -52.47 -2.89
CA ALA B 201 80.45 -53.54 -1.97
C ALA B 201 80.20 -54.89 -2.65
N GLY B 202 80.02 -54.88 -3.96
CA GLY B 202 79.75 -56.12 -4.67
C GLY B 202 78.25 -56.27 -4.78
N ASN B 203 77.78 -56.59 -5.98
CA ASN B 203 76.35 -56.73 -6.29
C ASN B 203 75.69 -57.96 -5.66
N ALA B 204 75.72 -58.04 -4.34
CA ALA B 204 75.14 -59.17 -3.63
C ALA B 204 73.66 -59.41 -3.96
N LEU B 205 72.90 -58.33 -4.12
CA LEU B 205 71.47 -58.44 -4.40
C LEU B 205 71.10 -59.10 -5.71
N MET B 206 71.82 -58.76 -6.78
CA MET B 206 71.52 -59.30 -8.10
C MET B 206 72.28 -60.55 -8.53
N ASP B 207 73.54 -60.68 -8.11
CA ASP B 207 74.34 -61.83 -8.51
C ASP B 207 74.61 -62.90 -7.46
N GLY B 208 74.23 -62.67 -6.21
CA GLY B 208 74.48 -63.67 -5.19
C GLY B 208 75.91 -63.57 -4.70
N ALA B 209 76.29 -64.44 -3.77
CA ALA B 209 77.63 -64.41 -3.20
C ALA B 209 78.73 -64.73 -4.21
N SER B 210 79.72 -63.85 -4.27
CA SER B 210 80.84 -64.03 -5.18
C SER B 210 81.73 -65.22 -4.83
N GLN B 211 81.66 -65.69 -3.59
CA GLN B 211 82.48 -66.83 -3.16
C GLN B 211 81.92 -68.15 -3.68
N LEU B 212 80.64 -68.14 -4.04
CA LEU B 212 79.99 -69.35 -4.54
C LEU B 212 79.97 -69.40 -6.07
N MET B 213 79.62 -70.56 -6.59
CA MET B 213 79.56 -70.77 -8.04
C MET B 213 78.37 -71.65 -8.40
N GLY B 214 77.95 -71.56 -9.67
CA GLY B 214 76.83 -72.35 -10.14
C GLY B 214 75.51 -72.09 -9.45
N GLU B 215 74.85 -73.16 -9.03
CA GLU B 215 73.55 -73.06 -8.38
C GLU B 215 73.66 -72.57 -6.94
N ASN B 216 74.65 -73.07 -6.19
CA ASN B 216 74.81 -72.65 -4.82
C ASN B 216 74.83 -71.13 -4.77
N ARG B 217 75.25 -70.51 -5.86
CA ARG B 217 75.31 -69.06 -5.94
C ARG B 217 73.97 -68.44 -6.30
N THR B 218 73.39 -68.89 -7.40
CA THR B 218 72.11 -68.35 -7.85
C THR B 218 71.03 -68.38 -6.76
N MET B 219 71.12 -69.35 -5.86
CA MET B 219 70.13 -69.45 -4.80
C MET B 219 70.36 -68.45 -3.66
N THR B 220 71.39 -67.63 -3.80
CA THR B 220 71.66 -66.62 -2.78
C THR B 220 71.34 -65.23 -3.33
N ILE B 221 70.66 -65.21 -4.47
CA ILE B 221 70.27 -63.96 -5.12
C ILE B 221 69.00 -63.43 -4.47
N HIS B 222 69.00 -62.14 -4.15
CA HIS B 222 67.84 -61.54 -3.49
C HIS B 222 66.85 -60.91 -4.45
N ASN B 223 67.37 -60.47 -5.59
CA ASN B 223 66.52 -59.86 -6.60
C ASN B 223 65.37 -60.82 -6.91
N GLY B 224 64.14 -60.31 -6.89
CA GLY B 224 62.99 -61.14 -7.20
C GLY B 224 62.35 -61.86 -6.02
N MET B 225 63.05 -61.94 -4.89
CA MET B 225 62.51 -62.65 -3.72
C MET B 225 61.38 -61.95 -2.99
N PHE B 226 60.65 -62.74 -2.21
CA PHE B 226 59.55 -62.20 -1.40
C PHE B 226 60.13 -61.92 -0.02
N PHE B 227 59.39 -61.19 0.81
CA PHE B 227 59.86 -60.87 2.14
C PHE B 227 59.47 -61.95 3.14
N SER B 228 60.35 -62.23 4.10
CA SER B 228 60.10 -63.23 5.13
C SER B 228 60.54 -62.81 6.54
N THR B 229 59.83 -63.34 7.52
CA THR B 229 60.12 -63.08 8.93
C THR B 229 60.01 -64.46 9.54
N TYR B 230 60.63 -64.67 10.70
CA TYR B 230 60.61 -65.99 11.32
C TYR B 230 59.21 -66.54 11.56
N ASP B 231 58.19 -65.69 11.54
CA ASP B 231 56.82 -66.18 11.74
C ASP B 231 56.01 -66.14 10.45
N ARG B 232 56.67 -65.89 9.33
CA ARG B 232 56.00 -65.86 8.03
C ARG B 232 57.02 -66.21 6.96
N ASP B 233 57.08 -67.50 6.64
CA ASP B 233 58.02 -68.04 5.66
C ASP B 233 57.57 -67.95 4.20
N ASN B 234 58.24 -67.09 3.44
CA ASN B 234 57.95 -66.91 2.02
C ASN B 234 59.28 -67.01 1.27
N ASP B 235 60.24 -67.75 1.82
CA ASP B 235 61.53 -67.86 1.15
C ASP B 235 61.48 -68.78 -0.06
N GLY B 236 62.62 -68.90 -0.73
CA GLY B 236 62.71 -69.73 -1.91
C GLY B 236 63.07 -71.17 -1.60
N TRP B 237 63.27 -71.44 -0.31
CA TRP B 237 63.62 -72.78 0.13
C TRP B 237 62.32 -73.53 0.39
N LEU B 238 61.78 -74.11 -0.67
CA LEU B 238 60.55 -74.87 -0.60
C LEU B 238 60.85 -76.17 0.14
N THR B 239 59.81 -76.76 0.72
CA THR B 239 59.91 -78.00 1.47
C THR B 239 58.89 -77.92 2.60
N SER B 240 59.05 -78.76 3.61
CA SER B 240 58.14 -78.75 4.73
C SER B 240 58.83 -78.92 6.09
N ASP B 241 60.06 -78.48 6.19
CA ASP B 241 60.79 -78.60 7.45
C ASP B 241 60.64 -77.31 8.25
N PRO B 242 59.84 -77.35 9.34
CA PRO B 242 59.57 -76.21 10.23
C PRO B 242 60.77 -75.57 10.92
N ARG B 243 61.81 -76.36 11.19
CA ARG B 243 63.01 -75.84 11.86
C ARG B 243 64.06 -75.39 10.85
N LYS B 244 63.80 -75.67 9.57
CA LYS B 244 64.75 -75.31 8.52
C LYS B 244 64.21 -74.28 7.51
N GLN B 245 64.09 -73.04 7.98
CA GLN B 245 63.62 -71.92 7.17
C GLN B 245 64.76 -70.90 7.18
N CYS B 246 64.76 -69.97 6.24
CA CYS B 246 65.82 -68.97 6.18
C CYS B 246 65.80 -68.02 7.36
N SER B 247 64.62 -67.61 7.78
CA SER B 247 64.50 -66.70 8.92
C SER B 247 64.02 -67.48 10.14
N LYS B 248 64.85 -67.53 11.17
CA LYS B 248 64.47 -68.22 12.40
C LYS B 248 64.41 -67.26 13.58
N GLU B 249 64.12 -67.78 14.77
CA GLU B 249 64.04 -66.97 15.98
C GLU B 249 65.24 -66.02 16.09
N ALA B 250 64.97 -64.76 16.43
CA ALA B 250 66.00 -63.74 16.59
C ALA B 250 66.58 -63.26 15.26
N GLY B 251 66.25 -63.98 14.18
CA GLY B 251 66.74 -63.61 12.86
C GLY B 251 65.92 -62.46 12.31
N GLY B 252 66.51 -61.67 11.43
CA GLY B 252 65.79 -60.55 10.88
C GLY B 252 64.89 -60.87 9.70
N GLY B 253 64.05 -59.90 9.35
CA GLY B 253 63.16 -60.04 8.21
C GLY B 253 63.97 -59.59 7.01
N TRP B 254 63.88 -60.30 5.90
CA TRP B 254 64.64 -59.95 4.70
C TRP B 254 64.06 -60.63 3.47
N TRP B 255 64.60 -60.30 2.31
CA TRP B 255 64.15 -60.90 1.06
C TRP B 255 65.02 -62.13 0.80
N TYR B 256 64.86 -63.11 1.67
CA TYR B 256 65.61 -64.35 1.59
C TYR B 256 65.30 -65.17 0.35
N ASN B 257 66.28 -65.94 -0.08
CA ASN B 257 66.09 -66.82 -1.22
C ASN B 257 66.32 -68.22 -0.67
N ARG B 258 67.55 -68.69 -0.76
CA ARG B 258 67.87 -70.02 -0.26
C ARG B 258 69.36 -70.16 0.10
N CYS B 259 69.87 -69.33 1.01
CA CYS B 259 69.11 -68.30 1.72
C CYS B 259 69.55 -66.87 1.49
N HIS B 260 70.86 -66.61 1.55
CA HIS B 260 71.31 -65.23 1.38
C HIS B 260 72.77 -64.97 1.03
N ALA B 261 73.02 -63.83 0.41
CA ALA B 261 74.36 -63.36 0.08
C ALA B 261 74.57 -62.13 0.98
N ALA B 262 73.44 -61.48 1.31
CA ALA B 262 73.45 -60.29 2.16
C ALA B 262 72.23 -60.21 3.06
N ASN B 263 72.44 -59.68 4.27
CA ASN B 263 71.34 -59.50 5.20
C ASN B 263 71.59 -58.30 6.10
N PRO B 264 71.13 -57.12 5.68
CA PRO B 264 71.32 -55.88 6.46
C PRO B 264 70.53 -55.90 7.76
N ASN B 265 69.49 -56.73 7.82
CA ASN B 265 68.66 -56.81 9.02
C ASN B 265 69.03 -58.00 9.93
N GLY B 266 70.29 -58.40 9.91
CA GLY B 266 70.71 -59.51 10.75
C GLY B 266 71.08 -59.09 12.16
N ARG B 267 71.45 -60.08 12.97
CA ARG B 267 71.83 -59.84 14.36
C ARG B 267 73.13 -59.02 14.43
N TYR B 268 73.19 -58.09 15.38
CA TYR B 268 74.35 -57.23 15.53
C TYR B 268 75.44 -57.81 16.42
N TYR B 269 76.38 -58.52 15.82
CA TYR B 269 77.48 -59.10 16.57
C TYR B 269 78.54 -58.02 16.76
N TRP B 270 78.91 -57.77 18.01
CA TRP B 270 79.92 -56.75 18.28
C TRP B 270 81.29 -57.23 17.81
N GLY B 271 82.07 -56.33 17.21
CA GLY B 271 83.41 -56.69 16.77
C GLY B 271 83.57 -57.18 15.33
N GLY B 272 82.46 -57.58 14.71
CA GLY B 272 82.55 -58.04 13.33
C GLY B 272 82.63 -59.54 13.12
N GLN B 273 83.81 -60.11 13.35
CA GLN B 273 84.01 -61.55 13.16
C GLN B 273 83.16 -62.37 14.15
N TYR B 274 82.47 -63.40 13.65
CA TYR B 274 81.70 -64.25 14.53
C TYR B 274 81.71 -65.70 14.05
N THR B 275 81.38 -66.64 14.93
CA THR B 275 81.41 -68.06 14.58
C THR B 275 80.11 -68.81 14.75
N TRP B 276 80.04 -69.99 14.13
CA TRP B 276 78.86 -70.84 14.18
C TRP B 276 78.46 -71.24 15.59
N ASP B 277 79.44 -71.32 16.49
CA ASP B 277 79.18 -71.70 17.88
C ASP B 277 78.80 -70.52 18.76
N MET B 278 78.52 -69.38 18.11
CA MET B 278 78.10 -68.18 18.81
C MET B 278 76.66 -67.90 18.36
N ALA B 279 76.33 -68.44 17.19
CA ALA B 279 75.00 -68.25 16.61
C ALA B 279 73.90 -69.14 17.21
N LYS B 280 72.77 -68.52 17.51
CA LYS B 280 71.64 -69.21 18.09
C LYS B 280 71.26 -70.52 17.38
N HIS B 281 71.36 -70.54 16.05
CA HIS B 281 71.01 -71.74 15.28
C HIS B 281 72.20 -72.29 14.49
N GLY B 282 73.41 -71.81 14.77
CA GLY B 282 74.57 -72.29 14.04
C GLY B 282 74.59 -71.84 12.59
N THR B 283 73.96 -70.70 12.30
CA THR B 283 73.92 -70.14 10.95
C THR B 283 74.48 -68.72 11.00
N ASP B 284 74.85 -68.15 9.85
CA ASP B 284 75.37 -66.78 9.86
C ASP B 284 74.23 -65.79 9.68
N ASP B 285 73.60 -65.50 10.81
CA ASP B 285 72.45 -64.62 10.92
C ASP B 285 72.83 -63.18 11.28
N GLY B 286 74.09 -62.82 11.03
CA GLY B 286 74.53 -61.48 11.36
C GLY B 286 74.20 -60.45 10.29
N VAL B 287 74.77 -59.26 10.44
CA VAL B 287 74.57 -58.19 9.46
C VAL B 287 75.62 -58.50 8.41
N VAL B 288 75.23 -59.32 7.45
CA VAL B 288 76.15 -59.77 6.42
C VAL B 288 76.04 -59.22 5.01
N TRP B 289 77.20 -59.16 4.35
CA TRP B 289 77.32 -58.74 2.97
C TRP B 289 78.53 -59.53 2.46
N MET B 290 78.29 -60.80 2.16
CA MET B 290 79.33 -61.71 1.70
C MET B 290 80.23 -61.18 0.59
N ASN B 291 79.65 -60.58 -0.44
CA ASN B 291 80.42 -60.05 -1.56
C ASN B 291 81.52 -59.10 -1.14
N TRP B 292 81.56 -58.71 0.12
CA TRP B 292 82.61 -57.83 0.59
C TRP B 292 83.44 -58.36 1.74
N LYS B 293 82.80 -58.89 2.78
CA LYS B 293 83.54 -59.39 3.92
C LYS B 293 83.45 -60.88 4.17
N GLY B 294 82.62 -61.57 3.41
CA GLY B 294 82.48 -63.00 3.62
C GLY B 294 81.24 -63.33 4.43
N SER B 295 81.00 -64.61 4.64
CA SER B 295 79.81 -65.08 5.36
C SER B 295 79.76 -64.98 6.88
N TRP B 296 80.89 -64.85 7.55
CA TRP B 296 80.83 -64.78 9.00
C TRP B 296 81.43 -63.50 9.53
N TYR B 297 80.96 -62.38 9.00
CA TYR B 297 81.41 -61.06 9.40
C TYR B 297 80.19 -60.16 9.49
N SER B 298 80.02 -59.51 10.64
CA SER B 298 78.90 -58.62 10.90
C SER B 298 79.35 -57.16 10.88
N MET B 299 78.79 -56.38 9.96
CA MET B 299 79.14 -54.96 9.82
C MET B 299 78.92 -54.14 11.07
N ARG B 300 79.69 -53.07 11.22
CA ARG B 300 79.53 -52.17 12.36
C ARG B 300 78.45 -51.15 11.94
N LYS B 301 78.38 -50.87 10.64
CA LYS B 301 77.39 -49.94 10.10
C LYS B 301 76.80 -50.48 8.81
N MET B 302 75.48 -50.30 8.70
CA MET B 302 74.71 -50.74 7.54
C MET B 302 73.52 -49.80 7.44
N SER B 303 73.14 -49.45 6.22
CA SER B 303 71.99 -48.56 6.03
C SER B 303 71.43 -48.65 4.61
N MET B 304 70.17 -48.25 4.45
CA MET B 304 69.53 -48.27 3.15
C MET B 304 68.78 -46.95 2.95
N LYS B 305 69.09 -46.26 1.85
CA LYS B 305 68.47 -44.98 1.54
C LYS B 305 67.89 -45.01 0.14
N ILE B 306 66.73 -44.37 -0.04
CA ILE B 306 66.10 -44.32 -1.36
C ILE B 306 65.88 -42.88 -1.77
N ARG B 307 65.61 -42.69 -3.06
CA ARG B 307 65.39 -41.35 -3.60
C ARG B 307 64.81 -41.48 -5.00
N PRO B 308 63.97 -40.52 -5.41
CA PRO B 308 63.39 -40.58 -6.75
C PRO B 308 64.54 -40.50 -7.77
N PHE B 309 64.48 -41.35 -8.79
CA PHE B 309 65.52 -41.39 -9.82
C PHE B 309 65.25 -40.40 -10.95
N PHE B 310 66.31 -39.92 -11.60
CA PHE B 310 66.18 -38.96 -12.69
C PHE B 310 67.16 -39.24 -13.84
N SER C 11 83.63 -87.11 44.97
CA SER C 11 84.13 -86.55 43.68
C SER C 11 83.64 -87.38 42.51
N ILE C 12 83.18 -88.59 42.81
CA ILE C 12 82.68 -89.50 41.79
C ILE C 12 81.30 -89.05 41.27
N ARG C 13 80.49 -88.50 42.17
CA ARG C 13 79.13 -88.05 41.84
C ARG C 13 78.92 -86.57 42.20
N TYR C 14 80.02 -85.87 42.42
CA TYR C 14 79.96 -84.45 42.79
C TYR C 14 79.76 -83.59 41.54
N LEU C 15 80.43 -83.97 40.46
CA LEU C 15 80.31 -83.24 39.20
C LEU C 15 79.12 -83.74 38.40
N GLN C 16 78.18 -84.37 39.11
CA GLN C 16 76.96 -84.88 38.51
C GLN C 16 75.90 -83.84 38.84
N GLU C 17 76.07 -83.20 39.99
CA GLU C 17 75.15 -82.18 40.45
C GLU C 17 75.52 -80.79 39.97
N ILE C 18 76.81 -80.44 40.06
CA ILE C 18 77.23 -79.12 39.60
C ILE C 18 76.93 -78.99 38.12
N TYR C 19 76.60 -80.10 37.48
CA TYR C 19 76.27 -80.07 36.06
C TYR C 19 74.77 -79.90 35.87
N ASN C 20 73.98 -80.81 36.44
CA ASN C 20 72.53 -80.75 36.30
C ASN C 20 71.91 -79.54 37.00
N SER C 21 72.55 -79.05 38.05
CA SER C 21 72.03 -77.89 38.79
C SER C 21 72.16 -76.59 38.00
N ASN C 22 73.33 -76.35 37.40
CA ASN C 22 73.49 -75.13 36.64
C ASN C 22 72.92 -75.28 35.23
N ASN C 23 72.74 -76.53 34.80
CA ASN C 23 72.17 -76.79 33.48
C ASN C 23 70.70 -76.43 33.58
N GLN C 24 70.18 -76.50 34.80
CA GLN C 24 68.79 -76.17 35.10
C GLN C 24 68.68 -74.65 35.13
N LYS C 25 69.64 -74.02 35.81
CA LYS C 25 69.68 -72.56 35.92
C LYS C 25 69.65 -71.93 34.52
N ILE C 26 70.31 -72.56 33.57
CA ILE C 26 70.34 -72.07 32.21
C ILE C 26 68.92 -72.04 31.65
N VAL C 27 68.18 -73.12 31.85
CA VAL C 27 66.82 -73.21 31.37
C VAL C 27 65.96 -72.09 31.97
N ASN C 28 66.18 -71.82 33.25
CA ASN C 28 65.43 -70.78 33.96
C ASN C 28 65.86 -69.38 33.49
N LEU C 29 67.17 -69.21 33.29
CA LEU C 29 67.71 -67.94 32.84
C LEU C 29 67.18 -67.59 31.45
N LYS C 30 67.24 -68.55 30.54
CA LYS C 30 66.75 -68.34 29.18
C LYS C 30 65.36 -67.73 29.17
N GLU C 31 64.56 -68.08 30.15
CA GLU C 31 63.20 -67.55 30.26
C GLU C 31 63.24 -66.10 30.70
N LYS C 32 64.14 -65.77 31.63
CA LYS C 32 64.27 -64.40 32.09
C LYS C 32 64.71 -63.57 30.89
N VAL C 33 65.56 -64.17 30.07
CA VAL C 33 66.06 -63.52 28.86
C VAL C 33 64.90 -63.24 27.92
N ALA C 34 64.03 -64.23 27.76
CA ALA C 34 62.88 -64.06 26.88
C ALA C 34 62.00 -62.93 27.38
N GLN C 35 61.96 -62.75 28.69
CA GLN C 35 61.14 -61.68 29.27
C GLN C 35 61.76 -60.31 29.05
N LEU C 36 63.08 -60.27 29.03
CA LEU C 36 63.77 -59.01 28.81
C LEU C 36 63.56 -58.63 27.36
N GLU C 37 63.56 -59.63 26.49
CA GLU C 37 63.37 -59.41 25.06
C GLU C 37 62.05 -58.66 24.81
N ALA C 38 60.96 -59.18 25.37
CA ALA C 38 59.65 -58.55 25.21
C ALA C 38 59.66 -57.12 25.74
N GLN C 39 60.47 -56.87 26.75
CA GLN C 39 60.57 -55.55 27.36
C GLN C 39 61.35 -54.53 26.54
N CYS C 40 62.14 -55.00 25.57
CA CYS C 40 62.91 -54.07 24.76
C CYS C 40 62.53 -54.06 23.29
N GLN C 41 61.23 -54.09 23.02
CA GLN C 41 60.72 -54.08 21.65
C GLN C 41 60.29 -52.67 21.27
N GLU C 42 59.89 -51.89 22.26
CA GLU C 42 59.43 -50.53 22.03
C GLU C 42 60.56 -49.52 21.87
N PRO C 43 60.32 -48.49 21.04
CA PRO C 43 61.30 -47.43 20.78
C PRO C 43 61.22 -46.36 21.87
N CYS C 44 62.19 -45.45 21.91
CA CYS C 44 62.17 -44.37 22.90
C CYS C 44 60.87 -43.58 22.75
N LYS C 45 60.36 -43.07 23.88
CA LYS C 45 59.12 -42.29 23.87
C LYS C 45 59.43 -40.85 23.42
N ASP C 46 58.70 -40.36 22.43
CA ASP C 46 58.94 -39.00 21.94
C ASP C 46 57.97 -38.04 22.63
N THR C 47 58.53 -37.02 23.28
CA THR C 47 57.71 -36.03 23.98
C THR C 47 56.82 -35.21 23.03
N VAL C 48 57.22 -35.05 21.77
CA VAL C 48 56.39 -34.25 20.87
C VAL C 48 55.38 -35.11 20.10
N GLN C 49 54.13 -34.68 20.14
CA GLN C 49 53.04 -35.38 19.47
C GLN C 49 52.17 -34.34 18.77
N ILE C 50 51.48 -34.76 17.72
CA ILE C 50 50.62 -33.90 16.95
C ILE C 50 49.15 -34.19 17.29
N HIS C 51 48.41 -33.16 17.69
CA HIS C 51 47.00 -33.33 18.03
C HIS C 51 46.20 -33.86 16.83
N ASP C 52 45.05 -34.47 17.11
CA ASP C 52 44.21 -35.03 16.06
C ASP C 52 43.31 -34.05 15.35
N ILE C 53 42.63 -33.19 16.11
CA ILE C 53 41.72 -32.19 15.55
C ILE C 53 42.41 -31.34 14.50
N THR C 54 41.68 -31.04 13.43
CA THR C 54 42.23 -30.23 12.33
C THR C 54 41.16 -29.30 11.81
N GLY C 55 41.56 -28.36 10.97
CA GLY C 55 40.62 -27.41 10.40
C GLY C 55 41.31 -26.48 9.41
N LYS C 56 40.63 -25.41 9.03
CA LYS C 56 41.19 -24.45 8.08
C LYS C 56 42.29 -23.60 8.72
N ASP C 57 42.20 -23.38 10.02
CA ASP C 57 43.20 -22.64 10.77
C ASP C 57 43.06 -22.94 12.25
N CYS C 58 43.91 -22.33 13.07
CA CYS C 58 43.87 -22.56 14.51
C CYS C 58 42.56 -22.14 15.16
N GLN C 59 41.94 -21.09 14.64
CA GLN C 59 40.68 -20.62 15.21
C GLN C 59 39.59 -21.65 14.93
N ASP C 60 39.57 -22.18 13.71
CA ASP C 60 38.60 -23.19 13.33
C ASP C 60 38.81 -24.41 14.24
N ILE C 61 40.07 -24.67 14.58
CA ILE C 61 40.41 -25.79 15.45
C ILE C 61 39.99 -25.50 16.90
N ALA C 62 40.15 -24.25 17.33
CA ALA C 62 39.77 -23.91 18.69
C ALA C 62 38.25 -24.01 18.82
N ASN C 63 37.54 -23.68 17.76
CA ASN C 63 36.07 -23.74 17.75
C ASN C 63 35.57 -25.19 17.85
N LYS C 64 36.35 -26.14 17.33
CA LYS C 64 35.96 -27.53 17.38
C LYS C 64 36.22 -28.15 18.75
N GLY C 65 36.70 -27.33 19.69
CA GLY C 65 36.95 -27.83 21.03
C GLY C 65 38.38 -28.01 21.50
N ALA C 66 39.35 -27.69 20.67
CA ALA C 66 40.74 -27.82 21.10
C ALA C 66 40.94 -26.85 22.26
N LYS C 67 41.69 -27.28 23.27
CA LYS C 67 41.94 -26.42 24.43
C LYS C 67 43.43 -26.22 24.68
N GLN C 68 44.26 -27.03 24.02
CA GLN C 68 45.69 -26.93 24.27
C GLN C 68 46.53 -26.34 23.16
N SER C 69 47.41 -25.43 23.54
CA SER C 69 48.32 -24.84 22.57
C SER C 69 49.21 -26.01 22.19
N GLY C 70 49.58 -26.10 20.91
CA GLY C 70 50.43 -27.20 20.46
C GLY C 70 50.46 -27.36 18.96
N LEU C 71 50.96 -28.50 18.51
CA LEU C 71 51.06 -28.76 17.08
C LEU C 71 49.80 -29.36 16.47
N TYR C 72 49.33 -28.75 15.40
CA TYR C 72 48.14 -29.21 14.70
C TYR C 72 48.36 -29.05 13.20
N PHE C 73 47.66 -29.86 12.42
CA PHE C 73 47.72 -29.75 10.96
C PHE C 73 46.54 -28.84 10.64
N ILE C 74 46.70 -27.98 9.63
CA ILE C 74 45.60 -27.14 9.18
C ILE C 74 45.62 -27.24 7.67
N LYS C 75 44.48 -26.98 7.05
CA LYS C 75 44.41 -27.05 5.60
C LYS C 75 43.43 -26.02 5.09
N PRO C 76 43.92 -24.80 4.85
CA PRO C 76 43.03 -23.75 4.34
C PRO C 76 42.37 -24.29 3.07
N LEU C 77 41.19 -23.77 2.79
CA LEU C 77 40.42 -24.18 1.61
C LEU C 77 41.26 -24.33 0.34
N LYS C 78 41.90 -23.25 -0.09
CA LYS C 78 42.67 -23.25 -1.32
C LYS C 78 44.02 -23.95 -1.31
N ALA C 79 44.46 -24.48 -0.18
CA ALA C 79 45.73 -25.19 -0.15
C ALA C 79 45.40 -26.61 -0.60
N ASN C 80 46.29 -27.21 -1.38
CA ASN C 80 46.04 -28.57 -1.85
C ASN C 80 46.86 -29.61 -1.12
N GLN C 81 47.10 -29.35 0.16
CA GLN C 81 47.84 -30.25 1.01
C GLN C 81 47.91 -29.58 2.36
N GLN C 82 47.66 -30.33 3.41
CA GLN C 82 47.68 -29.82 4.78
C GLN C 82 49.13 -29.60 5.22
N PHE C 83 49.29 -28.83 6.30
CA PHE C 83 50.63 -28.58 6.85
C PHE C 83 50.57 -28.35 8.36
N LEU C 84 51.69 -28.60 9.02
CA LEU C 84 51.80 -28.47 10.45
C LEU C 84 51.97 -27.01 10.89
N VAL C 85 51.42 -26.68 12.05
CA VAL C 85 51.51 -25.33 12.61
C VAL C 85 51.44 -25.40 14.13
N TYR C 86 51.93 -24.35 14.77
CA TYR C 86 51.86 -24.26 16.22
C TYR C 86 50.67 -23.37 16.51
N CYS C 87 49.69 -23.90 17.23
CA CYS C 87 48.52 -23.11 17.57
C CYS C 87 48.61 -22.61 19.00
N GLU C 88 48.19 -21.38 19.22
CA GLU C 88 48.17 -20.84 20.57
C GLU C 88 46.69 -20.68 20.89
N ILE C 89 46.19 -21.50 21.82
CA ILE C 89 44.80 -21.43 22.21
C ILE C 89 44.71 -20.98 23.66
N ASP C 90 44.03 -19.86 23.89
CA ASP C 90 43.90 -19.33 25.23
C ASP C 90 42.60 -19.75 25.89
N GLY C 91 42.42 -19.33 27.14
CA GLY C 91 41.22 -19.68 27.88
C GLY C 91 39.94 -19.04 27.39
N SER C 92 40.01 -18.28 26.29
CA SER C 92 38.82 -17.63 25.77
C SER C 92 38.40 -18.12 24.40
N GLY C 93 38.91 -19.29 24.00
CA GLY C 93 38.55 -19.85 22.71
C GLY C 93 39.24 -19.23 21.51
N ASN C 94 40.24 -18.39 21.75
CA ASN C 94 40.97 -17.78 20.66
C ASN C 94 42.07 -18.74 20.20
N GLY C 95 42.16 -18.93 18.89
CA GLY C 95 43.17 -19.81 18.35
C GLY C 95 44.10 -19.04 17.43
N TRP C 96 45.29 -18.72 17.92
CA TRP C 96 46.25 -17.99 17.11
C TRP C 96 47.13 -18.94 16.32
N THR C 97 47.40 -18.59 15.07
CA THR C 97 48.28 -19.39 14.25
C THR C 97 49.60 -18.59 14.20
N VAL C 98 50.63 -19.12 14.85
CA VAL C 98 51.93 -18.45 14.89
C VAL C 98 52.72 -18.75 13.63
N PHE C 99 53.21 -17.72 12.95
CA PHE C 99 54.00 -17.96 11.75
C PHE C 99 55.45 -17.53 11.91
N GLN C 100 55.76 -16.97 13.08
CA GLN C 100 57.13 -16.53 13.36
C GLN C 100 57.44 -16.51 14.85
N LYS C 101 58.66 -16.90 15.19
CA LYS C 101 59.09 -16.94 16.58
C LYS C 101 60.60 -16.85 16.73
N ARG C 102 61.07 -15.93 17.57
CA ARG C 102 62.50 -15.76 17.86
C ARG C 102 62.55 -15.79 19.38
N LEU C 103 63.53 -16.47 19.97
CA LEU C 103 63.60 -16.52 21.43
C LEU C 103 64.98 -16.85 22.00
N ASP C 104 65.91 -17.31 21.16
CA ASP C 104 67.25 -17.66 21.64
C ASP C 104 68.34 -17.58 20.59
N GLY C 105 67.98 -17.29 19.35
CA GLY C 105 68.98 -17.18 18.29
C GLY C 105 69.51 -18.52 17.80
N SER C 106 68.80 -19.60 18.10
CA SER C 106 69.22 -20.95 17.69
C SER C 106 69.06 -21.22 16.21
N VAL C 107 68.21 -20.45 15.53
CA VAL C 107 67.99 -20.67 14.10
C VAL C 107 68.52 -19.53 13.24
N ASP C 108 69.20 -19.91 12.17
CA ASP C 108 69.77 -18.93 11.26
C ASP C 108 68.67 -18.39 10.38
N PHE C 109 68.48 -17.07 10.38
CA PHE C 109 67.45 -16.49 9.55
C PHE C 109 67.96 -15.92 8.24
N LYS C 110 69.23 -16.18 7.94
CA LYS C 110 69.77 -15.72 6.66
C LYS C 110 69.49 -16.86 5.69
N LYS C 111 68.26 -16.89 5.18
CA LYS C 111 67.84 -17.93 4.26
C LYS C 111 67.43 -17.33 2.93
N ASN C 112 67.34 -18.16 1.90
CA ASN C 112 66.97 -17.68 0.56
C ASN C 112 65.46 -17.61 0.34
N TRP C 113 65.08 -17.26 -0.89
CA TRP C 113 63.68 -17.12 -1.29
C TRP C 113 62.84 -18.36 -1.04
N ILE C 114 63.33 -19.49 -1.54
CA ILE C 114 62.63 -20.76 -1.39
C ILE C 114 62.45 -21.16 0.07
N GLN C 115 63.49 -20.94 0.88
CA GLN C 115 63.42 -21.28 2.29
C GLN C 115 62.39 -20.43 3.01
N TYR C 116 62.31 -19.15 2.63
CA TYR C 116 61.35 -18.26 3.25
C TYR C 116 59.96 -18.58 2.70
N LYS C 117 59.93 -19.13 1.49
CA LYS C 117 58.66 -19.51 0.86
C LYS C 117 58.04 -20.76 1.51
N GLU C 118 58.84 -21.80 1.67
CA GLU C 118 58.39 -23.07 2.25
C GLU C 118 58.46 -23.10 3.79
N GLY C 119 59.34 -22.30 4.36
CA GLY C 119 59.48 -22.27 5.80
C GLY C 119 60.75 -22.96 6.30
N PHE C 120 61.20 -22.58 7.49
CA PHE C 120 62.40 -23.18 8.07
C PHE C 120 62.31 -23.11 9.58
N GLY C 121 63.26 -23.73 10.28
CA GLY C 121 63.22 -23.75 11.73
C GLY C 121 62.43 -24.96 12.18
N HIS C 122 62.02 -24.99 13.45
CA HIS C 122 61.26 -26.13 13.97
C HIS C 122 60.04 -25.77 14.80
N LEU C 123 59.06 -26.68 14.80
CA LEU C 123 57.82 -26.50 15.54
C LEU C 123 57.83 -27.40 16.78
N SER C 124 57.46 -26.81 17.91
CA SER C 124 57.44 -27.52 19.19
C SER C 124 56.10 -27.39 19.88
N PRO C 125 55.61 -28.47 20.50
CA PRO C 125 54.33 -28.44 21.21
C PRO C 125 54.36 -27.37 22.28
N THR C 126 55.55 -27.21 22.88
CA THR C 126 55.76 -26.24 23.93
C THR C 126 56.05 -24.82 23.44
N GLY C 127 56.03 -24.62 22.14
CA GLY C 127 56.30 -23.30 21.59
C GLY C 127 57.61 -22.70 22.08
N THR C 128 58.66 -23.52 22.15
CA THR C 128 59.95 -23.05 22.63
C THR C 128 61.07 -23.08 21.61
N THR C 129 60.71 -23.01 20.33
CA THR C 129 61.68 -23.05 19.26
C THR C 129 61.47 -21.93 18.27
N GLU C 130 62.53 -21.57 17.56
CA GLU C 130 62.47 -20.50 16.58
C GLU C 130 62.05 -21.11 15.25
N PHE C 131 61.29 -20.35 14.46
CA PHE C 131 60.85 -20.85 13.17
C PHE C 131 60.17 -19.79 12.33
N TRP C 132 60.02 -20.11 11.06
CA TRP C 132 59.34 -19.26 10.10
C TRP C 132 58.48 -20.22 9.29
N LEU C 133 57.16 -20.16 9.50
CA LEU C 133 56.23 -21.00 8.76
C LEU C 133 56.47 -20.48 7.35
N GLY C 134 56.00 -21.14 6.30
CA GLY C 134 56.27 -20.57 4.97
C GLY C 134 55.47 -19.35 4.51
N ASN C 135 56.04 -18.53 3.63
CA ASN C 135 55.34 -17.36 3.09
C ASN C 135 54.10 -17.85 2.34
N GLU C 136 54.22 -18.97 1.65
CA GLU C 136 53.10 -19.54 0.90
C GLU C 136 51.97 -19.90 1.88
N LYS C 137 52.33 -20.53 2.99
CA LYS C 137 51.35 -20.89 4.00
C LYS C 137 50.72 -19.64 4.63
N ILE C 138 51.55 -18.63 4.89
CA ILE C 138 51.05 -17.41 5.51
C ILE C 138 50.07 -16.73 4.59
N HIS C 139 50.33 -16.84 3.28
CA HIS C 139 49.46 -16.29 2.26
C HIS C 139 48.16 -17.10 2.16
N LEU C 140 48.26 -18.42 2.20
CA LEU C 140 47.09 -19.29 2.11
C LEU C 140 46.15 -19.09 3.29
N ILE C 141 46.72 -18.90 4.48
CA ILE C 141 45.94 -18.70 5.68
C ILE C 141 45.20 -17.36 5.74
N SER C 142 45.96 -16.27 5.60
CA SER C 142 45.43 -14.92 5.65
C SER C 142 44.49 -14.50 4.53
N THR C 143 44.37 -15.32 3.49
CA THR C 143 43.49 -14.97 2.37
C THR C 143 42.56 -16.09 1.92
N GLN C 144 42.47 -17.16 2.71
CA GLN C 144 41.63 -18.31 2.36
C GLN C 144 40.17 -18.02 2.08
N SER C 145 39.65 -16.97 2.71
CA SER C 145 38.25 -16.63 2.50
C SER C 145 38.09 -15.13 2.57
N ALA C 146 36.83 -14.70 2.65
CA ALA C 146 36.52 -13.28 2.74
C ALA C 146 36.67 -12.80 4.17
N ILE C 147 36.93 -13.70 5.11
CA ILE C 147 37.10 -13.28 6.49
C ILE C 147 38.43 -12.56 6.70
N PRO C 148 38.36 -11.33 7.18
CA PRO C 148 39.59 -10.56 7.43
C PRO C 148 40.38 -11.12 8.60
N TYR C 149 41.69 -10.95 8.53
CA TYR C 149 42.57 -11.42 9.57
C TYR C 149 43.24 -10.28 10.27
N ALA C 150 43.84 -10.58 11.42
CA ALA C 150 44.55 -9.59 12.21
C ALA C 150 45.91 -10.19 12.57
N LEU C 151 46.91 -9.34 12.66
CA LEU C 151 48.26 -9.76 13.01
C LEU C 151 48.68 -9.15 14.32
N ARG C 152 49.20 -9.98 15.22
CA ARG C 152 49.68 -9.46 16.48
C ARG C 152 51.18 -9.69 16.58
N VAL C 153 51.92 -8.61 16.84
CA VAL C 153 53.35 -8.69 17.01
C VAL C 153 53.61 -8.61 18.50
N GLU C 154 54.33 -9.59 19.03
CA GLU C 154 54.70 -9.63 20.43
C GLU C 154 56.20 -9.50 20.53
N LEU C 155 56.65 -8.59 21.38
CA LEU C 155 58.07 -8.37 21.57
C LEU C 155 58.38 -8.45 23.06
N GLU C 156 59.58 -8.92 23.39
CA GLU C 156 60.01 -9.01 24.77
C GLU C 156 61.44 -8.50 24.77
N ASP C 157 61.78 -7.64 25.72
CA ASP C 157 63.15 -7.13 25.77
C ASP C 157 63.95 -7.99 26.71
N TRP C 158 65.22 -7.65 26.90
CA TRP C 158 66.07 -8.43 27.77
C TRP C 158 65.86 -8.18 29.25
N ASN C 159 64.74 -7.54 29.59
CA ASN C 159 64.42 -7.25 30.98
C ASN C 159 63.08 -7.82 31.38
N GLY C 160 62.51 -8.65 30.52
CA GLY C 160 61.23 -9.25 30.85
C GLY C 160 60.01 -8.41 30.54
N ARG C 161 60.19 -7.25 29.92
CA ARG C 161 59.04 -6.41 29.57
C ARG C 161 58.58 -6.76 28.17
N THR C 162 57.27 -6.80 27.98
CA THR C 162 56.73 -7.13 26.67
C THR C 162 55.79 -6.05 26.16
N SER C 163 55.61 -6.03 24.84
CA SER C 163 54.73 -5.06 24.20
C SER C 163 54.11 -5.71 22.96
N THR C 164 53.08 -5.09 22.42
CA THR C 164 52.43 -5.67 21.25
C THR C 164 52.05 -4.61 20.22
N ALA C 165 51.81 -5.07 19.00
CA ALA C 165 51.41 -4.19 17.92
C ALA C 165 50.42 -5.01 17.08
N ASP C 166 49.23 -4.45 16.89
CA ASP C 166 48.19 -5.13 16.12
C ASP C 166 47.87 -4.43 14.81
N TYR C 167 47.67 -5.23 13.77
CA TYR C 167 47.36 -4.74 12.44
C TYR C 167 46.09 -5.43 11.95
N ALA C 168 45.10 -4.64 11.55
CA ALA C 168 43.81 -5.15 11.08
C ALA C 168 43.82 -5.40 9.57
N MET C 169 43.05 -6.38 9.13
CA MET C 169 42.96 -6.73 7.72
C MET C 169 44.34 -7.14 7.19
N PHE C 170 45.04 -7.96 7.97
CA PHE C 170 46.35 -8.46 7.60
C PHE C 170 46.24 -9.42 6.43
N LYS C 171 47.16 -9.28 5.48
CA LYS C 171 47.17 -10.15 4.31
C LYS C 171 48.53 -10.20 3.62
N VAL C 172 48.94 -11.41 3.25
CA VAL C 172 50.18 -11.64 2.54
C VAL C 172 49.78 -12.15 1.17
N GLY C 173 50.22 -11.45 0.13
CA GLY C 173 49.86 -11.83 -1.22
C GLY C 173 50.51 -13.10 -1.70
N PRO C 174 50.17 -13.54 -2.93
CA PRO C 174 50.71 -14.75 -3.56
C PRO C 174 52.13 -14.50 -4.07
N GLU C 175 52.80 -15.57 -4.45
CA GLU C 175 54.17 -15.46 -4.94
C GLU C 175 54.23 -14.56 -6.19
N ALA C 176 53.13 -14.49 -6.93
CA ALA C 176 53.08 -13.66 -8.15
C ALA C 176 53.29 -12.19 -7.79
N ASP C 177 52.92 -11.82 -6.56
CA ASP C 177 53.09 -10.45 -6.12
C ASP C 177 54.16 -10.37 -5.01
N LYS C 178 55.08 -11.34 -5.06
CA LYS C 178 56.17 -11.40 -4.11
C LYS C 178 55.74 -11.44 -2.65
N TYR C 179 54.62 -12.10 -2.39
CA TYR C 179 54.14 -12.22 -1.03
C TYR C 179 54.09 -10.88 -0.33
N ARG C 180 53.60 -9.88 -1.04
CA ARG C 180 53.48 -8.53 -0.54
C ARG C 180 52.72 -8.48 0.79
N LEU C 181 53.24 -7.66 1.71
CA LEU C 181 52.62 -7.45 3.02
C LEU C 181 51.57 -6.36 2.89
N THR C 182 50.39 -6.58 3.46
CA THR C 182 49.35 -5.57 3.38
C THR C 182 48.43 -5.66 4.58
N TYR C 183 47.94 -4.49 5.00
CA TYR C 183 47.02 -4.38 6.10
C TYR C 183 46.30 -3.04 5.91
N ALA C 184 45.13 -2.92 6.51
CA ALA C 184 44.33 -1.71 6.37
C ALA C 184 44.75 -0.63 7.35
N TYR C 185 45.01 -1.01 8.59
CA TYR C 185 45.39 -0.03 9.58
C TYR C 185 45.91 -0.61 10.90
N PHE C 186 46.82 0.15 11.51
CA PHE C 186 47.41 -0.20 12.80
C PHE C 186 46.24 -0.19 13.78
N ALA C 187 46.09 -1.26 14.55
CA ALA C 187 44.99 -1.34 15.50
C ALA C 187 45.42 -1.16 16.96
N GLY C 188 46.54 -0.47 17.19
CA GLY C 188 47.00 -0.24 18.55
C GLY C 188 48.00 -1.24 19.14
N GLY C 189 48.51 -0.90 20.33
CA GLY C 189 49.48 -1.76 20.99
C GLY C 189 50.64 -0.87 21.45
N ASP C 190 51.13 -1.10 22.67
CA ASP C 190 52.20 -0.27 23.23
C ASP C 190 53.59 -0.41 22.62
N ALA C 191 53.75 -1.27 21.62
CA ALA C 191 55.04 -1.44 20.96
C ALA C 191 55.20 -0.36 19.89
N GLY C 192 54.08 0.22 19.48
CA GLY C 192 54.13 1.25 18.45
C GLY C 192 54.04 0.68 17.06
N ASP C 193 53.49 1.48 16.15
CA ASP C 193 53.30 1.10 14.77
C ASP C 193 54.59 1.24 13.94
N ALA C 194 55.51 0.30 14.10
CA ALA C 194 56.77 0.36 13.36
C ALA C 194 56.58 0.17 11.86
N PHE C 195 55.48 -0.46 11.45
CA PHE C 195 55.23 -0.67 10.03
C PHE C 195 54.92 0.65 9.34
N ASP C 196 54.66 1.69 10.14
CA ASP C 196 54.39 2.99 9.59
C ASP C 196 55.69 3.75 9.40
N GLY C 197 56.81 3.04 9.51
CA GLY C 197 58.10 3.66 9.34
C GLY C 197 58.50 4.51 10.55
N PHE C 198 59.73 5.01 10.54
CA PHE C 198 60.21 5.84 11.65
C PHE C 198 61.06 7.03 11.21
N ASP C 199 60.87 8.16 11.89
CA ASP C 199 61.61 9.39 11.63
C ASP C 199 62.93 9.34 12.42
N PHE C 200 63.89 8.58 11.89
CA PHE C 200 65.18 8.40 12.51
C PHE C 200 66.02 9.67 12.62
N GLY C 201 65.99 10.50 11.58
CA GLY C 201 66.78 11.72 11.63
C GLY C 201 66.41 12.81 10.65
N ASP C 202 67.44 13.58 10.28
CA ASP C 202 67.32 14.72 9.38
C ASP C 202 66.58 14.51 8.05
N ASP C 203 66.96 13.46 7.31
CA ASP C 203 66.34 13.17 6.02
C ASP C 203 64.82 13.23 6.17
N PRO C 204 64.14 14.01 5.31
CA PRO C 204 62.68 14.13 5.37
C PRO C 204 61.91 12.96 4.75
N SER C 205 62.62 12.12 3.99
CA SER C 205 61.97 10.98 3.37
C SER C 205 62.24 9.73 4.22
N ASP C 206 62.65 9.98 5.45
CA ASP C 206 62.98 8.98 6.48
C ASP C 206 61.89 7.92 6.74
N LYS C 207 60.81 8.39 7.36
CA LYS C 207 59.65 7.59 7.74
C LYS C 207 59.04 6.88 6.53
N PHE C 208 59.02 7.59 5.41
CA PHE C 208 58.45 7.07 4.16
C PHE C 208 59.13 5.81 3.68
N PHE C 209 60.46 5.86 3.60
CA PHE C 209 61.23 4.73 3.11
C PHE C 209 61.47 3.61 4.11
N THR C 210 60.92 3.73 5.33
CA THR C 210 61.10 2.67 6.31
C THR C 210 59.80 2.07 6.80
N SER C 211 58.72 2.37 6.08
CA SER C 211 57.39 1.84 6.39
C SER C 211 57.29 0.49 5.68
N HIS C 212 56.39 -0.37 6.13
CA HIS C 212 56.30 -1.69 5.51
C HIS C 212 55.01 -2.08 4.79
N ASN C 213 53.91 -1.41 5.08
CA ASN C 213 52.65 -1.74 4.43
C ASN C 213 52.84 -1.67 2.92
N GLY C 214 52.38 -2.69 2.20
CA GLY C 214 52.51 -2.68 0.76
C GLY C 214 53.85 -3.11 0.18
N MET C 215 54.82 -3.41 1.05
CA MET C 215 56.13 -3.84 0.59
C MET C 215 56.11 -5.32 0.20
N GLN C 216 56.82 -5.68 -0.85
CA GLN C 216 56.90 -7.07 -1.28
C GLN C 216 57.97 -7.72 -0.40
N PHE C 217 58.07 -9.05 -0.42
CA PHE C 217 59.07 -9.75 0.38
C PHE C 217 60.41 -9.76 -0.35
N SER C 218 61.50 -9.74 0.39
CA SER C 218 62.83 -9.78 -0.19
C SER C 218 63.75 -10.75 0.54
N THR C 219 64.65 -11.36 -0.23
CA THR C 219 65.66 -12.26 0.30
C THR C 219 66.93 -11.89 -0.49
N TRP C 220 68.10 -12.21 0.03
CA TRP C 220 69.32 -11.83 -0.68
C TRP C 220 69.27 -12.21 -2.16
N ASP C 221 68.68 -13.34 -2.48
CA ASP C 221 68.60 -13.80 -3.87
C ASP C 221 67.33 -13.40 -4.63
N ASN C 222 66.47 -12.60 -4.00
CA ASN C 222 65.24 -12.16 -4.65
C ASN C 222 64.89 -10.78 -4.10
N ASP C 223 65.59 -9.78 -4.64
CA ASP C 223 65.45 -8.38 -4.26
C ASP C 223 64.20 -7.73 -4.83
N ASN C 224 63.26 -7.36 -3.97
CA ASN C 224 62.05 -6.71 -4.44
C ASN C 224 61.76 -5.46 -3.60
N ASP C 225 62.81 -4.80 -3.15
CA ASP C 225 62.65 -3.62 -2.32
C ASP C 225 62.68 -2.30 -3.10
N LYS C 226 62.65 -1.19 -2.36
CA LYS C 226 62.66 0.16 -2.93
C LYS C 226 64.03 0.83 -2.81
N PHE C 227 65.06 0.00 -2.75
CA PHE C 227 66.44 0.47 -2.61
C PHE C 227 67.23 0.05 -3.85
N GLU C 228 68.18 0.88 -4.28
CA GLU C 228 68.98 0.55 -5.45
C GLU C 228 69.92 -0.57 -5.06
N GLY C 229 70.05 -0.76 -3.74
CA GLY C 229 70.89 -1.82 -3.22
C GLY C 229 70.03 -3.01 -2.80
N ASN C 230 70.64 -3.94 -2.07
CA ASN C 230 69.94 -5.13 -1.61
C ASN C 230 69.78 -5.15 -0.10
N CYS C 231 68.69 -4.60 0.40
CA CYS C 231 68.45 -4.57 1.85
C CYS C 231 68.63 -5.94 2.47
N ALA C 232 67.84 -6.89 1.99
CA ALA C 232 67.84 -8.26 2.49
C ALA C 232 69.24 -8.85 2.62
N GLU C 233 70.06 -8.66 1.60
CA GLU C 233 71.42 -9.19 1.65
C GLU C 233 72.26 -8.43 2.68
N GLN C 234 72.16 -7.11 2.66
CA GLN C 234 72.92 -6.32 3.63
C GLN C 234 72.60 -6.69 5.07
N ASP C 235 71.32 -6.69 5.42
CA ASP C 235 70.95 -7.03 6.79
C ASP C 235 70.83 -8.53 7.05
N GLY C 236 71.25 -9.36 6.09
CA GLY C 236 71.18 -10.80 6.24
C GLY C 236 69.85 -11.40 6.69
N SER C 237 68.77 -11.08 5.99
CA SER C 237 67.47 -11.62 6.36
C SER C 237 66.52 -11.71 5.19
N GLY C 238 65.28 -12.10 5.49
CA GLY C 238 64.24 -12.19 4.50
C GLY C 238 63.16 -11.34 5.13
N TRP C 239 62.72 -10.28 4.45
CA TRP C 239 61.73 -9.40 5.05
C TRP C 239 61.11 -8.49 4.02
N TRP C 240 60.02 -7.84 4.42
CA TRP C 240 59.31 -6.93 3.55
C TRP C 240 60.09 -5.62 3.60
N MET C 241 61.17 -5.58 2.84
CA MET C 241 62.07 -4.44 2.81
C MET C 241 61.60 -3.26 1.96
N ASN C 242 61.84 -2.06 2.49
CA ASN C 242 61.52 -0.81 1.80
C ASN C 242 62.91 -0.24 1.45
N LYS C 243 63.42 0.65 2.29
CA LYS C 243 64.75 1.23 2.07
C LYS C 243 65.35 1.81 3.35
N CYS C 244 65.52 0.98 4.38
CA CYS C 244 65.16 -0.45 4.33
C CYS C 244 64.05 -0.86 5.29
N HIS C 245 64.15 -0.48 6.56
CA HIS C 245 63.13 -0.90 7.52
C HIS C 245 63.13 -0.14 8.84
N ALA C 246 62.02 -0.25 9.56
CA ALA C 246 61.88 0.36 10.87
C ALA C 246 61.46 -0.78 11.80
N GLY C 247 60.94 -1.85 11.18
CA GLY C 247 60.52 -3.04 11.91
C GLY C 247 61.24 -4.20 11.23
N HIS C 248 62.04 -4.94 11.96
CA HIS C 248 62.82 -6.03 11.37
C HIS C 248 62.86 -7.24 12.31
N LEU C 249 61.81 -8.06 12.28
CA LEU C 249 61.78 -9.18 13.20
C LEU C 249 62.55 -10.43 12.80
N ASN C 250 62.99 -10.51 11.54
CA ASN C 250 63.74 -11.68 11.09
C ASN C 250 65.23 -11.39 11.02
N GLY C 251 65.66 -10.38 11.77
CA GLY C 251 67.06 -10.01 11.76
C GLY C 251 68.02 -10.90 12.54
N VAL C 252 69.27 -10.44 12.61
CA VAL C 252 70.32 -11.14 13.32
C VAL C 252 70.03 -11.05 14.81
N TYR C 253 70.13 -12.18 15.50
CA TYR C 253 69.86 -12.22 16.91
C TYR C 253 71.12 -11.81 17.68
N TYR C 254 70.98 -10.86 18.59
CA TYR C 254 72.11 -10.38 19.38
C TYR C 254 71.86 -10.65 20.84
N GLN C 255 72.76 -11.41 21.46
CA GLN C 255 72.61 -11.72 22.86
C GLN C 255 72.73 -10.43 23.68
N GLY C 256 71.79 -10.21 24.59
CA GLY C 256 71.83 -9.02 25.42
C GLY C 256 71.10 -7.81 24.87
N GLY C 257 70.69 -7.86 23.61
CA GLY C 257 69.96 -6.75 23.03
C GLY C 257 70.81 -5.66 22.42
N THR C 258 71.64 -5.04 23.24
CA THR C 258 72.51 -3.96 22.78
C THR C 258 73.55 -4.42 21.77
N TYR C 259 73.73 -3.64 20.72
CA TYR C 259 74.75 -3.94 19.72
C TYR C 259 75.00 -2.63 18.98
N SER C 260 76.06 -2.56 18.18
CA SER C 260 76.37 -1.32 17.45
C SER C 260 76.71 -1.57 16.00
N LYS C 261 77.02 -0.50 15.27
CA LYS C 261 77.36 -0.65 13.86
C LYS C 261 78.71 -1.34 13.75
N ALA C 262 79.48 -1.29 14.83
CA ALA C 262 80.80 -1.93 14.87
C ALA C 262 80.68 -3.44 14.91
N SER C 263 79.51 -3.93 15.31
CA SER C 263 79.29 -5.37 15.38
C SER C 263 78.63 -5.93 14.12
N THR C 264 78.67 -5.15 13.04
CA THR C 264 78.08 -5.60 11.78
C THR C 264 79.10 -5.50 10.66
N PRO C 265 79.11 -6.49 9.76
CA PRO C 265 80.06 -6.49 8.64
C PRO C 265 79.85 -5.28 7.73
N ASN C 266 78.58 -5.00 7.42
CA ASN C 266 78.21 -3.88 6.54
C ASN C 266 77.93 -2.54 7.24
N GLY C 267 77.98 -2.53 8.56
CA GLY C 267 77.74 -1.30 9.30
C GLY C 267 76.29 -0.88 9.48
N TYR C 268 75.34 -1.70 9.06
CA TYR C 268 73.92 -1.35 9.20
C TYR C 268 73.18 -2.09 10.32
N ASP C 269 72.19 -1.42 10.90
CA ASP C 269 71.40 -2.01 11.97
C ASP C 269 70.63 -3.19 11.38
N ASN C 270 71.06 -4.39 11.70
CA ASN C 270 70.45 -5.59 11.16
C ASN C 270 69.90 -6.51 12.24
N GLY C 271 69.70 -5.99 13.44
CA GLY C 271 69.16 -6.82 14.51
C GLY C 271 67.66 -6.99 14.45
N ILE C 272 67.10 -7.53 15.52
CA ILE C 272 65.66 -7.75 15.63
C ILE C 272 65.14 -6.47 16.25
N ILE C 273 64.79 -5.51 15.40
CA ILE C 273 64.33 -4.21 15.85
C ILE C 273 62.87 -3.87 15.61
N TRP C 274 62.42 -2.86 16.35
CA TRP C 274 61.08 -2.31 16.26
C TRP C 274 61.33 -0.89 16.75
N ALA C 275 61.76 -0.05 15.80
CA ALA C 275 62.11 1.34 16.06
C ALA C 275 61.17 2.20 16.89
N THR C 276 59.90 1.83 16.97
CA THR C 276 58.93 2.59 17.73
C THR C 276 58.92 2.18 19.19
N TRP C 277 59.65 1.13 19.54
CA TRP C 277 59.68 0.67 20.93
C TRP C 277 61.07 0.72 21.55
N LYS C 278 62.08 0.48 20.72
CA LYS C 278 63.47 0.49 21.16
C LYS C 278 64.35 1.00 20.03
N THR C 279 65.46 1.62 20.41
CA THR C 279 66.42 2.14 19.44
C THR C 279 66.79 1.02 18.46
N ARG C 280 67.10 1.40 17.22
CA ARG C 280 67.46 0.41 16.21
C ARG C 280 68.72 -0.39 16.61
N TRP C 281 69.46 0.10 17.61
CA TRP C 281 70.66 -0.60 18.06
C TRP C 281 70.37 -1.50 19.28
N TYR C 282 69.10 -1.85 19.43
CA TYR C 282 68.65 -2.72 20.51
C TYR C 282 67.84 -3.85 19.86
N SER C 283 68.30 -5.09 20.06
CA SER C 283 67.65 -6.27 19.46
C SER C 283 66.83 -7.08 20.46
N MET C 284 65.58 -7.34 20.08
CA MET C 284 64.65 -8.09 20.92
C MET C 284 65.16 -9.45 21.39
N LYS C 285 64.68 -9.89 22.54
CA LYS C 285 65.06 -11.18 23.09
C LYS C 285 64.09 -12.24 22.57
N LYS C 286 62.82 -11.85 22.45
CA LYS C 286 61.79 -12.75 21.96
C LYS C 286 60.86 -12.02 21.01
N THR C 287 60.41 -12.74 20.00
CA THR C 287 59.53 -12.21 18.99
C THR C 287 58.46 -13.22 18.60
N THR C 288 57.25 -12.74 18.40
CA THR C 288 56.14 -13.62 18.01
C THR C 288 55.24 -12.90 17.00
N MET C 289 55.02 -13.52 15.85
CA MET C 289 54.13 -12.95 14.85
C MET C 289 53.00 -13.98 14.69
N LYS C 290 51.79 -13.61 15.09
CA LYS C 290 50.69 -14.53 15.02
C LYS C 290 49.44 -13.90 14.43
N ILE C 291 48.62 -14.70 13.75
CA ILE C 291 47.40 -14.20 13.14
C ILE C 291 46.16 -14.95 13.60
N ILE C 292 45.04 -14.26 13.57
CA ILE C 292 43.77 -14.81 14.01
C ILE C 292 42.67 -14.04 13.29
N PRO C 293 41.47 -14.63 13.16
CA PRO C 293 40.42 -13.88 12.48
C PRO C 293 40.16 -12.57 13.25
N PHE C 294 40.08 -11.46 12.51
CA PHE C 294 39.88 -10.15 13.11
C PHE C 294 38.71 -10.06 14.10
N ASN C 295 37.55 -10.55 13.70
CA ASN C 295 36.34 -10.51 14.53
C ASN C 295 36.59 -11.12 15.90
N ARG C 296 37.75 -11.73 16.07
CA ARG C 296 38.08 -12.39 17.31
C ARG C 296 38.68 -11.45 18.36
N LEU C 297 39.13 -10.27 17.93
CA LEU C 297 39.73 -9.31 18.85
C LEU C 297 38.71 -8.23 19.23
N THR C 298 37.94 -7.82 18.24
CA THR C 298 36.93 -6.78 18.41
C THR C 298 36.10 -6.98 19.69
N LYS D 4 -52.74 -23.29 -5.94
CA LYS D 4 -53.26 -22.82 -4.62
C LYS D 4 -52.08 -22.50 -3.70
N VAL D 5 -50.90 -22.90 -4.15
CA VAL D 5 -49.67 -22.67 -3.39
C VAL D 5 -49.05 -21.34 -3.83
N GLN D 6 -49.44 -20.88 -5.01
CA GLN D 6 -48.91 -19.65 -5.59
C GLN D 6 -49.97 -18.62 -5.95
N HIS D 7 -51.23 -18.91 -5.63
CA HIS D 7 -52.32 -17.98 -5.92
C HIS D 7 -52.15 -16.75 -5.06
N ILE D 8 -51.50 -16.94 -3.93
CA ILE D 8 -51.26 -15.87 -2.96
C ILE D 8 -50.30 -14.80 -3.46
N GLN D 9 -49.14 -15.22 -3.93
CA GLN D 9 -48.15 -14.28 -4.43
C GLN D 9 -48.65 -13.47 -5.62
N LEU D 10 -49.63 -14.02 -6.33
CA LEU D 10 -50.22 -13.34 -7.47
C LEU D 10 -51.36 -12.47 -6.97
N LEU D 11 -51.97 -12.89 -5.87
CA LEU D 11 -53.08 -12.14 -5.30
C LEU D 11 -52.59 -10.92 -4.55
N GLN D 12 -51.45 -11.04 -3.86
CA GLN D 12 -50.91 -9.89 -3.11
C GLN D 12 -50.27 -8.90 -4.08
N LYS D 13 -50.04 -9.35 -5.30
CA LYS D 13 -49.43 -8.52 -6.34
C LYS D 13 -50.54 -7.69 -7.00
N ASN D 14 -51.74 -8.26 -7.02
CA ASN D 14 -52.90 -7.61 -7.62
C ASN D 14 -53.51 -6.54 -6.71
N VAL D 15 -53.57 -6.82 -5.41
CA VAL D 15 -54.12 -5.87 -4.45
C VAL D 15 -53.12 -4.74 -4.27
N ARG D 16 -51.85 -5.05 -4.50
CA ARG D 16 -50.80 -4.06 -4.38
C ARG D 16 -51.06 -3.03 -5.47
N ALA D 17 -51.56 -3.52 -6.61
CA ALA D 17 -51.87 -2.68 -7.76
C ALA D 17 -53.23 -2.02 -7.64
N GLN D 18 -54.16 -2.71 -6.98
CA GLN D 18 -55.49 -2.14 -6.80
C GLN D 18 -55.43 -1.00 -5.79
N LEU D 19 -54.54 -1.09 -4.82
CA LEU D 19 -54.39 -0.03 -3.83
C LEU D 19 -53.99 1.24 -4.54
N VAL D 20 -52.94 1.13 -5.37
CA VAL D 20 -52.44 2.25 -6.15
C VAL D 20 -53.60 2.73 -7.02
N ASP D 21 -54.23 1.79 -7.71
CA ASP D 21 -55.34 2.10 -8.58
C ASP D 21 -56.41 2.91 -7.82
N MET D 22 -56.73 2.49 -6.60
CA MET D 22 -57.73 3.19 -5.79
C MET D 22 -57.25 4.54 -5.29
N LYS D 23 -55.99 4.62 -4.88
CA LYS D 23 -55.43 5.87 -4.38
C LYS D 23 -55.56 6.93 -5.49
N ARG D 24 -55.22 6.53 -6.71
CA ARG D 24 -55.32 7.44 -7.85
C ARG D 24 -56.77 7.80 -8.15
N LEU D 25 -57.66 6.82 -8.10
CA LEU D 25 -59.07 7.07 -8.36
C LEU D 25 -59.66 7.95 -7.26
N GLU D 26 -59.18 7.77 -6.04
CA GLU D 26 -59.63 8.56 -4.91
C GLU D 26 -59.20 10.01 -5.16
N VAL D 27 -57.92 10.19 -5.51
CA VAL D 27 -57.40 11.52 -5.75
C VAL D 27 -58.00 12.18 -6.98
N ASP D 28 -58.20 11.42 -8.05
CA ASP D 28 -58.79 11.98 -9.27
C ASP D 28 -60.20 12.48 -9.02
N ILE D 29 -60.94 11.82 -8.13
CA ILE D 29 -62.31 12.20 -7.82
C ILE D 29 -62.37 13.43 -6.92
N ASP D 30 -61.43 13.53 -5.99
CA ASP D 30 -61.39 14.68 -5.12
C ASP D 30 -61.17 15.93 -5.97
N ILE D 31 -60.26 15.83 -6.94
CA ILE D 31 -59.96 16.96 -7.82
C ILE D 31 -61.12 17.32 -8.71
N LYS D 32 -61.66 16.33 -9.42
CA LYS D 32 -62.77 16.61 -10.30
C LYS D 32 -64.01 17.14 -9.57
N ILE D 33 -64.34 16.56 -8.42
CA ILE D 33 -65.49 17.05 -7.70
C ILE D 33 -65.27 18.52 -7.34
N ARG D 34 -64.08 18.84 -6.84
CA ARG D 34 -63.76 20.21 -6.46
C ARG D 34 -63.84 21.17 -7.66
N SER D 35 -63.47 20.69 -8.84
CA SER D 35 -63.52 21.53 -10.04
C SER D 35 -64.97 21.80 -10.47
N CYS D 36 -65.94 21.25 -9.75
CA CYS D 36 -67.35 21.49 -10.07
C CYS D 36 -67.85 22.71 -9.30
N ARG D 37 -67.05 23.14 -8.33
CA ARG D 37 -67.36 24.30 -7.51
C ARG D 37 -67.51 25.52 -8.40
N GLY D 38 -66.77 25.53 -9.50
CA GLY D 38 -66.87 26.66 -10.42
C GLY D 38 -67.92 26.46 -11.50
N SER D 39 -68.66 25.36 -11.46
CA SER D 39 -69.69 25.12 -12.48
C SER D 39 -71.08 24.84 -11.95
N CYS D 40 -71.17 24.01 -10.93
CA CYS D 40 -72.46 23.63 -10.38
C CYS D 40 -72.87 24.40 -9.14
N SER D 41 -74.14 24.23 -8.74
CA SER D 41 -74.70 24.93 -7.59
C SER D 41 -73.76 24.93 -6.38
N ARG D 42 -73.02 23.85 -6.20
CA ARG D 42 -72.08 23.75 -5.09
C ARG D 42 -71.27 22.48 -5.24
N ALA D 43 -70.19 22.36 -4.48
CA ALA D 43 -69.37 21.16 -4.52
C ALA D 43 -69.50 20.48 -3.18
N LEU D 44 -69.45 19.15 -3.20
CA LEU D 44 -69.55 18.36 -2.00
C LEU D 44 -68.32 18.57 -1.12
N ALA D 45 -68.53 18.93 0.13
CA ALA D 45 -67.41 19.12 1.03
C ALA D 45 -66.96 17.71 1.38
N ARG D 46 -65.67 17.44 1.22
CA ARG D 46 -65.17 16.11 1.50
C ARG D 46 -63.71 16.11 1.88
N GLU D 47 -63.17 14.91 2.07
CA GLU D 47 -61.77 14.76 2.46
C GLU D 47 -61.29 13.43 1.88
N VAL D 48 -59.98 13.25 1.84
CA VAL D 48 -59.41 12.00 1.34
C VAL D 48 -58.50 11.41 2.39
N ASP D 49 -58.74 10.14 2.72
CA ASP D 49 -57.93 9.48 3.72
C ASP D 49 -56.68 8.86 3.11
N LEU D 50 -55.74 9.71 2.70
CA LEU D 50 -54.51 9.18 2.11
C LEU D 50 -53.81 8.31 3.13
N LYS D 51 -53.83 8.74 4.38
CA LYS D 51 -53.19 8.01 5.47
C LYS D 51 -53.59 6.54 5.48
N ASP D 52 -54.89 6.28 5.50
CA ASP D 52 -55.39 4.91 5.51
C ASP D 52 -54.84 4.13 4.32
N TYR D 53 -54.82 4.76 3.15
CA TYR D 53 -54.28 4.11 1.97
C TYR D 53 -52.79 3.83 2.18
N GLU D 54 -52.09 4.81 2.77
CA GLU D 54 -50.67 4.68 3.03
C GLU D 54 -50.37 3.55 4.00
N ASP D 55 -51.18 3.45 5.06
CA ASP D 55 -50.99 2.40 6.04
C ASP D 55 -51.26 1.03 5.45
N GLN D 56 -52.43 0.89 4.84
CA GLN D 56 -52.81 -0.39 4.24
C GLN D 56 -51.79 -0.93 3.26
N GLN D 57 -51.09 -0.06 2.54
CA GLN D 57 -50.10 -0.58 1.60
C GLN D 57 -48.75 -0.83 2.25
N LYS D 58 -48.52 -0.25 3.44
CA LYS D 58 -47.28 -0.49 4.18
C LYS D 58 -47.52 -1.85 4.82
N GLN D 59 -48.71 -1.99 5.37
CA GLN D 59 -49.17 -3.21 6.02
C GLN D 59 -49.08 -4.38 5.05
N LEU D 60 -49.21 -4.09 3.76
CA LEU D 60 -49.15 -5.12 2.73
C LEU D 60 -47.73 -5.55 2.41
N GLU D 61 -46.85 -4.57 2.18
CA GLU D 61 -45.45 -4.86 1.84
C GLU D 61 -44.71 -5.70 2.88
N GLN D 62 -45.16 -5.64 4.13
CA GLN D 62 -44.52 -6.41 5.20
C GLN D 62 -44.84 -7.89 4.98
N VAL D 63 -46.10 -8.18 4.71
CA VAL D 63 -46.54 -9.56 4.47
C VAL D 63 -45.93 -10.10 3.18
N ILE D 64 -45.61 -9.21 2.25
CA ILE D 64 -45.01 -9.60 0.98
C ILE D 64 -43.50 -9.80 1.16
N ALA D 65 -43.12 -10.38 2.30
CA ALA D 65 -41.71 -10.63 2.59
C ALA D 65 -41.55 -11.60 3.76
N LYS D 66 -42.55 -12.46 3.95
CA LYS D 66 -42.51 -13.44 5.03
C LYS D 66 -42.48 -14.87 4.48
N SER E 11 -46.81 -23.72 6.17
CA SER E 11 -48.10 -22.97 6.25
C SER E 11 -48.18 -22.16 7.54
N ASN E 12 -47.01 -21.79 8.05
CA ASN E 12 -46.90 -21.02 9.28
C ASN E 12 -47.66 -19.69 9.21
N ILE E 13 -47.03 -18.71 8.58
CA ILE E 13 -47.61 -17.38 8.44
C ILE E 13 -48.51 -17.14 7.23
N PRO E 14 -48.44 -17.99 6.19
CA PRO E 14 -49.33 -17.73 5.06
C PRO E 14 -50.78 -17.71 5.51
N THR E 15 -51.06 -18.47 6.55
CA THR E 15 -52.41 -18.53 7.12
C THR E 15 -52.69 -17.12 7.63
N ASN E 16 -51.65 -16.48 8.15
CA ASN E 16 -51.75 -15.13 8.69
C ASN E 16 -51.79 -14.10 7.57
N LEU E 17 -52.36 -14.47 6.44
CA LEU E 17 -52.49 -13.55 5.31
C LEU E 17 -53.97 -13.27 5.08
N ARG E 18 -54.58 -12.73 6.12
CA ARG E 18 -55.98 -12.34 6.11
C ARG E 18 -55.96 -10.83 5.93
N VAL E 19 -54.75 -10.27 5.82
CA VAL E 19 -54.61 -8.84 5.62
C VAL E 19 -55.19 -8.55 4.25
N LEU E 20 -55.03 -9.51 3.34
CA LEU E 20 -55.56 -9.35 1.99
C LEU E 20 -57.08 -9.23 2.09
N ARG E 21 -57.68 -10.09 2.90
CA ARG E 21 -59.13 -10.07 3.08
C ARG E 21 -59.54 -8.74 3.72
N SER E 22 -58.65 -8.20 4.55
CA SER E 22 -58.91 -6.95 5.23
C SER E 22 -58.88 -5.79 4.23
N ILE E 23 -57.77 -5.67 3.51
CA ILE E 23 -57.61 -4.61 2.52
C ILE E 23 -58.73 -4.67 1.48
N LEU E 24 -58.91 -5.83 0.84
CA LEU E 24 -59.94 -6.01 -0.17
C LEU E 24 -61.27 -5.48 0.32
N GLU E 25 -61.65 -5.84 1.53
CA GLU E 25 -62.92 -5.39 2.08
C GLU E 25 -62.88 -3.89 2.34
N ASN E 26 -61.76 -3.42 2.88
CA ASN E 26 -61.61 -1.98 3.15
C ASN E 26 -61.86 -1.22 1.86
N LEU E 27 -61.26 -1.69 0.78
CA LEU E 27 -61.40 -1.06 -0.52
C LEU E 27 -62.80 -1.20 -1.09
N ARG E 28 -63.42 -2.36 -0.91
CA ARG E 28 -64.78 -2.56 -1.41
C ARG E 28 -65.67 -1.48 -0.80
N SER E 29 -65.39 -1.17 0.46
CA SER E 29 -66.14 -0.16 1.18
C SER E 29 -65.82 1.23 0.61
N LYS E 30 -64.54 1.51 0.38
CA LYS E 30 -64.09 2.79 -0.18
C LYS E 30 -64.82 3.09 -1.49
N ILE E 31 -65.01 2.05 -2.30
CA ILE E 31 -65.68 2.20 -3.57
C ILE E 31 -67.13 2.68 -3.46
N GLN E 32 -67.89 2.08 -2.55
CA GLN E 32 -69.29 2.48 -2.39
C GLN E 32 -69.35 3.91 -1.87
N LYS E 33 -68.33 4.32 -1.11
CA LYS E 33 -68.25 5.68 -0.58
C LYS E 33 -68.00 6.64 -1.76
N LEU E 34 -67.02 6.30 -2.59
CA LEU E 34 -66.70 7.12 -3.75
C LEU E 34 -67.91 7.20 -4.66
N GLU E 35 -68.65 6.10 -4.78
CA GLU E 35 -69.85 6.07 -5.61
C GLU E 35 -70.90 7.03 -5.08
N SER E 36 -70.98 7.16 -3.75
CA SER E 36 -71.96 8.04 -3.12
C SER E 36 -71.63 9.50 -3.32
N ASP E 37 -70.34 9.83 -3.29
CA ASP E 37 -69.89 11.20 -3.48
C ASP E 37 -70.16 11.64 -4.92
N VAL E 38 -69.68 10.84 -5.87
CA VAL E 38 -69.85 11.16 -7.28
C VAL E 38 -71.33 11.33 -7.59
N SER E 39 -72.13 10.44 -7.02
CA SER E 39 -73.57 10.49 -7.22
C SER E 39 -74.14 11.80 -6.66
N ALA E 40 -73.68 12.19 -5.48
CA ALA E 40 -74.16 13.42 -4.85
C ALA E 40 -73.76 14.64 -5.68
N GLN E 41 -72.50 14.71 -6.09
CA GLN E 41 -72.02 15.84 -6.87
C GLN E 41 -72.79 15.92 -8.19
N MET E 42 -73.09 14.76 -8.75
CA MET E 42 -73.83 14.70 -10.00
C MET E 42 -75.18 15.41 -9.80
N GLU E 43 -75.77 15.24 -8.61
CA GLU E 43 -77.04 15.87 -8.29
C GLU E 43 -76.90 17.39 -8.19
N TYR E 44 -75.81 17.84 -7.59
CA TYR E 44 -75.57 19.26 -7.42
C TYR E 44 -75.43 19.93 -8.76
N CYS E 45 -74.89 19.18 -9.72
CA CYS E 45 -74.68 19.71 -11.07
C CYS E 45 -75.93 19.74 -11.91
N ARG E 46 -77.06 19.33 -11.35
CA ARG E 46 -78.31 19.39 -12.08
C ARG E 46 -78.71 20.86 -12.15
N THR E 47 -77.95 21.68 -11.41
CA THR E 47 -78.16 23.12 -11.33
C THR E 47 -76.78 23.78 -11.33
N PRO E 48 -76.63 24.91 -12.03
CA PRO E 48 -75.34 25.62 -12.10
C PRO E 48 -75.10 26.67 -11.03
N CYS E 49 -73.86 27.13 -10.91
CA CYS E 49 -73.56 28.19 -9.98
C CYS E 49 -73.92 29.46 -10.74
N THR E 50 -74.17 30.54 -10.02
CA THR E 50 -74.52 31.78 -10.69
C THR E 50 -73.89 32.96 -10.00
N VAL E 51 -73.69 34.03 -10.77
CA VAL E 51 -73.14 35.25 -10.23
C VAL E 51 -73.96 36.36 -10.84
N SER E 52 -73.77 37.56 -10.31
CA SER E 52 -74.44 38.75 -10.80
C SER E 52 -73.36 39.81 -10.71
N CYS E 53 -72.64 40.00 -11.80
CA CYS E 53 -71.55 40.96 -11.80
C CYS E 53 -71.89 42.24 -12.52
N ASN E 54 -72.56 43.14 -11.82
CA ASN E 54 -72.91 44.41 -12.42
C ASN E 54 -71.59 45.06 -12.85
N ILE E 55 -71.60 45.65 -14.03
CA ILE E 55 -70.40 46.26 -14.56
C ILE E 55 -70.12 47.67 -14.09
N PRO E 56 -68.86 47.93 -13.68
CA PRO E 56 -68.41 49.23 -13.20
C PRO E 56 -68.42 50.19 -14.40
N VAL E 57 -68.92 51.40 -14.19
CA VAL E 57 -68.99 52.38 -15.26
C VAL E 57 -67.64 52.58 -15.96
N VAL E 58 -66.61 52.86 -15.17
CA VAL E 58 -65.29 53.12 -15.74
C VAL E 58 -64.68 51.92 -16.45
N SER E 59 -64.09 52.19 -17.61
CA SER E 59 -63.45 51.19 -18.44
C SER E 59 -62.21 51.76 -19.16
N GLY E 60 -61.48 50.90 -19.87
CA GLY E 60 -60.28 51.33 -20.58
C GLY E 60 -59.59 50.23 -21.36
N LYS E 61 -58.44 50.51 -21.95
CA LYS E 61 -57.70 49.52 -22.74
C LYS E 61 -57.39 48.29 -21.90
N GLU E 62 -57.03 48.55 -20.64
CA GLU E 62 -56.71 47.50 -19.68
C GLU E 62 -56.69 48.08 -18.27
N CYS E 63 -56.38 47.24 -17.28
CA CYS E 63 -56.38 47.66 -15.88
C CYS E 63 -55.47 48.83 -15.46
N GLU E 64 -54.37 49.07 -16.14
CA GLU E 64 -53.50 50.19 -15.77
C GLU E 64 -54.18 51.49 -16.19
N GLU E 65 -54.81 51.49 -17.37
CA GLU E 65 -55.48 52.70 -17.79
C GLU E 65 -56.66 52.93 -16.86
N ILE E 66 -57.33 51.86 -16.47
CA ILE E 66 -58.48 52.00 -15.59
C ILE E 66 -58.10 52.63 -14.25
N ILE E 67 -57.03 52.16 -13.62
CA ILE E 67 -56.66 52.77 -12.35
C ILE E 67 -56.28 54.24 -12.57
N ARG E 68 -55.71 54.57 -13.71
CA ARG E 68 -55.36 55.96 -13.97
C ARG E 68 -56.64 56.76 -14.18
N LYS E 69 -57.72 56.05 -14.49
CA LYS E 69 -59.02 56.68 -14.71
C LYS E 69 -59.87 56.69 -13.43
N GLY E 70 -59.25 56.44 -12.28
CA GLY E 70 -60.02 56.46 -11.04
C GLY E 70 -60.57 55.17 -10.46
N GLY E 71 -60.40 54.05 -11.15
CA GLY E 71 -60.90 52.79 -10.63
C GLY E 71 -59.94 52.28 -9.56
N GLU E 72 -60.21 52.68 -8.31
CA GLU E 72 -59.37 52.34 -7.16
C GLU E 72 -59.52 50.94 -6.57
N THR E 73 -60.63 50.28 -6.87
CA THR E 73 -60.88 48.98 -6.28
C THR E 73 -60.68 47.75 -7.14
N SER E 74 -60.19 46.69 -6.49
CA SER E 74 -59.95 45.42 -7.15
C SER E 74 -61.30 44.71 -7.31
N GLU E 75 -61.69 44.48 -8.56
CA GLU E 75 -62.95 43.81 -8.84
C GLU E 75 -62.96 43.56 -10.34
N MET E 76 -64.06 43.01 -10.84
CA MET E 76 -64.15 42.72 -12.26
C MET E 76 -64.43 44.02 -13.03
N TYR E 77 -63.70 44.21 -14.12
CA TYR E 77 -63.93 45.38 -14.96
C TYR E 77 -64.03 44.89 -16.39
N LEU E 78 -64.57 45.76 -17.24
CA LEU E 78 -64.71 45.46 -18.64
C LEU E 78 -63.60 46.23 -19.34
N ILE E 79 -62.87 45.60 -20.27
CA ILE E 79 -61.82 46.30 -20.97
C ILE E 79 -61.91 46.08 -22.47
N GLN E 80 -61.24 46.94 -23.23
CA GLN E 80 -61.24 46.84 -24.68
C GLN E 80 -59.88 47.30 -25.20
N PRO E 81 -58.90 46.39 -25.19
CA PRO E 81 -57.52 46.61 -25.64
C PRO E 81 -57.48 47.29 -27.00
N ASP E 82 -58.27 46.77 -27.93
CA ASP E 82 -58.36 47.28 -29.30
C ASP E 82 -59.81 47.45 -29.75
N SER E 83 -60.11 48.59 -30.36
CA SER E 83 -61.47 48.88 -30.83
C SER E 83 -62.04 47.88 -31.83
N SER E 84 -61.20 47.04 -32.41
CA SER E 84 -61.68 46.05 -33.36
C SER E 84 -62.01 44.75 -32.65
N VAL E 85 -61.69 44.70 -31.36
CA VAL E 85 -61.97 43.52 -30.54
C VAL E 85 -63.26 43.78 -29.77
N LYS E 86 -63.85 42.71 -29.23
CA LYS E 86 -65.07 42.86 -28.45
C LYS E 86 -64.70 43.13 -27.00
N PRO E 87 -65.28 44.18 -26.39
CA PRO E 87 -64.97 44.50 -24.98
C PRO E 87 -65.15 43.24 -24.13
N TYR E 88 -64.24 42.97 -23.21
CA TYR E 88 -64.37 41.78 -22.38
C TYR E 88 -64.06 41.95 -20.90
N ARG E 89 -64.56 41.02 -20.10
CA ARG E 89 -64.37 41.04 -18.65
C ARG E 89 -63.02 40.51 -18.17
N VAL E 90 -62.48 41.16 -17.15
CA VAL E 90 -61.20 40.75 -16.60
C VAL E 90 -61.18 41.19 -15.15
N TYR E 91 -60.34 40.55 -14.32
CA TYR E 91 -60.26 40.96 -12.94
C TYR E 91 -59.04 41.88 -12.83
N CYS E 92 -59.23 43.04 -12.21
CA CYS E 92 -58.14 43.98 -12.03
C CYS E 92 -57.67 44.03 -10.57
N ASP E 93 -56.40 43.76 -10.34
CA ASP E 93 -55.84 43.83 -9.00
C ASP E 93 -55.31 45.25 -8.90
N MET E 94 -56.05 46.11 -8.22
CA MET E 94 -55.65 47.51 -8.09
C MET E 94 -54.91 47.81 -6.79
N ASN E 95 -54.47 46.77 -6.10
CA ASN E 95 -53.79 46.99 -4.85
C ASN E 95 -52.35 46.51 -4.78
N THR E 96 -52.08 45.35 -5.34
CA THR E 96 -50.74 44.79 -5.32
C THR E 96 -49.72 45.67 -6.05
N GLU E 97 -48.67 46.06 -5.33
CA GLU E 97 -47.60 46.89 -5.89
C GLU E 97 -48.09 47.99 -6.82
N ASN E 98 -48.86 48.91 -6.24
CA ASN E 98 -49.43 50.06 -6.95
C ASN E 98 -50.53 49.78 -7.95
N GLY E 99 -51.04 48.55 -7.96
CA GLY E 99 -52.14 48.20 -8.84
C GLY E 99 -51.96 48.29 -10.35
N GLY E 100 -53.09 48.33 -11.06
CA GLY E 100 -53.06 48.40 -12.51
C GLY E 100 -52.75 47.06 -13.14
N TRP E 101 -52.89 46.00 -12.34
CA TRP E 101 -52.62 44.64 -12.79
C TRP E 101 -53.82 43.93 -13.41
N THR E 102 -53.63 43.44 -14.62
CA THR E 102 -54.66 42.70 -15.32
C THR E 102 -54.40 41.21 -15.08
N VAL E 103 -55.28 40.56 -14.32
CA VAL E 103 -55.13 39.14 -14.03
C VAL E 103 -55.34 38.31 -15.28
N ILE E 104 -54.34 37.49 -15.60
CA ILE E 104 -54.36 36.64 -16.79
C ILE E 104 -54.54 35.15 -16.45
N GLN E 105 -54.29 34.82 -15.20
CA GLN E 105 -54.41 33.44 -14.72
C GLN E 105 -54.52 33.45 -13.19
N ASN E 106 -55.41 32.63 -12.64
CA ASN E 106 -55.59 32.60 -11.19
C ASN E 106 -56.01 31.25 -10.63
N ARG E 107 -55.25 30.78 -9.65
CA ARG E 107 -55.55 29.52 -8.98
C ARG E 107 -55.70 29.87 -7.49
N GLN E 108 -56.62 29.20 -6.79
CA GLN E 108 -56.81 29.52 -5.37
C GLN E 108 -57.67 28.51 -4.57
N ASP E 109 -58.45 27.70 -5.25
CA ASP E 109 -59.31 26.74 -4.55
C ASP E 109 -59.69 25.50 -5.37
N GLY E 110 -59.11 25.37 -6.57
CA GLY E 110 -59.42 24.22 -7.41
C GLY E 110 -60.86 24.17 -7.90
N SER E 111 -61.51 25.31 -7.93
CA SER E 111 -62.91 25.38 -8.38
C SER E 111 -63.09 25.20 -9.88
N VAL E 112 -62.00 25.29 -10.64
CA VAL E 112 -62.08 25.16 -12.10
C VAL E 112 -61.09 24.15 -12.69
N ASP E 113 -61.55 23.39 -13.68
CA ASP E 113 -60.69 22.40 -14.30
C ASP E 113 -59.74 23.02 -15.31
N PHE E 114 -58.44 22.82 -15.12
CA PHE E 114 -57.46 23.40 -16.05
C PHE E 114 -56.95 22.41 -17.08
N GLY E 115 -57.35 21.16 -16.96
CA GLY E 115 -56.91 20.15 -17.91
C GLY E 115 -57.78 20.20 -19.15
N ARG E 116 -57.69 21.29 -19.89
CA ARG E 116 -58.51 21.45 -21.08
C ARG E 116 -57.71 21.37 -22.38
N LYS E 117 -58.44 21.34 -23.49
CA LYS E 117 -57.82 21.26 -24.80
C LYS E 117 -57.40 22.62 -25.32
N TRP E 118 -56.84 22.61 -26.52
CA TRP E 118 -56.35 23.80 -27.18
C TRP E 118 -57.43 24.88 -27.35
N ASP E 119 -58.60 24.50 -27.84
CA ASP E 119 -59.64 25.49 -28.05
C ASP E 119 -59.98 26.28 -26.80
N PRO E 120 -60.21 25.60 -25.66
CA PRO E 120 -60.53 26.37 -24.46
C PRO E 120 -59.36 27.25 -24.02
N TYR E 121 -58.13 26.78 -24.24
CA TYR E 121 -56.99 27.60 -23.87
C TYR E 121 -56.84 28.81 -24.78
N LYS E 122 -57.24 28.67 -26.03
CA LYS E 122 -57.18 29.78 -26.99
C LYS E 122 -58.32 30.77 -26.70
N GLN E 123 -59.49 30.25 -26.33
CA GLN E 123 -60.65 31.09 -26.04
C GLN E 123 -60.67 31.69 -24.64
N GLY E 124 -60.18 30.93 -23.66
CA GLY E 124 -60.20 31.37 -22.28
C GLY E 124 -61.30 30.60 -21.57
N PHE E 125 -61.17 30.39 -20.27
CA PHE E 125 -62.20 29.65 -19.54
C PHE E 125 -62.10 29.92 -18.05
N GLY E 126 -63.14 29.50 -17.32
CA GLY E 126 -63.17 29.68 -15.88
C GLY E 126 -64.05 30.84 -15.50
N ASN E 127 -63.93 31.28 -14.25
CA ASN E 127 -64.72 32.40 -13.76
C ASN E 127 -63.80 33.58 -13.53
N VAL E 128 -64.17 34.73 -14.08
CA VAL E 128 -63.35 35.91 -13.89
C VAL E 128 -63.53 36.41 -12.45
N ALA E 129 -64.78 36.45 -11.99
CA ALA E 129 -65.06 36.95 -10.66
C ALA E 129 -66.40 36.46 -10.10
N THR E 130 -66.59 36.65 -8.80
CA THR E 130 -67.81 36.25 -8.13
C THR E 130 -68.20 37.35 -7.17
N ASN E 131 -69.43 37.28 -6.68
CA ASN E 131 -69.92 38.29 -5.74
C ASN E 131 -69.28 38.27 -4.37
N THR E 132 -68.93 39.47 -3.89
CA THR E 132 -68.36 39.63 -2.57
C THR E 132 -69.60 39.48 -1.70
N ASP E 133 -69.48 38.81 -0.55
CA ASP E 133 -70.61 38.61 0.36
C ASP E 133 -71.97 38.96 -0.27
N GLY E 134 -72.61 40.01 0.25
CA GLY E 134 -73.88 40.46 -0.26
C GLY E 134 -73.78 41.82 -0.93
N LYS E 135 -72.94 41.91 -1.96
CA LYS E 135 -72.75 43.15 -2.71
C LYS E 135 -73.26 42.96 -4.14
N ASN E 136 -73.62 44.05 -4.81
CA ASN E 136 -74.12 43.94 -6.18
C ASN E 136 -73.00 43.79 -7.21
N TYR E 137 -71.75 43.89 -6.78
CA TYR E 137 -70.61 43.75 -7.70
C TYR E 137 -69.67 42.59 -7.32
N CYS E 138 -69.00 42.03 -8.32
CA CYS E 138 -68.08 40.93 -8.10
C CYS E 138 -66.65 41.41 -7.81
N GLY E 139 -66.34 41.51 -6.52
CA GLY E 139 -65.02 41.98 -6.10
C GLY E 139 -64.03 40.86 -5.78
N LEU E 140 -64.46 39.63 -5.95
CA LEU E 140 -63.59 38.48 -5.70
C LEU E 140 -63.28 37.78 -7.03
N PRO E 141 -62.00 37.49 -7.28
CA PRO E 141 -61.65 36.81 -8.53
C PRO E 141 -61.98 35.33 -8.43
N GLY E 142 -62.21 34.70 -9.57
CA GLY E 142 -62.50 33.27 -9.58
C GLY E 142 -61.26 32.63 -10.17
N GLU E 143 -61.30 31.33 -10.44
CA GLU E 143 -60.14 30.69 -11.06
C GLU E 143 -60.33 30.76 -12.56
N TYR E 144 -59.33 31.22 -13.29
CA TYR E 144 -59.49 31.28 -14.74
C TYR E 144 -58.23 31.51 -15.55
N TRP E 145 -58.40 31.35 -16.86
CA TRP E 145 -57.35 31.56 -17.83
C TRP E 145 -57.99 32.55 -18.79
N LEU E 146 -57.42 33.74 -18.90
CA LEU E 146 -58.02 34.75 -19.76
C LEU E 146 -58.21 34.27 -21.20
N GLY E 147 -57.18 33.61 -21.76
CA GLY E 147 -57.28 33.11 -23.12
C GLY E 147 -56.06 33.50 -23.95
N ASN E 148 -55.42 32.51 -24.58
CA ASN E 148 -54.23 32.75 -25.39
C ASN E 148 -54.31 33.92 -26.38
N ASP E 149 -55.46 34.08 -27.05
CA ASP E 149 -55.59 35.19 -28.00
C ASP E 149 -55.60 36.52 -27.27
N LYS E 150 -56.41 36.62 -26.22
CA LYS E 150 -56.48 37.87 -25.45
C LYS E 150 -55.14 38.17 -24.80
N ILE E 151 -54.45 37.14 -24.35
CA ILE E 151 -53.15 37.32 -23.70
C ILE E 151 -52.14 37.80 -24.74
N SER E 152 -52.10 37.12 -25.89
CA SER E 152 -51.17 37.48 -26.95
C SER E 152 -51.38 38.93 -27.34
N GLN E 153 -52.63 39.30 -27.58
CA GLN E 153 -52.97 40.67 -27.98
C GLN E 153 -52.58 41.71 -26.92
N LEU E 154 -52.82 41.40 -25.65
CA LEU E 154 -52.48 42.34 -24.59
C LEU E 154 -50.98 42.58 -24.50
N THR E 155 -50.20 41.50 -24.54
CA THR E 155 -48.76 41.60 -24.42
C THR E 155 -48.07 42.31 -25.56
N ARG E 156 -48.68 42.30 -26.74
CA ARG E 156 -48.06 42.93 -27.89
C ARG E 156 -48.57 44.34 -28.18
N MET E 157 -49.33 44.91 -27.24
CA MET E 157 -49.82 46.27 -27.40
C MET E 157 -48.64 47.21 -27.16
N GLY E 158 -47.67 46.74 -26.39
CA GLY E 158 -46.50 47.52 -26.06
C GLY E 158 -45.73 46.82 -24.96
N PRO E 159 -44.65 47.41 -24.45
CA PRO E 159 -43.88 46.75 -23.38
C PRO E 159 -44.82 46.31 -22.26
N THR E 160 -44.69 45.06 -21.85
CA THR E 160 -45.54 44.51 -20.80
C THR E 160 -44.73 43.72 -19.78
N GLU E 161 -45.04 43.94 -18.49
CA GLU E 161 -44.35 43.21 -17.42
C GLU E 161 -45.30 42.13 -16.89
N LEU E 162 -44.72 41.07 -16.33
CA LEU E 162 -45.48 39.94 -15.81
C LEU E 162 -45.20 39.74 -14.34
N LEU E 163 -46.26 39.51 -13.58
CA LEU E 163 -46.14 39.30 -12.13
C LEU E 163 -46.81 38.00 -11.76
N ILE E 164 -46.00 37.02 -11.35
CA ILE E 164 -46.53 35.73 -10.95
C ILE E 164 -46.44 35.61 -9.43
N GLU E 165 -47.54 35.29 -8.77
CA GLU E 165 -47.52 35.15 -7.32
C GLU E 165 -47.98 33.77 -6.90
N MET E 166 -47.47 33.31 -5.76
CA MET E 166 -47.85 31.99 -5.26
C MET E 166 -47.77 31.88 -3.75
N GLU E 167 -48.50 30.91 -3.20
CA GLU E 167 -48.54 30.70 -1.76
C GLU E 167 -48.58 29.20 -1.50
N ASP E 168 -47.82 28.72 -0.51
CA ASP E 168 -47.85 27.29 -0.19
C ASP E 168 -48.96 27.00 0.83
N TRP E 169 -49.13 25.73 1.19
CA TRP E 169 -50.20 25.40 2.13
C TRP E 169 -49.88 25.72 3.58
N LYS E 170 -48.86 26.55 3.79
CA LYS E 170 -48.47 26.97 5.12
C LYS E 170 -48.69 28.48 5.24
N GLY E 171 -49.02 29.12 4.11
CA GLY E 171 -49.26 30.55 4.14
C GLY E 171 -48.10 31.41 3.66
N ASP E 172 -46.96 30.80 3.39
CA ASP E 172 -45.81 31.55 2.90
C ASP E 172 -46.00 31.85 1.42
N LYS E 173 -45.47 32.98 0.98
CA LYS E 173 -45.60 33.34 -0.42
C LYS E 173 -44.34 33.98 -1.01
N VAL E 174 -44.14 33.75 -2.30
CA VAL E 174 -43.02 34.32 -3.03
C VAL E 174 -43.56 34.80 -4.37
N LYS E 175 -42.70 35.40 -5.18
CA LYS E 175 -43.13 35.91 -6.47
C LYS E 175 -42.00 35.95 -7.50
N ALA E 176 -42.40 35.87 -8.75
CA ALA E 176 -41.47 35.93 -9.87
C ALA E 176 -41.95 37.11 -10.68
N HIS E 177 -41.03 38.02 -10.97
CA HIS E 177 -41.30 39.23 -11.72
C HIS E 177 -40.53 39.20 -13.05
N TYR E 178 -41.23 39.46 -14.15
CA TYR E 178 -40.57 39.49 -15.46
C TYR E 178 -40.84 40.83 -16.11
N GLY E 179 -39.80 41.67 -16.14
CA GLY E 179 -39.91 43.01 -16.71
C GLY E 179 -40.44 43.05 -18.13
N GLY E 180 -40.17 41.99 -18.88
CA GLY E 180 -40.64 41.88 -20.25
C GLY E 180 -41.35 40.56 -20.44
N PHE E 181 -42.47 40.58 -21.16
CA PHE E 181 -43.27 39.39 -21.37
C PHE E 181 -44.03 39.52 -22.68
N THR E 182 -43.92 38.50 -23.52
CA THR E 182 -44.58 38.49 -24.82
C THR E 182 -45.11 37.11 -25.20
N VAL E 183 -46.28 37.10 -25.83
CA VAL E 183 -46.90 35.86 -26.30
C VAL E 183 -47.32 36.11 -27.74
N GLN E 184 -46.75 35.33 -28.66
CA GLN E 184 -47.08 35.51 -30.07
C GLN E 184 -48.49 34.99 -30.37
N ASN E 185 -48.94 35.21 -31.60
CA ASN E 185 -50.28 34.77 -32.00
C ASN E 185 -50.36 33.26 -32.19
N GLU E 186 -51.57 32.77 -32.49
CA GLU E 186 -51.76 31.36 -32.67
C GLU E 186 -50.90 30.78 -33.79
N ALA E 187 -50.84 31.48 -34.92
CA ALA E 187 -50.03 31.02 -36.06
C ALA E 187 -48.63 30.69 -35.55
N ASN E 188 -48.15 31.49 -34.60
CA ASN E 188 -46.83 31.29 -34.02
C ASN E 188 -46.88 30.41 -32.77
N LYS E 189 -47.97 29.68 -32.60
CA LYS E 189 -48.11 28.77 -31.47
C LYS E 189 -47.95 29.46 -30.10
N TYR E 190 -48.44 30.70 -30.02
CA TYR E 190 -48.41 31.50 -28.80
C TYR E 190 -47.06 31.44 -28.10
N GLN E 191 -45.99 31.47 -28.88
CA GLN E 191 -44.64 31.41 -28.32
C GLN E 191 -44.43 32.46 -27.23
N ILE E 192 -43.75 32.05 -26.17
CA ILE E 192 -43.50 32.95 -25.04
C ILE E 192 -42.07 33.46 -24.94
N SER E 193 -41.97 34.70 -24.45
CA SER E 193 -40.68 35.35 -24.25
C SER E 193 -40.75 36.17 -22.98
N VAL E 194 -39.78 35.96 -22.09
CA VAL E 194 -39.71 36.69 -20.82
C VAL E 194 -38.26 37.05 -20.50
N ASN E 195 -38.05 38.25 -19.95
CA ASN E 195 -36.72 38.71 -19.56
C ASN E 195 -36.85 39.63 -18.34
N LYS E 196 -35.73 40.22 -17.93
CA LYS E 196 -35.70 41.13 -16.78
C LYS E 196 -36.38 40.54 -15.54
N TYR E 197 -35.89 39.38 -15.11
CA TYR E 197 -36.44 38.70 -13.95
C TYR E 197 -35.89 39.24 -12.63
N ARG E 198 -36.72 39.11 -11.59
CA ARG E 198 -36.37 39.49 -10.22
C ARG E 198 -37.47 38.89 -9.35
N GLY E 199 -37.15 38.60 -8.10
CA GLY E 199 -38.15 38.01 -7.24
C GLY E 199 -37.62 37.05 -6.21
N THR E 200 -38.52 36.25 -5.64
CA THR E 200 -38.17 35.30 -4.61
C THR E 200 -38.51 33.84 -4.92
N ALA E 201 -39.25 33.62 -6.00
CA ALA E 201 -39.63 32.25 -6.35
C ALA E 201 -38.53 31.49 -7.06
N GLY E 202 -37.63 32.22 -7.70
CA GLY E 202 -36.57 31.58 -8.45
C GLY E 202 -36.98 31.66 -9.91
N ASN E 203 -36.04 31.98 -10.78
CA ASN E 203 -36.28 32.13 -12.20
C ASN E 203 -36.50 30.82 -12.95
N ALA E 204 -37.64 30.19 -12.70
CA ALA E 204 -37.98 28.94 -13.33
C ALA E 204 -38.17 29.06 -14.84
N LEU E 205 -38.79 30.14 -15.28
CA LEU E 205 -39.05 30.36 -16.70
C LEU E 205 -37.82 30.49 -17.62
N MET E 206 -36.80 31.24 -17.18
CA MET E 206 -35.60 31.47 -17.97
C MET E 206 -34.43 30.51 -17.73
N ASP E 207 -34.30 29.98 -16.51
CA ASP E 207 -33.18 29.09 -16.22
C ASP E 207 -33.51 27.64 -15.99
N GLY E 208 -34.79 27.32 -15.84
CA GLY E 208 -35.15 25.94 -15.59
C GLY E 208 -35.00 25.65 -14.12
N ALA E 209 -35.28 24.42 -13.73
CA ALA E 209 -35.24 24.00 -12.32
C ALA E 209 -33.84 23.97 -11.70
N SER E 210 -33.70 24.61 -10.55
CA SER E 210 -32.43 24.65 -9.84
C SER E 210 -31.98 23.29 -9.31
N GLN E 211 -32.91 22.34 -9.20
CA GLN E 211 -32.59 20.99 -8.72
C GLN E 211 -31.83 20.22 -9.79
N LEU E 212 -32.24 20.40 -11.04
CA LEU E 212 -31.63 19.72 -12.17
C LEU E 212 -30.26 20.30 -12.56
N MET E 213 -29.41 19.43 -13.08
CA MET E 213 -28.07 19.81 -13.50
C MET E 213 -27.85 19.65 -15.01
N GLY E 214 -26.87 20.38 -15.54
CA GLY E 214 -26.54 20.30 -16.95
C GLY E 214 -27.67 20.48 -17.94
N GLU E 215 -27.64 19.70 -19.02
CA GLU E 215 -28.67 19.81 -20.04
C GLU E 215 -30.05 19.46 -19.49
N ASN E 216 -30.11 18.74 -18.37
CA ASN E 216 -31.41 18.40 -17.79
C ASN E 216 -32.08 19.67 -17.29
N ARG E 217 -31.30 20.63 -16.81
CA ARG E 217 -31.89 21.88 -16.33
C ARG E 217 -32.41 22.70 -17.51
N THR E 218 -31.56 22.87 -18.51
CA THR E 218 -31.94 23.66 -19.65
C THR E 218 -33.14 23.11 -20.42
N MET E 219 -33.37 21.80 -20.36
CA MET E 219 -34.52 21.26 -21.06
C MET E 219 -35.82 21.52 -20.30
N THR E 220 -35.73 22.25 -19.19
CA THR E 220 -36.92 22.62 -18.42
C THR E 220 -37.15 24.13 -18.50
N ILE E 221 -36.42 24.80 -19.40
CA ILE E 221 -36.55 26.24 -19.61
C ILE E 221 -37.84 26.52 -20.40
N HIS E 222 -38.63 27.47 -19.93
CA HIS E 222 -39.90 27.81 -20.56
C HIS E 222 -39.77 28.98 -21.50
N ASN E 223 -38.78 29.81 -21.24
CA ASN E 223 -38.54 30.96 -22.07
C ASN E 223 -38.31 30.51 -23.50
N GLY E 224 -39.09 31.04 -24.43
CA GLY E 224 -38.94 30.68 -25.82
C GLY E 224 -39.71 29.45 -26.28
N MET E 225 -40.42 28.80 -25.36
CA MET E 225 -41.19 27.62 -25.74
C MET E 225 -42.51 27.96 -26.41
N PHE E 226 -43.13 26.94 -27.03
CA PHE E 226 -44.42 27.08 -27.67
C PHE E 226 -45.44 26.57 -26.66
N PHE E 227 -46.72 26.81 -26.93
CA PHE E 227 -47.76 26.36 -26.02
C PHE E 227 -48.28 24.97 -26.39
N SER E 228 -48.54 24.16 -25.38
CA SER E 228 -49.07 22.82 -25.62
C SER E 228 -50.27 22.48 -24.75
N THR E 229 -51.14 21.63 -25.28
CA THR E 229 -52.31 21.15 -24.55
C THR E 229 -52.28 19.65 -24.79
N TYR E 230 -53.05 18.88 -24.01
CA TYR E 230 -53.01 17.44 -24.21
C TYR E 230 -53.48 16.97 -25.57
N ASP E 231 -54.12 17.86 -26.34
CA ASP E 231 -54.59 17.50 -27.68
C ASP E 231 -53.85 18.28 -28.78
N ARG E 232 -52.73 18.92 -28.42
CA ARG E 232 -51.94 19.70 -29.37
C ARG E 232 -50.48 19.72 -28.92
N ASP E 233 -49.68 18.81 -29.46
CA ASP E 233 -48.27 18.70 -29.07
C ASP E 233 -47.32 19.65 -29.78
N ASN E 234 -46.83 20.64 -29.03
CA ASN E 234 -45.88 21.63 -29.52
C ASN E 234 -44.73 21.73 -28.50
N ASP E 235 -44.50 20.66 -27.76
CA ASP E 235 -43.45 20.65 -26.77
C ASP E 235 -42.07 20.44 -27.36
N GLY E 236 -41.07 20.37 -26.46
CA GLY E 236 -39.71 20.18 -26.89
C GLY E 236 -39.30 18.76 -27.24
N TRP E 237 -40.13 17.77 -26.89
CA TRP E 237 -39.78 16.39 -27.23
C TRP E 237 -40.10 16.11 -28.68
N LEU E 238 -39.04 16.05 -29.49
CA LEU E 238 -39.18 15.82 -30.92
C LEU E 238 -39.41 14.34 -31.22
N THR E 239 -39.33 13.51 -30.18
CA THR E 239 -39.55 12.07 -30.34
C THR E 239 -40.91 11.80 -30.98
N SER E 240 -41.18 10.53 -31.28
CA SER E 240 -42.44 10.15 -31.90
C SER E 240 -43.24 9.20 -31.01
N ASP E 241 -42.84 9.11 -29.75
CA ASP E 241 -43.55 8.26 -28.80
C ASP E 241 -44.73 9.06 -28.28
N PRO E 242 -45.94 8.73 -28.74
CA PRO E 242 -47.18 9.41 -28.35
C PRO E 242 -47.43 9.47 -26.84
N ARG E 243 -46.74 8.63 -26.08
CA ARG E 243 -46.92 8.62 -24.64
C ARG E 243 -45.74 9.25 -23.91
N LYS E 244 -45.14 10.25 -24.56
CA LYS E 244 -44.02 10.97 -23.96
C LYS E 244 -44.31 12.47 -24.02
N GLN E 245 -45.57 12.78 -24.32
CA GLN E 245 -46.04 14.16 -24.40
C GLN E 245 -45.99 14.78 -23.00
N CYS E 246 -45.57 16.03 -22.90
CA CYS E 246 -45.49 16.71 -21.62
C CYS E 246 -46.87 16.94 -21.03
N SER E 247 -47.84 17.16 -21.90
CA SER E 247 -49.20 17.38 -21.48
C SER E 247 -50.04 16.15 -21.80
N LYS E 248 -50.55 15.47 -20.77
CA LYS E 248 -51.38 14.30 -20.99
C LYS E 248 -52.76 14.60 -20.40
N GLU E 249 -53.68 13.65 -20.52
CA GLU E 249 -55.04 13.83 -20.00
C GLU E 249 -55.08 14.47 -18.61
N ALA E 250 -55.95 15.47 -18.47
CA ALA E 250 -56.13 16.18 -17.20
C ALA E 250 -54.95 17.11 -16.89
N GLY E 251 -53.93 17.08 -17.75
CA GLY E 251 -52.78 17.95 -17.57
C GLY E 251 -53.11 19.34 -18.11
N GLY E 252 -52.47 20.36 -17.58
CA GLY E 252 -52.77 21.71 -18.05
C GLY E 252 -52.05 22.12 -19.33
N GLY E 253 -52.52 23.21 -19.92
CA GLY E 253 -51.91 23.73 -21.11
C GLY E 253 -50.80 24.63 -20.60
N TRP E 254 -49.62 24.56 -21.21
CA TRP E 254 -48.52 25.38 -20.73
C TRP E 254 -47.40 25.44 -21.76
N TRP E 255 -46.42 26.29 -21.50
CA TRP E 255 -45.28 26.45 -22.40
C TRP E 255 -44.22 25.42 -22.02
N TYR E 256 -44.60 24.16 -22.18
CA TYR E 256 -43.76 23.01 -21.88
C TYR E 256 -42.53 22.93 -22.77
N ASN E 257 -41.45 22.35 -22.24
CA ASN E 257 -40.20 22.12 -22.96
C ASN E 257 -40.00 20.61 -22.89
N ARG E 258 -39.15 20.14 -21.98
CA ARG E 258 -38.89 18.70 -21.82
C ARG E 258 -38.61 18.35 -20.34
N CYS E 259 -39.56 18.60 -19.44
CA CYS E 259 -40.86 19.16 -19.77
C CYS E 259 -41.14 20.49 -19.08
N HIS E 260 -40.84 20.56 -17.78
CA HIS E 260 -41.10 21.79 -17.04
C HIS E 260 -40.33 21.98 -15.74
N ALA E 261 -40.25 23.24 -15.33
CA ALA E 261 -39.60 23.60 -14.08
C ALA E 261 -40.75 24.20 -13.29
N ALA E 262 -41.76 24.67 -14.02
CA ALA E 262 -42.94 25.30 -13.43
C ALA E 262 -44.19 25.02 -14.28
N ASN E 263 -45.34 25.08 -13.63
CA ASN E 263 -46.60 24.86 -14.33
C ASN E 263 -47.79 25.39 -13.55
N PRO E 264 -48.05 26.71 -13.65
CA PRO E 264 -49.17 27.33 -12.94
C PRO E 264 -50.52 26.72 -13.29
N ASN E 265 -50.60 26.04 -14.44
CA ASN E 265 -51.87 25.43 -14.88
C ASN E 265 -52.00 23.94 -14.58
N GLY E 266 -51.11 23.39 -13.76
CA GLY E 266 -51.19 21.98 -13.41
C GLY E 266 -52.44 21.64 -12.59
N ARG E 267 -52.56 20.39 -12.20
CA ARG E 267 -53.71 19.93 -11.41
C ARG E 267 -53.66 20.48 -9.99
N TYR E 268 -54.82 20.84 -9.44
CA TYR E 268 -54.91 21.39 -8.08
C TYR E 268 -54.97 20.32 -6.99
N TYR E 269 -53.81 19.79 -6.58
CA TYR E 269 -53.78 18.78 -5.52
C TYR E 269 -54.03 19.43 -4.18
N TRP E 270 -54.97 18.90 -3.43
CA TRP E 270 -55.27 19.47 -2.11
C TRP E 270 -54.21 19.05 -1.09
N GLY E 271 -53.81 20.00 -0.25
CA GLY E 271 -52.82 19.69 0.77
C GLY E 271 -51.39 20.09 0.46
N GLY E 272 -51.03 20.19 -0.81
CA GLY E 272 -49.68 20.57 -1.16
C GLY E 272 -48.81 19.43 -1.66
N GLN E 273 -48.29 18.64 -0.72
CA GLN E 273 -47.44 17.51 -1.06
C GLN E 273 -48.23 16.38 -1.74
N TYR E 274 -47.69 15.84 -2.83
CA TYR E 274 -48.33 14.72 -3.52
C TYR E 274 -47.28 13.74 -4.06
N THR E 275 -47.70 12.52 -4.43
CA THR E 275 -46.77 11.49 -4.91
C THR E 275 -47.16 10.79 -6.20
N TRP E 276 -46.19 10.07 -6.77
CA TRP E 276 -46.40 9.37 -8.03
C TRP E 276 -47.62 8.44 -8.04
N ASP E 277 -47.96 7.87 -6.89
CA ASP E 277 -49.10 6.97 -6.83
C ASP E 277 -50.42 7.69 -6.59
N MET E 278 -50.39 9.01 -6.75
CA MET E 278 -51.59 9.84 -6.59
C MET E 278 -51.89 10.43 -7.96
N ALA E 279 -50.84 10.64 -8.75
CA ALA E 279 -50.97 11.22 -10.09
C ALA E 279 -51.49 10.23 -11.13
N LYS E 280 -52.37 10.73 -11.99
CA LYS E 280 -52.99 9.93 -13.03
C LYS E 280 -52.00 9.17 -13.92
N HIS E 281 -50.84 9.78 -14.20
CA HIS E 281 -49.82 9.16 -15.04
C HIS E 281 -48.51 8.97 -14.31
N GLY E 282 -48.52 9.19 -13.00
CA GLY E 282 -47.29 9.03 -12.24
C GLY E 282 -46.30 10.14 -12.52
N THR E 283 -46.79 11.30 -12.93
CA THR E 283 -45.95 12.45 -13.24
C THR E 283 -46.35 13.67 -12.39
N ASP E 284 -45.42 14.58 -12.14
CA ASP E 284 -45.78 15.75 -11.34
C ASP E 284 -46.47 16.76 -12.22
N ASP E 285 -47.79 16.57 -12.31
CA ASP E 285 -48.67 17.39 -13.11
C ASP E 285 -49.37 18.44 -12.26
N GLY E 286 -48.89 18.63 -11.03
CA GLY E 286 -49.53 19.60 -10.16
C GLY E 286 -49.25 21.07 -10.51
N VAL E 287 -49.63 21.96 -9.59
CA VAL E 287 -49.42 23.38 -9.76
C VAL E 287 -48.04 23.59 -9.17
N VAL E 288 -47.05 23.32 -9.99
CA VAL E 288 -45.65 23.36 -9.61
C VAL E 288 -44.78 24.56 -9.96
N TRP E 289 -43.79 24.78 -9.11
CA TRP E 289 -42.77 25.81 -9.28
C TRP E 289 -41.56 25.26 -8.53
N MET E 290 -40.93 24.28 -9.18
CA MET E 290 -39.77 23.57 -8.63
C MET E 290 -38.71 24.43 -7.97
N ASN E 291 -38.49 25.62 -8.49
CA ASN E 291 -37.46 26.50 -7.92
C ASN E 291 -37.78 26.97 -6.53
N TRP E 292 -39.02 26.74 -6.09
CA TRP E 292 -39.38 27.15 -4.74
C TRP E 292 -39.70 25.96 -3.84
N LYS E 293 -40.58 25.07 -4.28
CA LYS E 293 -40.96 23.95 -3.45
C LYS E 293 -40.63 22.54 -3.94
N GLY E 294 -39.91 22.43 -5.05
CA GLY E 294 -39.59 21.10 -5.54
C GLY E 294 -40.62 20.59 -6.52
N SER E 295 -40.41 19.38 -7.03
CA SER E 295 -41.29 18.79 -8.04
C SER E 295 -42.60 18.12 -7.64
N TRP E 296 -42.76 17.72 -6.39
CA TRP E 296 -44.03 17.09 -6.07
C TRP E 296 -44.81 17.85 -5.02
N TYR E 297 -44.87 19.17 -5.20
CA TYR E 297 -45.58 20.07 -4.31
C TYR E 297 -46.47 21.01 -5.13
N SER E 298 -47.77 20.95 -4.87
CA SER E 298 -48.76 21.75 -5.58
C SER E 298 -49.17 22.96 -4.73
N MET E 299 -49.03 24.17 -5.28
CA MET E 299 -49.36 25.41 -4.55
C MET E 299 -50.81 25.58 -4.15
N ARG E 300 -51.05 26.41 -3.14
CA ARG E 300 -52.41 26.67 -2.69
C ARG E 300 -52.96 27.85 -3.50
N LYS E 301 -52.06 28.79 -3.81
CA LYS E 301 -52.41 29.97 -4.61
C LYS E 301 -51.35 30.24 -5.68
N MET E 302 -51.81 30.48 -6.91
CA MET E 302 -50.95 30.77 -8.04
C MET E 302 -51.66 31.77 -8.96
N SER E 303 -50.93 32.76 -9.46
CA SER E 303 -51.54 33.73 -10.33
C SER E 303 -50.56 34.46 -11.25
N MET E 304 -51.09 34.91 -12.39
CA MET E 304 -50.30 35.63 -13.37
C MET E 304 -50.99 36.97 -13.68
N LYS E 305 -50.26 38.06 -13.52
CA LYS E 305 -50.79 39.39 -13.76
C LYS E 305 -49.88 40.16 -14.69
N ILE E 306 -50.50 40.98 -15.55
CA ILE E 306 -49.73 41.79 -16.49
C ILE E 306 -50.06 43.27 -16.39
N ARG E 307 -49.11 44.09 -16.82
CA ARG E 307 -49.28 45.52 -16.76
C ARG E 307 -48.28 46.19 -17.68
N PRO E 308 -48.69 47.31 -18.30
CA PRO E 308 -47.79 48.03 -19.19
C PRO E 308 -46.51 48.35 -18.42
N PHE E 309 -45.37 48.04 -19.04
CA PHE E 309 -44.09 48.32 -18.43
C PHE E 309 -43.73 49.76 -18.76
N PHE E 310 -43.47 50.54 -17.73
CA PHE E 310 -43.10 51.94 -17.94
C PHE E 310 -41.69 52.17 -17.43
N PRO E 311 -40.73 52.32 -18.36
CA PRO E 311 -39.34 52.56 -17.99
C PRO E 311 -39.19 53.59 -16.87
N HIS F 8 -57.56 -25.38 3.79
CA HIS F 8 -58.83 -24.63 3.61
C HIS F 8 -58.62 -23.36 2.77
N ASP F 9 -58.69 -23.52 1.46
CA ASP F 9 -58.51 -22.39 0.54
C ASP F 9 -59.84 -21.87 0.02
N SER F 10 -60.92 -22.22 0.72
CA SER F 10 -62.25 -21.74 0.34
C SER F 10 -62.24 -20.25 0.65
N SER F 11 -61.10 -19.78 1.15
CA SER F 11 -60.88 -18.39 1.48
C SER F 11 -60.17 -17.71 0.31
N ILE F 12 -59.44 -18.50 -0.46
CA ILE F 12 -58.72 -17.97 -1.61
C ILE F 12 -59.71 -17.62 -2.71
N ARG F 13 -60.78 -18.40 -2.82
CA ARG F 13 -61.81 -18.15 -3.81
C ARG F 13 -62.51 -16.84 -3.46
N TYR F 14 -62.85 -16.69 -2.18
CA TYR F 14 -63.52 -15.49 -1.68
C TYR F 14 -62.72 -14.23 -1.98
N LEU F 15 -61.41 -14.26 -1.73
CA LEU F 15 -60.57 -13.11 -1.98
C LEU F 15 -60.46 -12.74 -3.45
N GLN F 16 -60.32 -13.75 -4.32
CA GLN F 16 -60.22 -13.50 -5.75
C GLN F 16 -61.54 -12.98 -6.31
N GLU F 17 -62.66 -13.43 -5.74
CA GLU F 17 -63.97 -12.99 -6.20
C GLU F 17 -64.15 -11.51 -5.87
N ILE F 18 -63.85 -11.14 -4.63
CA ILE F 18 -63.99 -9.76 -4.18
C ILE F 18 -63.02 -8.83 -4.90
N TYR F 19 -61.83 -9.32 -5.21
CA TYR F 19 -60.84 -8.53 -5.92
C TYR F 19 -61.32 -8.26 -7.34
N ASN F 20 -61.92 -9.26 -7.97
CA ASN F 20 -62.43 -9.08 -9.32
C ASN F 20 -63.70 -8.25 -9.28
N SER F 21 -64.45 -8.41 -8.19
CA SER F 21 -65.70 -7.69 -8.00
C SER F 21 -65.50 -6.18 -7.95
N ASN F 22 -64.66 -5.72 -7.02
CA ASN F 22 -64.47 -4.29 -6.93
C ASN F 22 -63.60 -3.73 -8.06
N ASN F 23 -62.97 -4.60 -8.83
CA ASN F 23 -62.17 -4.15 -9.97
C ASN F 23 -63.16 -3.75 -11.06
N GLN F 24 -64.30 -4.44 -11.10
CA GLN F 24 -65.33 -4.14 -12.07
C GLN F 24 -66.17 -2.95 -11.62
N LYS F 25 -66.28 -2.76 -10.31
CA LYS F 25 -67.02 -1.63 -9.78
C LYS F 25 -66.19 -0.40 -10.15
N ILE F 26 -64.87 -0.52 -10.04
CA ILE F 26 -63.95 0.55 -10.36
C ILE F 26 -64.09 0.91 -11.84
N VAL F 27 -64.33 -0.10 -12.68
CA VAL F 27 -64.50 0.14 -14.10
C VAL F 27 -65.74 1.01 -14.34
N ASN F 28 -66.84 0.64 -13.70
CA ASN F 28 -68.09 1.39 -13.85
C ASN F 28 -67.99 2.78 -13.21
N LEU F 29 -67.43 2.84 -12.01
CA LEU F 29 -67.29 4.11 -11.32
C LEU F 29 -66.51 5.10 -12.19
N LYS F 30 -65.42 4.64 -12.79
CA LYS F 30 -64.60 5.51 -13.64
C LYS F 30 -65.39 6.09 -14.79
N GLU F 31 -66.36 5.34 -15.30
CA GLU F 31 -67.17 5.85 -16.40
C GLU F 31 -68.08 6.95 -15.88
N LYS F 32 -68.53 6.76 -14.65
CA LYS F 32 -69.41 7.74 -14.02
C LYS F 32 -68.60 9.00 -13.73
N VAL F 33 -67.33 8.81 -13.37
CA VAL F 33 -66.46 9.95 -13.09
C VAL F 33 -66.34 10.75 -14.39
N ALA F 34 -66.19 10.04 -15.50
CA ALA F 34 -66.05 10.68 -16.79
C ALA F 34 -67.24 11.61 -17.08
N GLN F 35 -68.43 11.17 -16.69
CA GLN F 35 -69.65 11.95 -16.91
C GLN F 35 -69.67 13.19 -16.06
N LEU F 36 -69.24 13.06 -14.81
CA LEU F 36 -69.21 14.20 -13.91
C LEU F 36 -68.27 15.23 -14.48
N GLU F 37 -67.12 14.77 -14.95
CA GLU F 37 -66.12 15.65 -15.54
C GLU F 37 -66.81 16.54 -16.57
N ALA F 38 -67.59 15.91 -17.43
CA ALA F 38 -68.30 16.61 -18.48
C ALA F 38 -69.33 17.62 -17.97
N GLN F 39 -69.88 17.40 -16.79
CA GLN F 39 -70.87 18.33 -16.25
C GLN F 39 -70.19 19.48 -15.54
N CYS F 40 -68.86 19.49 -15.54
CA CYS F 40 -68.11 20.55 -14.86
C CYS F 40 -67.02 21.27 -15.66
N GLN F 41 -67.39 21.77 -16.84
CA GLN F 41 -66.44 22.50 -17.68
C GLN F 41 -66.88 23.94 -17.82
N GLU F 42 -68.19 24.18 -17.87
CA GLU F 42 -68.74 25.51 -18.03
C GLU F 42 -68.62 26.39 -16.80
N PRO F 43 -68.53 27.71 -17.00
CA PRO F 43 -68.40 28.66 -15.89
C PRO F 43 -69.76 29.08 -15.33
N CYS F 44 -69.74 29.70 -14.15
CA CYS F 44 -70.98 30.14 -13.52
C CYS F 44 -71.72 31.08 -14.45
N LYS F 45 -73.04 30.92 -14.49
CA LYS F 45 -73.91 31.73 -15.34
C LYS F 45 -74.06 33.11 -14.71
N ASP F 46 -73.65 34.15 -15.45
CA ASP F 46 -73.76 35.53 -14.96
C ASP F 46 -75.14 36.05 -15.33
N THR F 47 -75.84 36.64 -14.36
CA THR F 47 -77.17 37.18 -14.63
C THR F 47 -77.10 38.46 -15.46
N VAL F 48 -75.95 39.14 -15.43
CA VAL F 48 -75.83 40.38 -16.18
C VAL F 48 -75.26 40.16 -17.57
N GLN F 49 -76.00 40.64 -18.57
CA GLN F 49 -75.60 40.53 -19.97
C GLN F 49 -75.76 41.86 -20.66
N ILE F 50 -75.05 42.04 -21.78
CA ILE F 50 -75.09 43.25 -22.57
C ILE F 50 -75.75 42.96 -23.93
N HIS F 51 -76.77 43.72 -24.30
CA HIS F 51 -77.43 43.49 -25.57
C HIS F 51 -76.47 43.74 -26.73
N ASP F 52 -76.79 43.23 -27.91
CA ASP F 52 -75.93 43.39 -29.08
C ASP F 52 -76.12 44.62 -29.92
N ILE F 53 -77.32 45.18 -29.91
CA ILE F 53 -77.57 46.37 -30.70
C ILE F 53 -76.86 47.57 -30.11
N THR F 54 -76.24 48.37 -30.98
CA THR F 54 -75.54 49.58 -30.56
C THR F 54 -76.05 50.76 -31.36
N GLY F 55 -75.50 51.93 -31.09
CA GLY F 55 -75.91 53.12 -31.79
C GLY F 55 -75.22 54.35 -31.24
N LYS F 56 -75.61 55.51 -31.74
CA LYS F 56 -75.03 56.77 -31.31
C LYS F 56 -75.50 57.10 -29.89
N ASP F 57 -76.64 56.55 -29.51
CA ASP F 57 -77.19 56.76 -28.17
C ASP F 57 -78.37 55.80 -27.95
N CYS F 58 -78.98 55.87 -26.77
CA CYS F 58 -80.09 54.99 -26.46
C CYS F 58 -81.31 55.12 -27.37
N GLN F 59 -81.55 56.33 -27.88
CA GLN F 59 -82.70 56.54 -28.77
C GLN F 59 -82.42 55.91 -30.14
N ASP F 60 -81.18 55.99 -30.58
CA ASP F 60 -80.80 55.42 -31.85
C ASP F 60 -81.02 53.90 -31.75
N ILE F 61 -80.70 53.34 -30.58
CA ILE F 61 -80.87 51.91 -30.34
C ILE F 61 -82.35 51.53 -30.39
N ALA F 62 -83.18 52.24 -29.63
CA ALA F 62 -84.61 51.97 -29.62
C ALA F 62 -85.14 52.03 -31.06
N ASN F 63 -84.63 52.98 -31.84
CA ASN F 63 -85.04 53.14 -33.22
C ASN F 63 -84.65 51.95 -34.10
N LYS F 64 -83.75 51.12 -33.60
CA LYS F 64 -83.31 49.95 -34.36
C LYS F 64 -83.99 48.67 -33.88
N GLY F 65 -84.95 48.80 -32.97
CA GLY F 65 -85.65 47.62 -32.49
C GLY F 65 -85.58 47.26 -31.02
N ALA F 66 -84.53 47.69 -30.32
CA ALA F 66 -84.40 47.37 -28.89
C ALA F 66 -85.70 47.71 -28.16
N LYS F 67 -86.18 46.80 -27.32
CA LYS F 67 -87.43 47.00 -26.58
C LYS F 67 -87.25 47.02 -25.06
N GLN F 68 -86.29 46.26 -24.57
CA GLN F 68 -86.08 46.18 -23.14
C GLN F 68 -85.04 47.15 -22.60
N SER F 69 -85.35 47.75 -21.46
CA SER F 69 -84.43 48.66 -20.81
C SER F 69 -83.30 47.77 -20.28
N GLY F 70 -82.06 48.20 -20.46
CA GLY F 70 -80.92 47.41 -20.00
C GLY F 70 -79.59 48.02 -20.40
N LEU F 71 -78.55 47.19 -20.46
CA LEU F 71 -77.21 47.65 -20.80
C LEU F 71 -76.87 47.47 -22.27
N TYR F 72 -76.41 48.55 -22.90
CA TYR F 72 -76.02 48.55 -24.30
C TYR F 72 -74.77 49.41 -24.45
N PHE F 73 -74.04 49.19 -25.54
CA PHE F 73 -72.86 49.99 -25.83
C PHE F 73 -73.32 51.05 -26.83
N ILE F 74 -72.95 52.31 -26.61
CA ILE F 74 -73.31 53.34 -27.56
C ILE F 74 -71.99 53.93 -28.02
N LYS F 75 -72.04 54.74 -29.06
CA LYS F 75 -70.81 55.33 -29.55
C LYS F 75 -71.11 56.60 -30.32
N PRO F 76 -71.24 57.73 -29.61
CA PRO F 76 -71.51 58.99 -30.28
C PRO F 76 -70.48 59.18 -31.38
N LEU F 77 -70.86 59.92 -32.41
CA LEU F 77 -69.97 60.14 -33.53
C LEU F 77 -68.56 60.59 -33.15
N LYS F 78 -68.47 61.58 -32.27
CA LYS F 78 -67.15 62.10 -31.88
C LYS F 78 -66.44 61.37 -30.74
N ALA F 79 -66.97 60.22 -30.33
CA ALA F 79 -66.37 59.44 -29.25
C ALA F 79 -65.27 58.58 -29.87
N ASN F 80 -64.06 58.68 -29.34
CA ASN F 80 -62.97 57.90 -29.91
C ASN F 80 -63.09 56.40 -29.63
N GLN F 81 -63.99 56.03 -28.72
CA GLN F 81 -64.20 54.64 -28.38
C GLN F 81 -65.57 54.46 -27.71
N GLN F 82 -66.22 53.33 -27.96
CA GLN F 82 -67.54 53.05 -27.40
C GLN F 82 -67.48 52.85 -25.89
N PHE F 83 -68.65 52.91 -25.26
CA PHE F 83 -68.73 52.71 -23.82
C PHE F 83 -70.10 52.14 -23.44
N LEU F 84 -70.16 51.50 -22.27
CA LEU F 84 -71.39 50.89 -21.80
C LEU F 84 -72.28 51.89 -21.09
N VAL F 85 -73.59 51.78 -21.32
CA VAL F 85 -74.56 52.68 -20.69
C VAL F 85 -75.83 51.90 -20.40
N TYR F 86 -76.68 52.50 -19.55
CA TYR F 86 -77.96 51.92 -19.19
C TYR F 86 -79.03 52.69 -19.94
N CYS F 87 -79.74 51.99 -20.83
CA CYS F 87 -80.80 52.60 -21.61
C CYS F 87 -82.16 52.33 -21.00
N GLU F 88 -83.04 53.32 -21.04
CA GLU F 88 -84.39 53.14 -20.56
C GLU F 88 -85.26 53.26 -21.81
N ILE F 89 -85.89 52.16 -22.19
CA ILE F 89 -86.75 52.15 -23.37
C ILE F 89 -88.18 51.84 -22.96
N ASP F 90 -89.09 52.77 -23.25
CA ASP F 90 -90.50 52.60 -22.92
C ASP F 90 -91.29 52.00 -24.08
N GLY F 91 -92.62 51.99 -23.95
CA GLY F 91 -93.45 51.45 -25.01
C GLY F 91 -93.48 52.34 -26.23
N SER F 92 -93.50 53.65 -25.99
CA SER F 92 -93.55 54.64 -27.08
C SER F 92 -92.28 54.64 -27.94
N GLY F 93 -91.41 53.65 -27.74
CA GLY F 93 -90.19 53.61 -28.52
C GLY F 93 -89.19 54.70 -28.16
N ASN F 94 -89.33 55.26 -26.97
CA ASN F 94 -88.40 56.30 -26.54
C ASN F 94 -87.24 55.68 -25.79
N GLY F 95 -86.03 56.07 -26.16
CA GLY F 95 -84.86 55.53 -25.51
C GLY F 95 -84.04 56.57 -24.75
N TRP F 96 -84.12 56.53 -23.42
CA TRP F 96 -83.36 57.47 -22.61
C TRP F 96 -82.00 56.90 -22.20
N THR F 97 -80.97 57.73 -22.28
CA THR F 97 -79.63 57.34 -21.86
C THR F 97 -79.52 57.93 -20.45
N VAL F 98 -79.41 57.07 -19.45
CA VAL F 98 -79.32 57.52 -18.06
C VAL F 98 -77.86 57.82 -17.70
N PHE F 99 -77.59 58.97 -17.08
CA PHE F 99 -76.21 59.26 -16.70
C PHE F 99 -75.97 59.43 -15.20
N GLN F 100 -77.04 59.36 -14.42
CA GLN F 100 -76.92 59.47 -12.96
C GLN F 100 -78.06 58.72 -12.30
N LYS F 101 -77.77 58.12 -11.15
CA LYS F 101 -78.78 57.34 -10.42
C LYS F 101 -78.43 57.15 -8.94
N ARG F 102 -79.40 57.49 -8.08
CA ARG F 102 -79.27 57.29 -6.63
C ARG F 102 -80.54 56.51 -6.23
N LEU F 103 -80.41 55.53 -5.33
CA LEU F 103 -81.58 54.76 -4.89
C LEU F 103 -81.41 54.17 -3.49
N ASP F 104 -80.17 54.14 -3.01
CA ASP F 104 -79.82 53.68 -1.68
C ASP F 104 -78.50 54.42 -1.50
N GLY F 105 -77.80 54.27 -0.38
CA GLY F 105 -76.55 55.01 -0.28
C GLY F 105 -75.34 54.14 -0.52
N SER F 106 -75.42 53.24 -1.49
CA SER F 106 -74.32 52.29 -1.75
C SER F 106 -73.03 52.83 -2.36
N VAL F 107 -73.13 53.79 -3.26
CA VAL F 107 -71.93 54.36 -3.90
C VAL F 107 -71.62 55.75 -3.34
N ASP F 108 -70.37 55.96 -2.93
CA ASP F 108 -69.98 57.26 -2.38
C ASP F 108 -69.77 58.26 -3.51
N PHE F 109 -70.46 59.40 -3.42
CA PHE F 109 -70.35 60.42 -4.46
C PHE F 109 -69.31 61.53 -4.23
N LYS F 110 -68.46 61.35 -3.22
CA LYS F 110 -67.39 62.29 -2.97
C LYS F 110 -66.22 61.69 -3.76
N LYS F 111 -66.18 62.01 -5.05
CA LYS F 111 -65.14 61.50 -5.92
C LYS F 111 -64.42 62.70 -6.49
N ASN F 112 -63.21 62.49 -7.01
CA ASN F 112 -62.43 63.59 -7.56
C ASN F 112 -62.83 63.94 -9.00
N TRP F 113 -62.05 64.84 -9.58
CA TRP F 113 -62.27 65.30 -10.94
C TRP F 113 -62.17 64.21 -11.99
N ILE F 114 -61.10 63.43 -11.93
CA ILE F 114 -60.92 62.37 -12.90
C ILE F 114 -62.04 61.33 -12.81
N GLN F 115 -62.44 60.98 -11.60
CA GLN F 115 -63.50 60.00 -11.43
C GLN F 115 -64.83 60.51 -12.00
N TYR F 116 -65.15 61.78 -11.72
CA TYR F 116 -66.39 62.36 -12.24
C TYR F 116 -66.31 62.51 -13.74
N LYS F 117 -65.08 62.55 -14.26
CA LYS F 117 -64.88 62.68 -15.69
C LYS F 117 -65.06 61.35 -16.41
N GLU F 118 -64.50 60.30 -15.84
CA GLU F 118 -64.57 58.98 -16.46
C GLU F 118 -65.81 58.22 -16.02
N GLY F 119 -66.34 58.57 -14.84
CA GLY F 119 -67.52 57.92 -14.31
C GLY F 119 -67.17 56.92 -13.22
N PHE F 120 -68.17 56.56 -12.41
CA PHE F 120 -67.94 55.62 -11.32
C PHE F 120 -69.26 55.00 -10.89
N GLY F 121 -69.18 53.94 -10.09
CA GLY F 121 -70.38 53.25 -9.65
C GLY F 121 -70.55 52.06 -10.57
N HIS F 122 -71.71 51.41 -10.50
CA HIS F 122 -71.94 50.24 -11.35
C HIS F 122 -73.18 50.33 -12.22
N LEU F 123 -73.14 49.65 -13.37
CA LEU F 123 -74.27 49.61 -14.29
C LEU F 123 -74.97 48.25 -14.20
N SER F 124 -76.29 48.24 -14.07
CA SER F 124 -77.03 46.99 -13.97
C SER F 124 -78.17 46.89 -14.99
N PRO F 125 -78.47 45.67 -15.45
CA PRO F 125 -79.54 45.43 -16.43
C PRO F 125 -80.90 45.78 -15.85
N THR F 126 -81.04 45.62 -14.54
CA THR F 126 -82.28 45.90 -13.83
C THR F 126 -82.37 47.34 -13.34
N GLY F 127 -81.33 48.13 -13.62
CA GLY F 127 -81.33 49.51 -13.18
C GLY F 127 -81.59 49.62 -11.70
N THR F 128 -80.89 48.82 -10.91
CA THR F 128 -81.06 48.83 -9.45
C THR F 128 -79.76 49.23 -8.78
N THR F 129 -78.89 49.87 -9.54
CA THR F 129 -77.57 50.28 -9.04
C THR F 129 -77.32 51.79 -9.15
N GLU F 130 -76.38 52.29 -8.34
CA GLU F 130 -76.03 53.71 -8.34
C GLU F 130 -74.79 53.99 -9.19
N PHE F 131 -74.75 55.15 -9.83
CA PHE F 131 -73.61 55.49 -10.68
C PHE F 131 -73.62 56.89 -11.29
N TRP F 132 -72.47 57.27 -11.83
CA TRP F 132 -72.30 58.54 -12.51
C TRP F 132 -71.64 58.13 -13.80
N LEU F 133 -72.36 58.27 -14.90
CA LEU F 133 -71.85 57.86 -16.20
C LEU F 133 -70.49 58.43 -16.54
N GLY F 134 -70.29 59.72 -16.27
CA GLY F 134 -69.02 60.36 -16.58
C GLY F 134 -69.23 61.61 -17.42
N ASN F 135 -68.63 62.72 -17.00
CA ASN F 135 -68.78 64.00 -17.71
C ASN F 135 -68.38 63.98 -19.18
N GLU F 136 -67.29 63.28 -19.52
CA GLU F 136 -66.84 63.21 -20.91
C GLU F 136 -67.92 62.56 -21.77
N LYS F 137 -68.42 61.42 -21.32
CA LYS F 137 -69.47 60.72 -22.06
C LYS F 137 -70.70 61.59 -22.16
N ILE F 138 -71.10 62.21 -21.05
CA ILE F 138 -72.28 63.05 -21.03
C ILE F 138 -72.13 64.17 -22.04
N HIS F 139 -70.90 64.67 -22.15
CA HIS F 139 -70.58 65.73 -23.09
C HIS F 139 -70.73 65.20 -24.52
N LEU F 140 -70.12 64.06 -24.78
CA LEU F 140 -70.16 63.42 -26.09
C LEU F 140 -71.59 63.10 -26.54
N ILE F 141 -72.42 62.66 -25.61
CA ILE F 141 -73.80 62.32 -25.93
C ILE F 141 -74.67 63.54 -26.22
N SER F 142 -74.54 64.57 -25.40
CA SER F 142 -75.34 65.79 -25.53
C SER F 142 -74.89 66.78 -26.61
N THR F 143 -73.71 66.58 -27.18
CA THR F 143 -73.22 67.50 -28.20
C THR F 143 -72.77 66.83 -29.49
N GLN F 144 -73.22 65.60 -29.76
CA GLN F 144 -72.79 64.88 -30.95
C GLN F 144 -72.98 65.59 -32.29
N SER F 145 -73.87 66.57 -32.33
CA SER F 145 -74.11 67.34 -33.54
C SER F 145 -75.45 68.04 -33.43
N ALA F 146 -75.97 68.42 -34.60
CA ALA F 146 -77.25 69.11 -34.75
C ALA F 146 -78.26 68.68 -33.68
N ILE F 147 -78.68 67.43 -33.77
CA ILE F 147 -79.65 66.87 -32.85
C ILE F 147 -79.56 67.42 -31.41
N PRO F 148 -80.52 68.26 -31.03
CA PRO F 148 -80.57 68.86 -29.70
C PRO F 148 -81.08 67.85 -28.67
N TYR F 149 -80.70 68.03 -27.41
CA TYR F 149 -81.09 67.09 -26.36
C TYR F 149 -81.96 67.64 -25.25
N ALA F 150 -82.59 66.73 -24.52
CA ALA F 150 -83.44 67.10 -23.40
C ALA F 150 -83.01 66.34 -22.15
N LEU F 151 -83.13 66.99 -21.00
CA LEU F 151 -82.77 66.37 -19.73
C LEU F 151 -83.99 66.26 -18.85
N ARG F 152 -84.11 65.12 -18.17
CA ARG F 152 -85.21 64.94 -17.25
C ARG F 152 -84.67 64.49 -15.91
N VAL F 153 -85.10 65.17 -14.87
CA VAL F 153 -84.72 64.84 -13.51
C VAL F 153 -85.96 64.16 -12.93
N GLU F 154 -85.75 63.02 -12.28
CA GLU F 154 -86.87 62.27 -11.71
C GLU F 154 -86.54 62.00 -10.25
N LEU F 155 -87.31 62.62 -9.35
CA LEU F 155 -87.09 62.46 -7.92
C LEU F 155 -88.16 61.61 -7.23
N GLU F 156 -87.78 60.95 -6.16
CA GLU F 156 -88.71 60.15 -5.37
C GLU F 156 -88.38 60.44 -3.91
N ASP F 157 -89.38 60.85 -3.14
CA ASP F 157 -89.13 61.13 -1.73
C ASP F 157 -89.29 59.86 -0.91
N TRP F 158 -89.16 59.97 0.41
CA TRP F 158 -89.29 58.80 1.26
C TRP F 158 -90.74 58.39 1.53
N ASN F 159 -91.65 58.94 0.73
CA ASN F 159 -93.08 58.64 0.84
C ASN F 159 -93.63 58.18 -0.50
N GLY F 160 -92.81 57.48 -1.27
CA GLY F 160 -93.26 56.99 -2.57
C GLY F 160 -93.66 58.04 -3.59
N ARG F 161 -93.74 59.30 -3.19
CA ARG F 161 -94.12 60.36 -4.13
C ARG F 161 -92.98 60.70 -5.09
N THR F 162 -93.32 60.92 -6.36
CA THR F 162 -92.32 61.29 -7.35
C THR F 162 -92.69 62.59 -8.05
N SER F 163 -91.68 63.23 -8.62
CA SER F 163 -91.86 64.49 -9.34
C SER F 163 -90.80 64.50 -10.43
N THR F 164 -90.92 65.43 -11.37
CA THR F 164 -89.94 65.50 -12.45
C THR F 164 -89.71 66.94 -12.87
N ALA F 165 -88.66 67.14 -13.67
CA ALA F 165 -88.28 68.45 -14.17
C ALA F 165 -87.49 68.24 -15.44
N ASP F 166 -87.92 68.88 -16.52
CA ASP F 166 -87.24 68.74 -17.80
C ASP F 166 -86.52 70.01 -18.22
N TYR F 167 -85.47 69.86 -19.02
CA TYR F 167 -84.69 70.97 -19.53
C TYR F 167 -84.41 70.76 -21.01
N ALA F 168 -84.88 71.71 -21.81
CA ALA F 168 -84.72 71.64 -23.25
C ALA F 168 -83.35 72.15 -23.70
N MET F 169 -82.84 71.55 -24.77
CA MET F 169 -81.55 71.92 -25.32
C MET F 169 -80.44 71.86 -24.26
N PHE F 170 -80.42 70.75 -23.53
CA PHE F 170 -79.45 70.45 -22.48
C PHE F 170 -78.12 70.09 -23.13
N LYS F 171 -77.03 70.58 -22.57
CA LYS F 171 -75.69 70.31 -23.10
C LYS F 171 -74.67 70.43 -21.98
N VAL F 172 -73.58 69.70 -22.13
CA VAL F 172 -72.46 69.76 -21.20
C VAL F 172 -71.24 69.96 -22.10
N GLY F 173 -70.50 71.04 -21.88
CA GLY F 173 -69.33 71.35 -22.70
C GLY F 173 -68.11 70.45 -22.49
N PRO F 174 -67.01 70.70 -23.23
CA PRO F 174 -65.75 69.94 -23.17
C PRO F 174 -65.07 70.12 -21.83
N GLU F 175 -64.02 69.33 -21.59
CA GLU F 175 -63.29 69.46 -20.35
C GLU F 175 -62.63 70.83 -20.35
N ALA F 176 -62.27 71.29 -21.53
CA ALA F 176 -61.61 72.58 -21.69
C ALA F 176 -62.45 73.69 -21.04
N ASP F 177 -63.77 73.57 -21.08
CA ASP F 177 -64.60 74.58 -20.45
C ASP F 177 -65.24 74.01 -19.18
N LYS F 178 -64.55 73.06 -18.56
CA LYS F 178 -64.97 72.42 -17.32
C LYS F 178 -66.35 71.75 -17.35
N TYR F 179 -66.70 71.15 -18.48
CA TYR F 179 -67.97 70.46 -18.59
C TYR F 179 -69.12 71.34 -18.13
N ARG F 180 -69.11 72.58 -18.60
CA ARG F 180 -70.14 73.55 -18.26
C ARG F 180 -71.52 73.05 -18.68
N LEU F 181 -72.50 73.27 -17.80
CA LEU F 181 -73.87 72.84 -18.07
C LEU F 181 -74.72 74.00 -18.56
N THR F 182 -75.45 73.78 -19.65
CA THR F 182 -76.34 74.81 -20.17
C THR F 182 -77.61 74.18 -20.73
N TYR F 183 -78.66 74.99 -20.82
CA TYR F 183 -79.94 74.54 -21.38
C TYR F 183 -80.66 75.80 -21.85
N ALA F 184 -81.63 75.62 -22.75
CA ALA F 184 -82.38 76.75 -23.30
C ALA F 184 -83.45 77.25 -22.36
N TYR F 185 -84.22 76.32 -21.82
CA TYR F 185 -85.30 76.69 -20.90
C TYR F 185 -85.82 75.51 -20.10
N PHE F 186 -86.44 75.82 -18.98
CA PHE F 186 -87.03 74.82 -18.13
C PHE F 186 -88.31 74.40 -18.86
N ALA F 187 -88.41 73.11 -19.21
CA ALA F 187 -89.57 72.64 -19.97
C ALA F 187 -90.76 72.17 -19.14
N GLY F 188 -90.71 72.33 -17.83
CA GLY F 188 -91.83 71.92 -17.01
C GLY F 188 -91.61 70.67 -16.20
N GLY F 189 -92.43 70.52 -15.17
CA GLY F 189 -92.36 69.38 -14.28
C GLY F 189 -92.79 69.81 -12.90
N ASP F 190 -93.47 68.92 -12.16
CA ASP F 190 -93.92 69.26 -10.82
C ASP F 190 -92.82 69.29 -9.77
N ALA F 191 -91.59 68.99 -10.16
CA ALA F 191 -90.48 69.02 -9.21
C ALA F 191 -90.06 70.47 -9.05
N GLY F 192 -90.47 71.31 -10.01
CA GLY F 192 -90.11 72.71 -9.95
C GLY F 192 -88.77 72.91 -10.65
N ASP F 193 -88.43 74.15 -10.99
CA ASP F 193 -87.18 74.42 -11.68
C ASP F 193 -86.05 74.85 -10.74
N ALA F 194 -85.44 73.85 -10.11
CA ALA F 194 -84.35 74.10 -9.17
C ALA F 194 -83.09 74.70 -9.84
N PHE F 195 -82.90 74.41 -11.11
CA PHE F 195 -81.75 74.95 -11.81
C PHE F 195 -81.82 76.47 -11.94
N ASP F 196 -82.97 77.05 -11.65
CA ASP F 196 -83.14 78.49 -11.78
C ASP F 196 -82.76 79.24 -10.50
N GLY F 197 -82.32 78.49 -9.50
CA GLY F 197 -81.95 79.12 -8.24
C GLY F 197 -83.12 79.13 -7.30
N PHE F 198 -82.86 79.51 -6.06
CA PHE F 198 -83.92 79.55 -5.07
C PHE F 198 -83.70 80.68 -4.08
N ASP F 199 -84.76 81.46 -3.86
CA ASP F 199 -84.68 82.57 -2.92
C ASP F 199 -84.71 81.98 -1.52
N PHE F 200 -83.53 81.83 -0.91
CA PHE F 200 -83.44 81.27 0.43
C PHE F 200 -83.74 82.29 1.51
N GLY F 201 -83.89 83.55 1.10
CA GLY F 201 -84.25 84.59 2.04
C GLY F 201 -83.23 85.21 2.97
N ASP F 202 -81.94 85.03 2.71
CA ASP F 202 -80.96 85.65 3.59
C ASP F 202 -80.29 86.84 2.92
N ASP F 203 -80.34 86.85 1.60
CA ASP F 203 -79.77 87.95 0.84
C ASP F 203 -80.50 87.99 -0.49
N PRO F 204 -80.77 89.19 -1.00
CA PRO F 204 -81.48 89.28 -2.27
C PRO F 204 -80.79 88.58 -3.44
N SER F 205 -79.52 88.23 -3.26
CA SER F 205 -78.76 87.55 -4.30
C SER F 205 -78.81 86.02 -4.24
N ASP F 206 -79.40 85.48 -3.18
CA ASP F 206 -79.47 84.02 -3.02
C ASP F 206 -79.92 83.26 -4.27
N LYS F 207 -81.00 83.71 -4.89
CA LYS F 207 -81.50 83.04 -6.07
C LYS F 207 -80.45 82.94 -7.17
N PHE F 208 -79.87 84.07 -7.53
CA PHE F 208 -78.85 84.09 -8.57
C PHE F 208 -77.65 83.21 -8.26
N PHE F 209 -77.23 83.18 -7.00
CA PHE F 209 -76.07 82.39 -6.64
C PHE F 209 -76.31 80.90 -6.44
N THR F 210 -77.57 80.47 -6.48
CA THR F 210 -77.87 79.06 -6.35
C THR F 210 -78.51 78.56 -7.64
N SER F 211 -78.29 79.30 -8.73
CA SER F 211 -78.83 78.89 -10.03
C SER F 211 -77.77 78.01 -10.67
N HIS F 212 -78.13 77.19 -11.65
CA HIS F 212 -77.14 76.30 -12.25
C HIS F 212 -76.90 76.40 -13.73
N ASN F 213 -77.76 77.12 -14.44
CA ASN F 213 -77.57 77.25 -15.88
C ASN F 213 -76.29 78.04 -16.14
N GLY F 214 -75.40 77.46 -16.93
CA GLY F 214 -74.14 78.11 -17.24
C GLY F 214 -73.02 77.85 -16.25
N MET F 215 -73.28 77.08 -15.19
CA MET F 215 -72.23 76.79 -14.21
C MET F 215 -71.27 75.73 -14.71
N GLN F 216 -70.01 75.84 -14.34
CA GLN F 216 -69.04 74.84 -14.73
C GLN F 216 -69.15 73.72 -13.68
N PHE F 217 -68.47 72.60 -13.93
CA PHE F 217 -68.51 71.50 -12.99
C PHE F 217 -67.40 71.67 -11.95
N SER F 218 -67.65 71.21 -10.73
CA SER F 218 -66.65 71.30 -9.67
C SER F 218 -66.57 70.05 -8.81
N THR F 219 -65.34 69.70 -8.43
CA THR F 219 -65.04 68.60 -7.55
C THR F 219 -64.11 69.24 -6.52
N TRP F 220 -63.92 68.60 -5.38
CA TRP F 220 -63.08 69.19 -4.35
C TRP F 220 -61.68 69.59 -4.83
N ASP F 221 -61.14 68.85 -5.79
CA ASP F 221 -59.78 69.12 -6.31
C ASP F 221 -59.77 69.93 -7.61
N ASN F 222 -60.93 70.45 -8.00
CA ASN F 222 -61.03 71.24 -9.23
C ASN F 222 -62.22 72.19 -8.98
N ASP F 223 -61.92 73.28 -8.29
CA ASP F 223 -62.90 74.29 -7.92
C ASP F 223 -63.17 75.26 -9.06
N ASN F 224 -64.38 75.25 -9.61
CA ASN F 224 -64.73 76.18 -10.68
C ASN F 224 -66.06 76.89 -10.39
N ASP F 225 -66.40 77.02 -9.10
CA ASP F 225 -67.64 77.65 -8.72
C ASP F 225 -67.53 79.17 -8.62
N LYS F 226 -68.58 79.81 -8.12
CA LYS F 226 -68.62 81.27 -7.99
C LYS F 226 -68.43 81.67 -6.54
N PHE F 227 -67.90 80.74 -5.76
CA PHE F 227 -67.69 80.93 -4.34
C PHE F 227 -66.20 81.10 -4.03
N GLU F 228 -65.88 82.03 -3.13
CA GLU F 228 -64.50 82.26 -2.74
C GLU F 228 -63.99 80.98 -2.10
N GLY F 229 -64.90 80.24 -1.49
CA GLY F 229 -64.54 78.98 -0.86
C GLY F 229 -64.70 77.87 -1.89
N ASN F 230 -64.70 76.63 -1.43
CA ASN F 230 -64.82 75.46 -2.30
C ASN F 230 -66.14 74.73 -2.03
N CYS F 231 -67.14 74.94 -2.88
CA CYS F 231 -68.45 74.31 -2.73
C CYS F 231 -68.39 72.80 -2.71
N ALA F 232 -67.82 72.22 -3.77
CA ALA F 232 -67.71 70.77 -3.90
C ALA F 232 -67.06 70.17 -2.66
N GLU F 233 -65.94 70.73 -2.25
CA GLU F 233 -65.22 70.22 -1.09
C GLU F 233 -66.11 70.31 0.13
N GLN F 234 -66.68 71.49 0.38
CA GLN F 234 -67.55 71.69 1.54
C GLN F 234 -68.83 70.85 1.59
N ASP F 235 -69.47 70.61 0.43
CA ASP F 235 -70.70 69.83 0.40
C ASP F 235 -70.43 68.34 0.13
N GLY F 236 -69.17 68.00 -0.14
CA GLY F 236 -68.77 66.62 -0.37
C GLY F 236 -69.26 65.92 -1.62
N SER F 237 -69.23 66.61 -2.76
CA SER F 237 -69.71 66.01 -4.00
C SER F 237 -69.06 66.59 -5.23
N GLY F 238 -69.56 66.16 -6.38
CA GLY F 238 -69.08 66.67 -7.65
C GLY F 238 -70.34 67.22 -8.26
N TRP F 239 -70.38 68.52 -8.53
CA TRP F 239 -71.59 69.15 -9.08
C TRP F 239 -71.32 70.49 -9.76
N TRP F 240 -72.31 70.97 -10.52
CA TRP F 240 -72.20 72.24 -11.21
C TRP F 240 -72.52 73.32 -10.18
N MET F 241 -71.56 73.59 -9.32
CA MET F 241 -71.72 74.56 -8.24
C MET F 241 -71.67 76.02 -8.65
N ASN F 242 -72.43 76.84 -7.92
CA ASN F 242 -72.47 78.28 -8.13
C ASN F 242 -71.97 78.81 -6.78
N LYS F 243 -72.89 79.13 -5.88
CA LYS F 243 -72.51 79.58 -4.55
C LYS F 243 -73.65 79.41 -3.56
N CYS F 244 -74.07 78.16 -3.35
CA CYS F 244 -73.46 77.00 -3.99
C CYS F 244 -74.45 76.23 -4.87
N HIS F 245 -75.66 75.99 -4.38
CA HIS F 245 -76.61 75.22 -5.18
C HIS F 245 -78.04 75.21 -4.63
N ALA F 246 -79.00 74.95 -5.52
CA ALA F 246 -80.40 74.87 -5.16
C ALA F 246 -80.85 73.43 -5.48
N GLY F 247 -80.13 72.82 -6.42
CA GLY F 247 -80.38 71.44 -6.81
C GLY F 247 -79.05 70.75 -6.60
N HIS F 248 -79.04 69.62 -5.89
CA HIS F 248 -77.79 68.92 -5.57
C HIS F 248 -77.95 67.40 -5.63
N LEU F 249 -78.27 66.87 -6.81
CA LEU F 249 -78.50 65.43 -6.95
C LEU F 249 -77.33 64.51 -6.60
N ASN F 250 -76.11 65.04 -6.62
CA ASN F 250 -74.94 64.21 -6.28
C ASN F 250 -74.53 64.41 -4.83
N GLY F 251 -75.45 64.88 -3.99
CA GLY F 251 -75.12 65.10 -2.60
C GLY F 251 -75.05 63.85 -1.75
N VAL F 252 -74.91 64.03 -0.45
CA VAL F 252 -74.81 62.93 0.50
C VAL F 252 -76.16 62.24 0.68
N TYR F 253 -76.15 60.91 0.59
CA TYR F 253 -77.38 60.15 0.74
C TYR F 253 -77.82 60.02 2.21
N TYR F 254 -78.73 60.88 2.64
CA TYR F 254 -79.22 60.83 4.03
C TYR F 254 -80.43 59.89 4.15
N GLN F 255 -80.35 58.97 5.10
CA GLN F 255 -81.41 57.99 5.32
C GLN F 255 -82.68 58.60 5.89
N GLY F 256 -83.80 58.36 5.24
CA GLY F 256 -85.06 58.88 5.75
C GLY F 256 -85.48 60.26 5.28
N GLY F 257 -84.60 60.92 4.53
CA GLY F 257 -84.92 62.25 4.02
C GLY F 257 -84.54 63.43 4.87
N THR F 258 -85.26 63.64 5.96
CA THR F 258 -84.96 64.78 6.82
C THR F 258 -83.60 64.67 7.52
N TYR F 259 -82.93 65.81 7.66
CA TYR F 259 -81.64 65.87 8.34
C TYR F 259 -81.43 67.31 8.76
N SER F 260 -80.67 67.51 9.82
CA SER F 260 -80.43 68.85 10.34
C SER F 260 -79.03 69.32 9.98
N LYS F 261 -78.70 70.57 10.32
CA LYS F 261 -77.38 71.09 10.00
C LYS F 261 -76.29 70.42 10.84
N ALA F 262 -76.67 69.94 12.02
CA ALA F 262 -75.72 69.25 12.88
C ALA F 262 -75.29 67.94 12.19
N SER F 263 -76.19 67.39 11.40
CA SER F 263 -75.91 66.15 10.68
C SER F 263 -74.85 66.39 9.61
N THR F 264 -74.79 67.61 9.07
CA THR F 264 -73.80 67.90 8.03
C THR F 264 -72.40 68.10 8.59
N PRO F 265 -71.38 67.78 7.78
CA PRO F 265 -69.99 67.93 8.21
C PRO F 265 -69.52 69.37 8.33
N ASN F 266 -70.11 70.28 7.56
CA ASN F 266 -69.67 71.67 7.64
C ASN F 266 -70.74 72.74 7.91
N GLY F 267 -71.94 72.31 8.28
CA GLY F 267 -72.99 73.26 8.58
C GLY F 267 -73.87 73.69 7.42
N TYR F 268 -73.49 73.33 6.20
CA TYR F 268 -74.28 73.70 5.03
C TYR F 268 -75.06 72.50 4.50
N ASP F 269 -76.26 72.76 3.97
CA ASP F 269 -77.07 71.68 3.42
C ASP F 269 -76.23 71.05 2.31
N ASN F 270 -76.10 69.73 2.36
CA ASN F 270 -75.29 69.01 1.38
C ASN F 270 -75.92 67.69 0.97
N GLY F 271 -77.21 67.52 1.28
CA GLY F 271 -77.89 66.30 0.91
C GLY F 271 -78.33 66.33 -0.54
N ILE F 272 -79.07 65.30 -0.94
CA ILE F 272 -79.62 65.17 -2.30
C ILE F 272 -80.86 66.05 -2.33
N ILE F 273 -80.67 67.34 -2.59
CA ILE F 273 -81.79 68.28 -2.60
C ILE F 273 -82.25 68.83 -3.95
N TRP F 274 -83.44 69.42 -3.92
CA TRP F 274 -84.09 70.03 -5.08
C TRP F 274 -85.07 71.03 -4.46
N ALA F 275 -84.50 72.14 -3.98
CA ALA F 275 -85.23 73.21 -3.30
C ALA F 275 -86.63 73.59 -3.76
N THR F 276 -86.95 73.43 -5.04
CA THR F 276 -88.29 73.78 -5.51
C THR F 276 -89.34 72.72 -5.20
N TRP F 277 -88.89 71.56 -4.70
CA TRP F 277 -89.81 70.48 -4.36
C TRP F 277 -89.81 70.17 -2.86
N LYS F 278 -88.65 70.31 -2.22
CA LYS F 278 -88.54 70.05 -0.79
C LYS F 278 -87.55 71.02 -0.19
N THR F 279 -87.59 71.16 1.14
CA THR F 279 -86.67 72.04 1.83
C THR F 279 -85.26 71.48 1.68
N ARG F 280 -84.27 72.36 1.77
CA ARG F 280 -82.88 71.94 1.63
C ARG F 280 -82.47 71.01 2.77
N TRP F 281 -83.36 70.79 3.73
CA TRP F 281 -83.06 69.89 4.84
C TRP F 281 -83.81 68.59 4.62
N TYR F 282 -84.00 68.26 3.34
CA TYR F 282 -84.66 67.03 2.97
C TYR F 282 -83.90 66.44 1.79
N SER F 283 -83.46 65.20 1.95
CA SER F 283 -82.68 64.50 0.94
C SER F 283 -83.49 63.39 0.27
N MET F 284 -83.55 63.43 -1.07
CA MET F 284 -84.30 62.46 -1.85
C MET F 284 -83.91 61.02 -1.58
N LYS F 285 -84.88 60.12 -1.73
CA LYS F 285 -84.64 58.70 -1.53
C LYS F 285 -84.09 58.14 -2.83
N LYS F 286 -84.61 58.62 -3.95
CA LYS F 286 -84.16 58.18 -5.27
C LYS F 286 -83.98 59.36 -6.21
N THR F 287 -83.08 59.17 -7.18
CA THR F 287 -82.75 60.20 -8.14
C THR F 287 -82.44 59.61 -9.50
N THR F 288 -82.80 60.33 -10.57
CA THR F 288 -82.52 59.86 -11.93
C THR F 288 -82.33 61.04 -12.88
N MET F 289 -81.20 61.03 -13.58
CA MET F 289 -80.88 62.07 -14.55
C MET F 289 -80.69 61.30 -15.84
N LYS F 290 -81.54 61.58 -16.81
CA LYS F 290 -81.48 60.90 -18.09
C LYS F 290 -81.72 61.90 -19.21
N ILE F 291 -81.13 61.62 -20.37
CA ILE F 291 -81.24 62.50 -21.50
C ILE F 291 -81.75 61.76 -22.73
N ILE F 292 -82.38 62.50 -23.62
CA ILE F 292 -82.96 61.95 -24.83
C ILE F 292 -83.06 63.07 -25.85
N PRO F 293 -83.03 62.76 -27.15
CA PRO F 293 -83.12 63.84 -28.14
C PRO F 293 -84.39 64.67 -27.91
N PHE F 294 -84.23 65.99 -27.92
CA PHE F 294 -85.35 66.91 -27.69
C PHE F 294 -86.63 66.63 -28.48
N ASN F 295 -86.49 66.33 -29.77
CA ASN F 295 -87.66 66.08 -30.60
C ASN F 295 -88.51 64.92 -30.09
N ARG F 296 -87.98 64.19 -29.13
CA ARG F 296 -88.70 63.04 -28.61
C ARG F 296 -89.72 63.41 -27.53
N LEU F 297 -89.66 64.64 -27.04
CA LEU F 297 -90.59 65.11 -26.02
C LEU F 297 -91.88 65.63 -26.63
N THR F 298 -91.77 66.12 -27.86
CA THR F 298 -92.91 66.69 -28.57
C THR F 298 -93.57 65.69 -29.55
N GLY G 1 66.64 -0.02 9.23
CA GLY G 1 67.05 1.40 9.21
C GLY G 1 66.87 2.02 7.85
N HIS G 2 67.12 3.33 7.77
CA HIS G 2 67.00 4.08 6.54
C HIS G 2 68.31 4.07 5.76
N ARG G 3 68.22 4.05 4.45
CA ARG G 3 69.39 4.04 3.61
C ARG G 3 69.36 5.36 2.83
N PRO G 4 70.15 6.35 3.26
CA PRO G 4 70.19 7.66 2.59
C PRO G 4 70.35 7.58 1.07
N GLY H 1 -77.12 74.52 -1.04
CA GLY H 1 -77.77 75.76 -0.57
C GLY H 1 -76.92 76.96 -0.89
N HIS H 2 -77.30 78.11 -0.35
CA HIS H 2 -76.57 79.36 -0.57
C HIS H 2 -75.44 79.47 0.43
N ARG H 3 -74.66 80.52 0.33
CA ARG H 3 -73.55 80.70 1.25
C ARG H 3 -73.52 82.15 1.71
N PRO H 4 -74.34 82.48 2.70
CA PRO H 4 -74.40 83.84 3.23
C PRO H 4 -73.04 84.26 3.77
#